data_2ED0
#
_entry.id   2ED0
#
_entity_poly.entity_id   1
_entity_poly.type   'polypeptide(L)'
_entity_poly.pdbx_seq_one_letter_code
;GSSGSSGDPPWAPRSYLEKVVAIYDYTKDKEDELSFQEGAIIYVIKKNDDGWYEGVMNGVTGLFPGNYVESISGPSSG
;
_entity_poly.pdbx_strand_id   A
#
# COMPACT_ATOMS: atom_id res chain seq x y z
N GLY A 1 2.59 17.29 -2.89
CA GLY A 1 3.89 17.58 -2.35
C GLY A 1 3.83 18.11 -0.93
N SER A 2 3.81 17.21 0.04
CA SER A 2 3.75 17.59 1.44
C SER A 2 4.99 18.38 1.85
N SER A 3 5.00 18.85 3.10
CA SER A 3 6.13 19.62 3.61
C SER A 3 6.87 18.84 4.68
N GLY A 4 8.13 18.50 4.39
CA GLY A 4 8.94 17.75 5.34
C GLY A 4 9.99 16.91 4.66
N SER A 5 10.15 15.67 5.12
CA SER A 5 11.15 14.77 4.56
C SER A 5 10.59 14.05 3.32
N SER A 6 11.29 14.17 2.20
CA SER A 6 10.87 13.54 0.97
C SER A 6 11.81 12.39 0.59
N GLY A 7 11.58 11.23 1.19
CA GLY A 7 12.41 10.08 0.91
C GLY A 7 11.61 8.89 0.40
N ASP A 8 11.48 8.80 -0.92
CA ASP A 8 10.74 7.71 -1.53
C ASP A 8 11.54 7.07 -2.67
N PRO A 9 11.40 5.74 -2.81
CA PRO A 9 12.10 4.99 -3.85
C PRO A 9 11.58 5.30 -5.25
N PRO A 10 12.35 4.91 -6.27
CA PRO A 10 11.99 5.14 -7.68
C PRO A 10 10.81 4.27 -8.11
N TRP A 11 10.71 3.08 -7.52
CA TRP A 11 9.63 2.16 -7.85
C TRP A 11 8.32 2.60 -7.20
N ALA A 12 8.41 3.55 -6.28
CA ALA A 12 7.23 4.07 -5.59
C ALA A 12 6.61 5.23 -6.35
N PRO A 13 5.27 5.30 -6.33
CA PRO A 13 4.51 6.36 -7.01
C PRO A 13 4.71 7.73 -6.36
N ARG A 14 5.00 8.73 -7.17
CA ARG A 14 5.21 10.09 -6.68
C ARG A 14 3.98 10.57 -5.89
N SER A 15 2.80 10.24 -6.38
CA SER A 15 1.56 10.65 -5.73
C SER A 15 0.73 9.43 -5.35
N TYR A 16 -0.03 9.55 -4.26
CA TYR A 16 -0.87 8.46 -3.79
C TYR A 16 -1.88 8.96 -2.77
N LEU A 17 -2.88 8.14 -2.47
CA LEU A 17 -3.92 8.49 -1.51
C LEU A 17 -3.35 8.52 -0.09
N GLU A 18 -2.88 7.37 0.37
CA GLU A 18 -2.31 7.25 1.70
C GLU A 18 -1.25 6.17 1.76
N LYS A 19 -0.69 5.94 2.95
CA LYS A 19 0.34 4.93 3.14
C LYS A 19 -0.13 3.85 4.11
N VAL A 20 0.28 2.61 3.86
CA VAL A 20 -0.08 1.50 4.73
C VAL A 20 1.07 0.52 4.88
N VAL A 21 1.08 -0.20 5.99
CA VAL A 21 2.13 -1.18 6.26
C VAL A 21 1.54 -2.53 6.64
N ALA A 22 1.79 -3.53 5.79
CA ALA A 22 1.28 -4.87 6.02
C ALA A 22 1.64 -5.35 7.42
N ILE A 23 0.69 -6.02 8.08
CA ILE A 23 0.92 -6.53 9.44
C ILE A 23 0.90 -8.05 9.45
N TYR A 24 0.21 -8.64 8.47
CA TYR A 24 0.11 -10.09 8.37
C TYR A 24 0.56 -10.57 6.99
N ASP A 25 0.91 -11.85 6.91
CA ASP A 25 1.35 -12.43 5.64
C ASP A 25 0.16 -12.70 4.73
N TYR A 26 0.23 -12.20 3.51
CA TYR A 26 -0.84 -12.38 2.53
C TYR A 26 -0.28 -12.86 1.19
N THR A 27 -0.58 -14.11 0.86
CA THR A 27 -0.11 -14.69 -0.40
C THR A 27 -1.15 -14.54 -1.49
N LYS A 28 -0.85 -13.71 -2.47
CA LYS A 28 -1.77 -13.47 -3.58
C LYS A 28 -2.07 -14.77 -4.33
N ASP A 29 -3.20 -14.81 -5.03
CA ASP A 29 -3.59 -15.98 -5.78
C ASP A 29 -3.29 -15.81 -7.26
N LYS A 30 -3.65 -14.64 -7.81
CA LYS A 30 -3.42 -14.34 -9.21
C LYS A 30 -2.70 -13.01 -9.38
N GLU A 31 -2.00 -12.85 -10.50
CA GLU A 31 -1.28 -11.62 -10.78
C GLU A 31 -2.11 -10.40 -10.43
N ASP A 32 -3.43 -10.52 -10.60
CA ASP A 32 -4.34 -9.43 -10.29
C ASP A 32 -4.14 -8.93 -8.87
N GLU A 33 -3.97 -9.86 -7.94
CA GLU A 33 -3.78 -9.51 -6.53
C GLU A 33 -2.33 -9.13 -6.27
N LEU A 34 -2.03 -8.76 -5.03
CA LEU A 34 -0.68 -8.37 -4.64
C LEU A 34 -0.18 -9.23 -3.48
N SER A 35 1.10 -9.59 -3.54
CA SER A 35 1.71 -10.41 -2.50
C SER A 35 2.71 -9.60 -1.68
N PHE A 36 2.56 -9.63 -0.36
CA PHE A 36 3.45 -8.90 0.53
C PHE A 36 3.59 -9.61 1.87
N GLN A 37 4.55 -9.18 2.67
CA GLN A 37 4.78 -9.77 3.98
C GLN A 37 4.65 -8.73 5.09
N GLU A 38 4.40 -9.20 6.30
CA GLU A 38 4.25 -8.30 7.44
C GLU A 38 5.45 -7.35 7.54
N GLY A 39 5.28 -6.14 7.01
CA GLY A 39 6.34 -5.16 7.05
C GLY A 39 6.61 -4.54 5.69
N ALA A 40 5.57 -4.38 4.89
CA ALA A 40 5.69 -3.81 3.56
C ALA A 40 4.85 -2.54 3.43
N ILE A 41 5.49 -1.44 3.05
CA ILE A 41 4.80 -0.17 2.88
C ILE A 41 4.12 -0.10 1.52
N ILE A 42 2.81 -0.32 1.51
CA ILE A 42 2.04 -0.26 0.27
C ILE A 42 1.39 1.10 0.08
N TYR A 43 1.71 1.75 -1.04
CA TYR A 43 1.16 3.06 -1.35
C TYR A 43 -0.22 2.95 -1.99
N VAL A 44 -1.26 3.09 -1.17
CA VAL A 44 -2.62 3.00 -1.66
C VAL A 44 -2.93 4.13 -2.64
N ILE A 45 -3.54 3.78 -3.76
CA ILE A 45 -3.89 4.76 -4.78
C ILE A 45 -5.37 4.66 -5.16
N LYS A 46 -5.92 3.45 -5.04
CA LYS A 46 -7.33 3.23 -5.36
C LYS A 46 -8.00 2.38 -4.28
N LYS A 47 -9.30 2.61 -4.08
CA LYS A 47 -10.06 1.86 -3.08
C LYS A 47 -11.40 1.43 -3.64
N ASN A 48 -11.52 0.14 -3.95
CA ASN A 48 -12.77 -0.40 -4.50
C ASN A 48 -13.88 -0.35 -3.47
N ASP A 49 -15.10 -0.63 -3.90
CA ASP A 49 -16.26 -0.62 -3.01
C ASP A 49 -15.99 -1.44 -1.76
N ASP A 50 -15.60 -2.70 -1.96
CA ASP A 50 -15.31 -3.60 -0.84
C ASP A 50 -13.88 -3.41 -0.35
N GLY A 51 -13.54 -4.09 0.73
CA GLY A 51 -12.19 -3.99 1.28
C GLY A 51 -11.13 -4.42 0.30
N TRP A 52 -10.83 -3.57 -0.67
CA TRP A 52 -9.83 -3.88 -1.68
C TRP A 52 -9.26 -2.60 -2.29
N TYR A 53 -8.01 -2.30 -1.97
CA TYR A 53 -7.36 -1.10 -2.48
C TYR A 53 -6.21 -1.47 -3.41
N GLU A 54 -5.95 -0.62 -4.39
CA GLU A 54 -4.87 -0.85 -5.35
C GLU A 54 -3.63 -0.03 -4.98
N GLY A 55 -2.49 -0.71 -4.90
CA GLY A 55 -1.24 -0.03 -4.57
C GLY A 55 -0.04 -0.66 -5.22
N VAL A 56 1.10 0.03 -5.18
CA VAL A 56 2.32 -0.47 -5.78
C VAL A 56 3.29 -0.97 -4.71
N MET A 57 3.86 -2.15 -4.95
CA MET A 57 4.80 -2.75 -4.00
C MET A 57 5.98 -3.36 -4.74
N ASN A 58 7.18 -2.94 -4.36
CA ASN A 58 8.40 -3.44 -4.99
C ASN A 58 8.30 -3.37 -6.51
N GLY A 59 7.57 -2.37 -7.00
CA GLY A 59 7.41 -2.20 -8.44
C GLY A 59 6.22 -2.96 -8.98
N VAL A 60 5.84 -4.03 -8.31
CA VAL A 60 4.70 -4.85 -8.73
C VAL A 60 3.40 -4.33 -8.12
N THR A 61 2.41 -4.12 -8.98
CA THR A 61 1.11 -3.63 -8.52
C THR A 61 0.09 -4.76 -8.44
N GLY A 62 -0.88 -4.61 -7.54
CA GLY A 62 -1.90 -5.62 -7.38
C GLY A 62 -2.91 -5.26 -6.31
N LEU A 63 -4.12 -5.78 -6.44
CA LEU A 63 -5.19 -5.51 -5.48
C LEU A 63 -5.03 -6.38 -4.24
N PHE A 64 -5.15 -5.78 -3.07
CA PHE A 64 -5.03 -6.50 -1.81
C PHE A 64 -6.17 -6.13 -0.86
N PRO A 65 -6.55 -7.08 0.01
CA PRO A 65 -7.62 -6.90 0.99
C PRO A 65 -7.23 -5.91 2.08
N GLY A 66 -8.12 -4.95 2.35
CA GLY A 66 -7.85 -3.96 3.38
C GLY A 66 -8.08 -4.50 4.78
N ASN A 67 -7.48 -5.65 5.07
CA ASN A 67 -7.62 -6.27 6.39
C ASN A 67 -6.27 -6.65 6.95
N TYR A 68 -5.38 -7.12 6.09
CA TYR A 68 -4.04 -7.53 6.52
C TYR A 68 -3.11 -6.32 6.57
N VAL A 69 -3.68 -5.12 6.46
CA VAL A 69 -2.91 -3.90 6.51
C VAL A 69 -3.40 -2.97 7.63
N GLU A 70 -2.56 -2.02 8.02
CA GLU A 70 -2.91 -1.08 9.07
C GLU A 70 -2.49 0.34 8.69
N SER A 71 -3.44 1.27 8.75
CA SER A 71 -3.18 2.66 8.41
C SER A 71 -2.28 3.31 9.46
N ILE A 72 -1.18 3.93 9.01
CA ILE A 72 -0.25 4.58 9.90
C ILE A 72 -0.19 6.09 9.63
N SER A 73 -0.79 6.50 8.52
CA SER A 73 -0.80 7.91 8.14
C SER A 73 -2.20 8.33 7.70
N GLY A 74 -2.79 9.26 8.45
CA GLY A 74 -4.12 9.74 8.12
C GLY A 74 -4.77 10.48 9.28
N PRO A 75 -6.09 10.73 9.16
CA PRO A 75 -6.85 11.43 10.19
C PRO A 75 -7.04 10.58 11.44
N SER A 76 -6.66 9.31 11.36
CA SER A 76 -6.78 8.39 12.49
C SER A 76 -5.54 8.44 13.37
N SER A 77 -5.74 8.77 14.64
CA SER A 77 -4.64 8.85 15.59
C SER A 77 -4.14 7.45 15.97
N GLY A 78 -2.98 7.08 15.45
CA GLY A 78 -2.42 5.77 15.75
C GLY A 78 -0.97 5.66 15.32
N GLY A 1 16.31 22.99 11.32
CA GLY A 1 16.46 22.36 10.02
C GLY A 1 15.13 21.98 9.41
N SER A 2 15.17 21.19 8.34
CA SER A 2 13.95 20.77 7.65
C SER A 2 13.64 19.30 7.96
N SER A 3 12.37 18.94 7.86
CA SER A 3 11.94 17.57 8.12
C SER A 3 11.85 16.77 6.83
N GLY A 4 12.41 15.56 6.85
CA GLY A 4 12.38 14.71 5.68
C GLY A 4 13.44 15.09 4.66
N SER A 5 14.36 14.17 4.40
CA SER A 5 15.44 14.42 3.44
C SER A 5 15.35 13.44 2.27
N SER A 6 15.17 12.16 2.58
CA SER A 6 15.07 11.13 1.56
C SER A 6 13.63 10.92 1.12
N GLY A 7 13.29 11.45 -0.06
CA GLY A 7 11.95 11.32 -0.57
C GLY A 7 11.67 9.93 -1.13
N ASP A 8 10.40 9.58 -1.23
CA ASP A 8 10.01 8.28 -1.76
C ASP A 8 10.73 7.98 -3.06
N PRO A 9 10.90 6.68 -3.37
CA PRO A 9 11.58 6.23 -4.59
C PRO A 9 10.76 6.52 -5.84
N PRO A 10 11.40 6.35 -7.02
CA PRO A 10 10.75 6.59 -8.31
C PRO A 10 9.68 5.55 -8.62
N TRP A 11 9.98 4.29 -8.32
CA TRP A 11 9.03 3.20 -8.57
C TRP A 11 7.72 3.46 -7.85
N ALA A 12 7.74 4.34 -6.87
CA ALA A 12 6.54 4.67 -6.10
C ALA A 12 5.68 5.68 -6.85
N PRO A 13 4.35 5.58 -6.67
CA PRO A 13 3.39 6.49 -7.31
C PRO A 13 3.46 7.90 -6.75
N ARG A 14 3.50 8.89 -7.65
CA ARG A 14 3.57 10.29 -7.23
C ARG A 14 2.24 10.75 -6.65
N SER A 15 1.15 10.21 -7.18
CA SER A 15 -0.19 10.57 -6.72
C SER A 15 -0.86 9.39 -6.02
N TYR A 16 -1.17 9.57 -4.75
CA TYR A 16 -1.81 8.50 -3.97
C TYR A 16 -2.48 9.08 -2.72
N LEU A 17 -3.63 8.53 -2.37
CA LEU A 17 -4.37 8.99 -1.19
C LEU A 17 -3.51 8.89 0.06
N GLU A 18 -3.08 7.67 0.38
CA GLU A 18 -2.25 7.44 1.55
C GLU A 18 -1.52 6.11 1.45
N LYS A 19 -0.76 5.77 2.49
CA LYS A 19 -0.01 4.51 2.51
C LYS A 19 -0.53 3.60 3.62
N VAL A 20 -0.08 2.34 3.59
CA VAL A 20 -0.50 1.37 4.59
C VAL A 20 0.61 0.36 4.88
N VAL A 21 0.55 -0.24 6.05
CA VAL A 21 1.56 -1.22 6.47
C VAL A 21 0.96 -2.62 6.56
N ALA A 22 1.72 -3.62 6.17
CA ALA A 22 1.27 -5.00 6.21
C ALA A 22 1.49 -5.61 7.60
N ILE A 23 0.41 -5.78 8.35
CA ILE A 23 0.49 -6.34 9.69
C ILE A 23 0.58 -7.86 9.64
N TYR A 24 0.25 -8.43 8.49
CA TYR A 24 0.30 -9.88 8.32
C TYR A 24 0.88 -10.24 6.95
N ASP A 25 1.37 -11.48 6.83
CA ASP A 25 1.96 -11.95 5.58
C ASP A 25 0.87 -12.46 4.64
N TYR A 26 0.45 -11.63 3.70
CA TYR A 26 -0.58 -12.00 2.74
C TYR A 26 0.04 -12.59 1.47
N THR A 27 -0.52 -13.71 1.02
CA THR A 27 -0.03 -14.39 -0.17
C THR A 27 -1.05 -14.31 -1.31
N LYS A 28 -0.63 -13.71 -2.42
CA LYS A 28 -1.50 -13.56 -3.58
C LYS A 28 -1.80 -14.92 -4.21
N ASP A 29 -3.06 -15.15 -4.55
CA ASP A 29 -3.47 -16.40 -5.16
C ASP A 29 -3.69 -16.23 -6.67
N LYS A 30 -4.16 -15.04 -7.05
CA LYS A 30 -4.41 -14.75 -8.46
C LYS A 30 -3.46 -13.67 -8.97
N GLU A 31 -3.29 -13.60 -10.28
CA GLU A 31 -2.41 -12.61 -10.89
C GLU A 31 -2.91 -11.20 -10.62
N ASP A 32 -4.20 -11.08 -10.32
CA ASP A 32 -4.80 -9.78 -10.02
C ASP A 32 -4.73 -9.47 -8.53
N GLU A 33 -3.62 -9.84 -7.90
CA GLU A 33 -3.44 -9.60 -6.48
C GLU A 33 -2.01 -9.17 -6.18
N LEU A 34 -1.75 -8.82 -4.92
CA LEU A 34 -0.41 -8.39 -4.51
C LEU A 34 0.09 -9.23 -3.34
N SER A 35 1.35 -9.64 -3.42
CA SER A 35 1.96 -10.45 -2.38
C SER A 35 2.90 -9.62 -1.51
N PHE A 36 2.84 -9.84 -0.21
CA PHE A 36 3.68 -9.11 0.73
C PHE A 36 3.76 -9.83 2.08
N GLN A 37 4.79 -9.52 2.86
CA GLN A 37 4.98 -10.13 4.16
C GLN A 37 4.71 -9.14 5.28
N GLU A 38 4.72 -9.61 6.52
CA GLU A 38 4.48 -8.77 7.68
C GLU A 38 5.60 -7.74 7.84
N GLY A 39 5.28 -6.47 7.60
CA GLY A 39 6.26 -5.42 7.73
C GLY A 39 6.65 -4.82 6.39
N ALA A 40 5.67 -4.65 5.51
CA ALA A 40 5.90 -4.09 4.19
C ALA A 40 5.13 -2.79 4.00
N ILE A 41 5.69 -1.89 3.19
CA ILE A 41 5.05 -0.61 2.93
C ILE A 41 4.38 -0.61 1.55
N ILE A 42 3.08 -0.32 1.55
CA ILE A 42 2.32 -0.28 0.30
C ILE A 42 1.57 1.05 0.15
N TYR A 43 1.79 1.72 -0.97
CA TYR A 43 1.14 2.99 -1.22
C TYR A 43 -0.25 2.79 -1.83
N VAL A 44 -1.26 3.29 -1.13
CA VAL A 44 -2.64 3.15 -1.59
C VAL A 44 -2.99 4.24 -2.61
N ILE A 45 -3.25 3.81 -3.85
CA ILE A 45 -3.60 4.74 -4.91
C ILE A 45 -5.06 4.60 -5.31
N LYS A 46 -5.69 3.51 -4.88
CA LYS A 46 -7.09 3.25 -5.19
C LYS A 46 -7.78 2.53 -4.05
N LYS A 47 -9.04 2.85 -3.82
CA LYS A 47 -9.82 2.23 -2.75
C LYS A 47 -11.22 1.87 -3.24
N ASN A 48 -11.48 0.57 -3.35
CA ASN A 48 -12.78 0.09 -3.82
C ASN A 48 -13.78 0.05 -2.66
N ASP A 49 -15.06 0.01 -3.00
CA ASP A 49 -16.12 -0.04 -2.00
C ASP A 49 -15.91 -1.20 -1.04
N ASP A 50 -15.44 -2.33 -1.57
CA ASP A 50 -15.19 -3.52 -0.76
C ASP A 50 -13.82 -3.45 -0.10
N GLY A 51 -13.53 -4.45 0.73
CA GLY A 51 -12.26 -4.49 1.42
C GLY A 51 -11.10 -4.83 0.49
N TRP A 52 -10.80 -3.92 -0.44
CA TRP A 52 -9.71 -4.13 -1.38
C TRP A 52 -9.23 -2.81 -1.96
N TYR A 53 -7.95 -2.53 -1.78
CA TYR A 53 -7.36 -1.29 -2.27
C TYR A 53 -6.25 -1.58 -3.28
N GLU A 54 -5.99 -0.62 -4.17
CA GLU A 54 -4.96 -0.78 -5.18
C GLU A 54 -3.72 0.04 -4.82
N GLY A 55 -2.57 -0.64 -4.74
CA GLY A 55 -1.34 0.03 -4.40
C GLY A 55 -0.15 -0.53 -5.15
N VAL A 56 0.98 0.18 -5.10
CA VAL A 56 2.19 -0.25 -5.78
C VAL A 56 3.26 -0.66 -4.78
N MET A 57 3.89 -1.81 -5.02
CA MET A 57 4.93 -2.31 -4.14
C MET A 57 6.08 -2.92 -4.95
N ASN A 58 7.26 -2.30 -4.84
CA ASN A 58 8.43 -2.78 -5.56
C ASN A 58 8.16 -2.85 -7.05
N GLY A 59 7.43 -1.86 -7.57
CA GLY A 59 7.11 -1.83 -8.98
C GLY A 59 5.92 -2.70 -9.33
N VAL A 60 5.81 -3.84 -8.66
CA VAL A 60 4.71 -4.76 -8.90
C VAL A 60 3.42 -4.25 -8.26
N THR A 61 2.38 -4.11 -9.07
CA THR A 61 1.09 -3.64 -8.59
C THR A 61 0.07 -4.78 -8.55
N GLY A 62 -0.83 -4.72 -7.57
CA GLY A 62 -1.85 -5.75 -7.44
C GLY A 62 -2.93 -5.38 -6.45
N LEU A 63 -4.01 -6.14 -6.44
CA LEU A 63 -5.13 -5.89 -5.52
C LEU A 63 -4.91 -6.59 -4.19
N PHE A 64 -5.00 -5.82 -3.10
CA PHE A 64 -4.82 -6.38 -1.76
C PHE A 64 -5.88 -5.83 -0.80
N PRO A 65 -6.32 -6.69 0.14
CA PRO A 65 -7.34 -6.32 1.13
C PRO A 65 -6.80 -5.31 2.14
N GLY A 66 -7.67 -4.39 2.56
CA GLY A 66 -7.27 -3.37 3.53
C GLY A 66 -7.38 -3.87 4.95
N ASN A 67 -7.67 -5.16 5.11
CA ASN A 67 -7.81 -5.76 6.44
C ASN A 67 -6.47 -6.30 6.94
N TYR A 68 -5.67 -6.82 6.01
CA TYR A 68 -4.37 -7.38 6.36
C TYR A 68 -3.33 -6.26 6.51
N VAL A 69 -3.78 -5.02 6.38
CA VAL A 69 -2.90 -3.87 6.52
C VAL A 69 -3.41 -2.89 7.56
N GLU A 70 -2.61 -1.88 7.87
CA GLU A 70 -2.99 -0.87 8.85
C GLU A 70 -2.51 0.51 8.43
N SER A 71 -3.37 1.51 8.59
CA SER A 71 -3.04 2.88 8.22
C SER A 71 -1.98 3.45 9.16
N ILE A 72 -0.94 4.03 8.57
CA ILE A 72 0.14 4.62 9.35
C ILE A 72 0.32 6.10 9.02
N SER A 73 -0.28 6.52 7.91
CA SER A 73 -0.18 7.91 7.48
C SER A 73 -0.82 8.85 8.49
N GLY A 74 -2.07 8.55 8.86
CA GLY A 74 -2.77 9.38 9.83
C GLY A 74 -3.02 8.66 11.13
N PRO A 75 -3.62 9.36 12.11
CA PRO A 75 -3.93 8.80 13.42
C PRO A 75 -5.04 7.77 13.37
N SER A 76 -4.67 6.51 13.60
CA SER A 76 -5.65 5.42 13.57
C SER A 76 -6.03 4.99 14.99
N SER A 77 -7.20 4.38 15.13
CA SER A 77 -7.67 3.93 16.43
C SER A 77 -7.15 2.53 16.74
N GLY A 78 -6.44 2.41 17.86
CA GLY A 78 -5.88 1.12 18.25
C GLY A 78 -4.44 1.23 18.72
N GLY A 1 8.30 22.13 2.60
CA GLY A 1 7.18 22.79 3.23
C GLY A 1 6.58 21.98 4.36
N SER A 2 5.95 20.86 4.02
CA SER A 2 5.32 20.01 5.01
C SER A 2 6.33 19.57 6.07
N SER A 3 5.99 19.80 7.34
CA SER A 3 6.87 19.44 8.44
C SER A 3 7.12 17.94 8.47
N GLY A 4 8.38 17.54 8.30
CA GLY A 4 8.74 16.14 8.31
C GLY A 4 9.93 15.84 7.43
N SER A 5 9.79 14.81 6.59
CA SER A 5 10.87 14.42 5.69
C SER A 5 10.31 13.64 4.49
N SER A 6 10.65 14.10 3.29
CA SER A 6 10.17 13.46 2.07
C SER A 6 11.21 12.45 1.56
N GLY A 7 10.75 11.24 1.29
CA GLY A 7 11.64 10.20 0.80
C GLY A 7 10.90 9.02 0.21
N ASP A 8 10.99 8.87 -1.11
CA ASP A 8 10.32 7.78 -1.79
C ASP A 8 11.22 7.17 -2.86
N PRO A 9 11.12 5.85 -3.04
CA PRO A 9 11.92 5.12 -4.02
C PRO A 9 11.50 5.43 -5.46
N PRO A 10 12.35 5.02 -6.42
CA PRO A 10 12.08 5.25 -7.85
C PRO A 10 10.92 4.41 -8.37
N TRP A 11 10.72 3.25 -7.76
CA TRP A 11 9.65 2.35 -8.17
C TRP A 11 8.31 2.83 -7.61
N ALA A 12 8.35 3.56 -6.51
CA ALA A 12 7.15 4.08 -5.89
C ALA A 12 6.46 5.10 -6.79
N PRO A 13 5.12 5.21 -6.66
CA PRO A 13 4.32 6.14 -7.45
C PRO A 13 4.58 7.59 -7.08
N ARG A 14 3.95 8.52 -7.82
CA ARG A 14 4.12 9.94 -7.56
C ARG A 14 3.10 10.43 -6.54
N SER A 15 1.82 10.12 -6.77
CA SER A 15 0.76 10.52 -5.87
C SER A 15 -0.03 9.32 -5.39
N TYR A 16 -0.67 9.46 -4.23
CA TYR A 16 -1.47 8.38 -3.66
C TYR A 16 -2.37 8.91 -2.54
N LEU A 17 -3.39 8.13 -2.21
CA LEU A 17 -4.34 8.51 -1.17
C LEU A 17 -3.65 8.53 0.20
N GLU A 18 -3.13 7.37 0.61
CA GLU A 18 -2.46 7.25 1.89
C GLU A 18 -1.48 6.08 1.88
N LYS A 19 -0.63 6.02 2.90
CA LYS A 19 0.36 4.94 3.02
C LYS A 19 -0.09 3.90 4.04
N VAL A 20 -0.08 2.64 3.64
CA VAL A 20 -0.49 1.56 4.53
C VAL A 20 0.65 0.57 4.73
N VAL A 21 0.53 -0.28 5.75
CA VAL A 21 1.54 -1.28 6.06
C VAL A 21 0.92 -2.64 6.30
N ALA A 22 1.57 -3.69 5.82
CA ALA A 22 1.08 -5.05 5.98
C ALA A 22 1.42 -5.59 7.37
N ILE A 23 0.39 -5.91 8.14
CA ILE A 23 0.59 -6.43 9.50
C ILE A 23 0.65 -7.96 9.48
N TYR A 24 0.24 -8.56 8.37
CA TYR A 24 0.26 -10.01 8.24
C TYR A 24 0.78 -10.43 6.87
N ASP A 25 1.20 -11.68 6.76
CA ASP A 25 1.72 -12.20 5.50
C ASP A 25 0.59 -12.72 4.62
N TYR A 26 0.62 -12.33 3.35
CA TYR A 26 -0.41 -12.75 2.39
C TYR A 26 0.22 -13.29 1.11
N THR A 27 -0.41 -14.29 0.52
CA THR A 27 0.08 -14.90 -0.71
C THR A 27 -0.92 -14.74 -1.85
N LYS A 28 -0.73 -13.70 -2.66
CA LYS A 28 -1.62 -13.43 -3.78
C LYS A 28 -2.00 -14.74 -4.49
N ASP A 29 -3.29 -14.87 -4.81
CA ASP A 29 -3.77 -16.06 -5.49
C ASP A 29 -4.15 -15.74 -6.93
N LYS A 30 -5.01 -14.75 -7.12
CA LYS A 30 -5.45 -14.36 -8.44
C LYS A 30 -4.41 -13.47 -9.12
N GLU A 31 -4.51 -13.34 -10.43
CA GLU A 31 -3.58 -12.52 -11.19
C GLU A 31 -3.78 -11.04 -10.90
N ASP A 32 -4.99 -10.69 -10.48
CA ASP A 32 -5.32 -9.30 -10.15
C ASP A 32 -5.17 -9.05 -8.66
N GLU A 33 -4.00 -9.36 -8.11
CA GLU A 33 -3.73 -9.16 -6.70
C GLU A 33 -2.26 -8.86 -6.46
N LEU A 34 -1.91 -8.62 -5.20
CA LEU A 34 -0.52 -8.33 -4.83
C LEU A 34 -0.07 -9.18 -3.65
N SER A 35 1.18 -9.62 -3.68
CA SER A 35 1.74 -10.44 -2.62
C SER A 35 2.73 -9.65 -1.77
N PHE A 36 2.74 -9.92 -0.48
CA PHE A 36 3.64 -9.23 0.45
C PHE A 36 3.68 -9.93 1.80
N GLN A 37 4.64 -9.55 2.63
CA GLN A 37 4.78 -10.13 3.95
C GLN A 37 4.66 -9.07 5.04
N GLU A 38 4.46 -9.52 6.28
CA GLU A 38 4.34 -8.60 7.41
C GLU A 38 5.55 -7.68 7.50
N GLY A 39 5.31 -6.38 7.36
CA GLY A 39 6.40 -5.42 7.44
C GLY A 39 6.78 -4.86 6.08
N ALA A 40 5.76 -4.53 5.27
CA ALA A 40 6.00 -3.98 3.94
C ALA A 40 5.22 -2.70 3.73
N ILE A 41 5.85 -1.71 3.10
CA ILE A 41 5.22 -0.43 2.83
C ILE A 41 4.49 -0.45 1.49
N ILE A 42 3.23 -0.02 1.49
CA ILE A 42 2.43 0.02 0.28
C ILE A 42 1.72 1.36 0.14
N TYR A 43 1.58 1.81 -1.11
CA TYR A 43 0.91 3.08 -1.38
C TYR A 43 -0.47 2.86 -1.99
N VAL A 44 -1.51 3.23 -1.25
CA VAL A 44 -2.88 3.07 -1.72
C VAL A 44 -3.24 4.15 -2.73
N ILE A 45 -3.56 3.73 -3.95
CA ILE A 45 -3.93 4.65 -5.01
C ILE A 45 -5.37 4.42 -5.47
N LYS A 46 -5.97 3.34 -5.00
CA LYS A 46 -7.34 3.00 -5.35
C LYS A 46 -8.12 2.54 -4.12
N LYS A 47 -9.38 2.96 -4.06
CA LYS A 47 -10.25 2.60 -2.95
C LYS A 47 -11.62 2.15 -3.43
N ASN A 48 -11.86 0.84 -3.44
CA ASN A 48 -13.13 0.29 -3.89
C ASN A 48 -14.16 0.32 -2.76
N ASP A 49 -14.14 1.40 -1.98
CA ASP A 49 -15.07 1.55 -0.87
C ASP A 49 -15.34 0.21 -0.19
N ASP A 50 -14.32 -0.66 -0.19
CA ASP A 50 -14.45 -1.98 0.43
C ASP A 50 -13.09 -2.47 0.92
N GLY A 51 -13.06 -3.71 1.40
CA GLY A 51 -11.82 -4.28 1.90
C GLY A 51 -10.89 -4.70 0.78
N TRP A 52 -10.61 -3.79 -0.14
CA TRP A 52 -9.73 -4.07 -1.27
C TRP A 52 -9.24 -2.79 -1.92
N TYR A 53 -7.97 -2.46 -1.70
CA TYR A 53 -7.38 -1.26 -2.27
C TYR A 53 -6.20 -1.60 -3.18
N GLU A 54 -5.91 -0.72 -4.12
CA GLU A 54 -4.81 -0.92 -5.06
C GLU A 54 -3.57 -0.16 -4.60
N GLY A 55 -2.40 -0.77 -4.77
CA GLY A 55 -1.17 -0.13 -4.38
C GLY A 55 0.05 -0.77 -5.04
N VAL A 56 1.18 -0.09 -4.98
CA VAL A 56 2.41 -0.59 -5.57
C VAL A 56 3.39 -1.04 -4.49
N MET A 57 4.16 -2.09 -4.79
CA MET A 57 5.14 -2.61 -3.85
C MET A 57 6.26 -3.34 -4.58
N ASN A 58 7.45 -2.73 -4.61
CA ASN A 58 8.60 -3.32 -5.27
C ASN A 58 8.40 -3.35 -6.79
N GLY A 59 7.69 -2.35 -7.31
CA GLY A 59 7.44 -2.28 -8.73
C GLY A 59 6.23 -3.09 -9.15
N VAL A 60 5.89 -4.09 -8.34
CA VAL A 60 4.75 -4.95 -8.63
C VAL A 60 3.46 -4.38 -8.05
N THR A 61 2.48 -4.15 -8.91
CA THR A 61 1.20 -3.60 -8.47
C THR A 61 0.11 -4.67 -8.48
N GLY A 62 -0.84 -4.55 -7.56
CA GLY A 62 -1.92 -5.51 -7.47
C GLY A 62 -2.95 -5.14 -6.41
N LEU A 63 -4.12 -5.75 -6.49
CA LEU A 63 -5.20 -5.48 -5.54
C LEU A 63 -5.03 -6.33 -4.28
N PHE A 64 -5.00 -5.67 -3.13
CA PHE A 64 -4.86 -6.36 -1.86
C PHE A 64 -5.96 -5.96 -0.89
N PRO A 65 -6.31 -6.88 0.03
CA PRO A 65 -7.35 -6.66 1.03
C PRO A 65 -6.95 -5.62 2.07
N GLY A 66 -7.90 -4.81 2.51
CA GLY A 66 -7.62 -3.78 3.50
C GLY A 66 -7.74 -4.30 4.91
N ASN A 67 -7.55 -5.61 5.08
CA ASN A 67 -7.64 -6.24 6.40
C ASN A 67 -6.26 -6.73 6.85
N TYR A 68 -5.41 -7.08 5.89
CA TYR A 68 -4.08 -7.55 6.19
C TYR A 68 -3.09 -6.40 6.31
N VAL A 69 -3.61 -5.18 6.24
CA VAL A 69 -2.78 -3.98 6.35
C VAL A 69 -3.32 -3.03 7.40
N GLU A 70 -2.56 -1.97 7.68
CA GLU A 70 -2.97 -0.98 8.67
C GLU A 70 -2.42 0.39 8.32
N SER A 71 -3.27 1.42 8.44
CA SER A 71 -2.88 2.78 8.13
C SER A 71 -1.81 3.28 9.11
N ILE A 72 -0.75 3.85 8.57
CA ILE A 72 0.33 4.37 9.40
C ILE A 72 0.43 5.89 9.29
N SER A 73 0.05 6.42 8.13
CA SER A 73 0.10 7.86 7.90
C SER A 73 -1.19 8.52 8.38
N GLY A 74 -1.21 8.92 9.64
CA GLY A 74 -2.38 9.57 10.20
C GLY A 74 -3.62 8.69 10.13
N PRO A 75 -4.65 9.06 10.89
CA PRO A 75 -5.91 8.30 10.93
C PRO A 75 -6.71 8.43 9.63
N SER A 76 -6.15 9.16 8.67
CA SER A 76 -6.80 9.35 7.39
C SER A 76 -5.83 9.98 6.38
N SER A 77 -6.18 9.87 5.10
CA SER A 77 -5.34 10.42 4.03
C SER A 77 -4.71 11.73 4.47
N GLY A 78 -3.38 11.74 4.55
CA GLY A 78 -2.68 12.94 4.95
C GLY A 78 -2.35 12.96 6.43
N GLY A 1 19.47 25.54 -0.96
CA GLY A 1 20.25 24.39 -1.36
C GLY A 1 19.39 23.23 -1.83
N SER A 2 18.79 23.37 -3.00
CA SER A 2 17.93 22.34 -3.56
C SER A 2 18.53 20.95 -3.33
N SER A 3 17.67 19.98 -3.02
CA SER A 3 18.13 18.62 -2.77
C SER A 3 17.85 17.73 -3.98
N GLY A 4 18.92 17.19 -4.56
CA GLY A 4 18.79 16.32 -5.72
C GLY A 4 18.20 14.97 -5.37
N SER A 5 19.03 14.09 -4.82
CA SER A 5 18.59 12.76 -4.44
C SER A 5 17.39 12.82 -3.51
N SER A 6 16.42 11.93 -3.74
CA SER A 6 15.21 11.88 -2.93
C SER A 6 15.11 10.57 -2.17
N GLY A 7 14.14 10.49 -1.27
CA GLY A 7 13.96 9.27 -0.49
C GLY A 7 13.20 8.20 -1.25
N ASP A 8 11.90 8.43 -1.45
CA ASP A 8 11.07 7.47 -2.17
C ASP A 8 11.81 6.89 -3.37
N PRO A 9 11.57 5.60 -3.65
CA PRO A 9 12.21 4.90 -4.77
C PRO A 9 11.71 5.38 -6.12
N PRO A 10 12.45 5.05 -7.18
CA PRO A 10 12.09 5.44 -8.55
C PRO A 10 10.86 4.70 -9.06
N TRP A 11 10.46 3.65 -8.35
CA TRP A 11 9.29 2.88 -8.73
C TRP A 11 8.05 3.37 -8.01
N ALA A 12 8.22 3.81 -6.76
CA ALA A 12 7.11 4.32 -5.97
C ALA A 12 6.31 5.37 -6.73
N PRO A 13 5.00 5.40 -6.51
CA PRO A 13 4.10 6.35 -7.16
C PRO A 13 4.31 7.78 -6.68
N ARG A 14 4.39 8.72 -7.62
CA ARG A 14 4.59 10.12 -7.28
C ARG A 14 3.45 10.64 -6.40
N SER A 15 2.25 10.12 -6.62
CA SER A 15 1.08 10.54 -5.85
C SER A 15 0.20 9.33 -5.54
N TYR A 16 -0.30 9.29 -4.30
CA TYR A 16 -1.16 8.20 -3.86
C TYR A 16 -2.09 8.65 -2.74
N LEU A 17 -3.16 7.89 -2.52
CA LEU A 17 -4.12 8.21 -1.47
C LEU A 17 -3.44 8.29 -0.11
N GLU A 18 -3.04 7.15 0.42
CA GLU A 18 -2.37 7.09 1.71
C GLU A 18 -1.42 5.90 1.79
N LYS A 19 -0.55 5.91 2.79
CA LYS A 19 0.41 4.83 2.97
C LYS A 19 -0.05 3.86 4.07
N VAL A 20 0.04 2.58 3.79
CA VAL A 20 -0.37 1.56 4.76
C VAL A 20 0.79 0.60 5.07
N VAL A 21 0.69 -0.09 6.20
CA VAL A 21 1.72 -1.03 6.61
C VAL A 21 1.15 -2.44 6.74
N ALA A 22 1.86 -3.41 6.16
CA ALA A 22 1.42 -4.81 6.22
C ALA A 22 1.72 -5.43 7.58
N ILE A 23 0.71 -5.51 8.42
CA ILE A 23 0.86 -6.08 9.75
C ILE A 23 0.94 -7.60 9.69
N TYR A 24 0.57 -8.17 8.54
CA TYR A 24 0.60 -9.61 8.36
C TYR A 24 1.23 -9.97 7.02
N ASP A 25 1.44 -11.26 6.79
CA ASP A 25 2.03 -11.74 5.55
C ASP A 25 0.95 -12.26 4.60
N TYR A 26 0.69 -11.50 3.54
CA TYR A 26 -0.32 -11.89 2.56
C TYR A 26 0.33 -12.36 1.26
N THR A 27 -0.15 -13.48 0.73
CA THR A 27 0.38 -14.03 -0.51
C THR A 27 -0.62 -13.90 -1.64
N LYS A 28 -0.30 -13.06 -2.62
CA LYS A 28 -1.16 -12.84 -3.77
C LYS A 28 -1.87 -14.13 -4.17
N ASP A 29 -3.18 -14.07 -4.32
CA ASP A 29 -3.97 -15.24 -4.71
C ASP A 29 -4.32 -15.19 -6.19
N LYS A 30 -4.68 -13.99 -6.67
CA LYS A 30 -5.05 -13.81 -8.07
C LYS A 30 -3.92 -13.12 -8.84
N GLU A 31 -4.00 -13.17 -10.16
CA GLU A 31 -2.98 -12.56 -11.01
C GLU A 31 -3.02 -11.04 -10.88
N ASP A 32 -4.19 -10.51 -10.55
CA ASP A 32 -4.36 -9.06 -10.40
C ASP A 32 -4.18 -8.65 -8.94
N GLU A 33 -3.58 -9.54 -8.14
CA GLU A 33 -3.35 -9.26 -6.73
C GLU A 33 -1.87 -8.96 -6.47
N LEU A 34 -1.59 -8.43 -5.29
CA LEU A 34 -0.22 -8.09 -4.92
C LEU A 34 0.22 -8.88 -3.70
N SER A 35 1.48 -9.32 -3.69
CA SER A 35 2.02 -10.09 -2.58
C SER A 35 2.99 -9.25 -1.75
N PHE A 36 2.94 -9.40 -0.44
CA PHE A 36 3.82 -8.67 0.45
C PHE A 36 3.95 -9.36 1.80
N GLN A 37 5.10 -9.18 2.45
CA GLN A 37 5.34 -9.81 3.75
C GLN A 37 5.18 -8.79 4.88
N GLU A 38 4.99 -9.29 6.09
CA GLU A 38 4.82 -8.42 7.25
C GLU A 38 5.87 -7.32 7.27
N GLY A 39 5.54 -6.20 7.88
CA GLY A 39 6.47 -5.08 7.95
C GLY A 39 6.80 -4.51 6.59
N ALA A 40 5.82 -4.50 5.70
CA ALA A 40 6.02 -3.98 4.34
C ALA A 40 5.34 -2.63 4.17
N ILE A 41 5.68 -1.94 3.09
CA ILE A 41 5.10 -0.63 2.81
C ILE A 41 4.37 -0.62 1.47
N ILE A 42 3.13 -0.14 1.49
CA ILE A 42 2.32 -0.08 0.27
C ILE A 42 1.72 1.30 0.09
N TYR A 43 1.68 1.76 -1.16
CA TYR A 43 1.14 3.07 -1.49
C TYR A 43 -0.25 2.95 -2.13
N VAL A 44 -1.29 2.99 -1.30
CA VAL A 44 -2.66 2.88 -1.79
C VAL A 44 -2.97 3.98 -2.80
N ILE A 45 -3.20 3.58 -4.05
CA ILE A 45 -3.51 4.53 -5.10
C ILE A 45 -4.96 4.39 -5.57
N LYS A 46 -5.58 3.28 -5.18
CA LYS A 46 -6.98 3.03 -5.55
C LYS A 46 -7.73 2.39 -4.39
N LYS A 47 -9.02 2.70 -4.29
CA LYS A 47 -9.86 2.15 -3.23
C LYS A 47 -11.20 1.69 -3.78
N ASN A 48 -11.76 0.64 -3.18
CA ASN A 48 -13.04 0.11 -3.62
C ASN A 48 -14.02 0.05 -2.45
N ASP A 49 -15.31 0.16 -2.76
CA ASP A 49 -16.35 0.11 -1.74
C ASP A 49 -16.03 -0.94 -0.67
N ASP A 50 -15.70 -2.14 -1.12
CA ASP A 50 -15.36 -3.23 -0.22
C ASP A 50 -13.95 -3.06 0.35
N GLY A 51 -13.50 -4.03 1.12
CA GLY A 51 -12.18 -3.97 1.71
C GLY A 51 -11.10 -4.40 0.74
N TRP A 52 -10.92 -3.64 -0.34
CA TRP A 52 -9.92 -3.95 -1.34
C TRP A 52 -9.39 -2.67 -1.99
N TYR A 53 -8.11 -2.40 -1.77
CA TYR A 53 -7.47 -1.22 -2.33
C TYR A 53 -6.30 -1.60 -3.22
N GLU A 54 -6.07 -0.80 -4.27
CA GLU A 54 -4.98 -1.05 -5.20
C GLU A 54 -3.76 -0.21 -4.84
N GLY A 55 -2.61 -0.88 -4.69
CA GLY A 55 -1.39 -0.17 -4.35
C GLY A 55 -0.18 -0.71 -5.08
N VAL A 56 0.92 0.02 -5.04
CA VAL A 56 2.15 -0.39 -5.71
C VAL A 56 3.17 -0.90 -4.70
N MET A 57 3.92 -1.92 -5.11
CA MET A 57 4.94 -2.51 -4.24
C MET A 57 6.06 -3.14 -5.07
N ASN A 58 7.24 -2.54 -5.00
CA ASN A 58 8.39 -3.04 -5.74
C ASN A 58 8.11 -3.04 -7.24
N GLY A 59 7.44 -2.01 -7.72
CA GLY A 59 7.12 -1.91 -9.13
C GLY A 59 5.89 -2.72 -9.49
N VAL A 60 5.70 -3.85 -8.83
CA VAL A 60 4.55 -4.71 -9.09
C VAL A 60 3.28 -4.13 -8.48
N THR A 61 2.24 -4.00 -9.31
CA THR A 61 0.97 -3.46 -8.84
C THR A 61 -0.07 -4.56 -8.68
N GLY A 62 -0.87 -4.45 -7.64
CA GLY A 62 -1.90 -5.45 -7.38
C GLY A 62 -2.80 -5.07 -6.23
N LEU A 63 -4.03 -5.58 -6.24
CA LEU A 63 -4.99 -5.30 -5.19
C LEU A 63 -4.67 -6.08 -3.92
N PHE A 64 -5.13 -5.58 -2.78
CA PHE A 64 -4.88 -6.24 -1.51
C PHE A 64 -5.95 -5.85 -0.48
N PRO A 65 -6.27 -6.78 0.42
CA PRO A 65 -7.28 -6.56 1.47
C PRO A 65 -6.81 -5.55 2.51
N GLY A 66 -7.65 -4.56 2.81
CA GLY A 66 -7.32 -3.55 3.79
C GLY A 66 -7.31 -4.09 5.21
N ASN A 67 -7.65 -5.37 5.34
CA ASN A 67 -7.70 -6.00 6.66
C ASN A 67 -6.33 -6.55 7.04
N TYR A 68 -5.58 -7.01 6.04
CA TYR A 68 -4.25 -7.56 6.28
C TYR A 68 -3.27 -6.47 6.68
N VAL A 69 -3.58 -5.23 6.30
CA VAL A 69 -2.73 -4.09 6.64
C VAL A 69 -3.45 -3.12 7.57
N GLU A 70 -2.73 -2.09 8.00
CA GLU A 70 -3.30 -1.09 8.90
C GLU A 70 -2.90 0.32 8.46
N SER A 71 -3.64 1.31 8.97
CA SER A 71 -3.37 2.70 8.63
C SER A 71 -2.33 3.30 9.58
N ILE A 72 -1.16 3.64 9.04
CA ILE A 72 -0.09 4.22 9.83
C ILE A 72 -0.27 5.73 9.97
N SER A 73 -1.05 6.31 9.07
CA SER A 73 -1.31 7.75 9.09
C SER A 73 -2.76 8.04 9.44
N GLY A 74 -2.97 8.79 10.52
CA GLY A 74 -4.32 9.14 10.94
C GLY A 74 -4.84 8.21 12.01
N PRO A 75 -6.17 8.14 12.14
CA PRO A 75 -6.83 7.28 13.13
C PRO A 75 -6.69 5.80 12.80
N SER A 76 -6.47 4.99 13.83
CA SER A 76 -6.32 3.54 13.64
C SER A 76 -7.60 2.93 13.12
N SER A 77 -8.72 3.31 13.70
CA SER A 77 -10.02 2.80 13.29
C SER A 77 -11.15 3.67 13.81
N GLY A 78 -12.38 3.37 13.39
CA GLY A 78 -13.52 4.14 13.83
C GLY A 78 -13.87 5.26 12.87
N GLY A 1 8.51 24.59 -11.32
CA GLY A 1 8.84 23.33 -10.71
C GLY A 1 8.77 23.38 -9.19
N SER A 2 9.30 22.34 -8.55
CA SER A 2 9.28 22.26 -7.09
C SER A 2 10.69 22.36 -6.53
N SER A 3 10.80 22.54 -5.21
CA SER A 3 12.09 22.64 -4.55
C SER A 3 13.04 21.56 -5.04
N GLY A 4 12.70 20.30 -4.74
CA GLY A 4 13.53 19.19 -5.15
C GLY A 4 13.75 18.19 -4.03
N SER A 5 12.65 17.60 -3.53
CA SER A 5 12.74 16.63 -2.45
C SER A 5 12.94 15.22 -3.00
N SER A 6 13.56 14.36 -2.20
CA SER A 6 13.82 12.99 -2.61
C SER A 6 13.57 12.02 -1.46
N GLY A 7 12.60 11.13 -1.64
CA GLY A 7 12.28 10.17 -0.60
C GLY A 7 11.68 8.89 -1.17
N ASP A 8 10.82 9.04 -2.17
CA ASP A 8 10.18 7.88 -2.80
C ASP A 8 11.04 7.33 -3.93
N PRO A 9 11.00 6.00 -4.10
CA PRO A 9 11.77 5.31 -5.13
C PRO A 9 11.24 5.61 -6.54
N PRO A 10 12.02 5.20 -7.55
CA PRO A 10 11.66 5.42 -8.96
C PRO A 10 10.47 4.55 -9.38
N TRP A 11 10.22 3.49 -8.63
CA TRP A 11 9.11 2.59 -8.92
C TRP A 11 7.84 3.03 -8.22
N ALA A 12 7.99 3.85 -7.18
CA ALA A 12 6.85 4.34 -6.42
C ALA A 12 6.06 5.36 -7.23
N PRO A 13 4.74 5.40 -6.99
CA PRO A 13 3.84 6.33 -7.69
C PRO A 13 4.07 7.78 -7.27
N ARG A 14 4.14 8.67 -8.25
CA ARG A 14 4.36 10.09 -7.98
C ARG A 14 3.49 10.56 -6.82
N SER A 15 2.21 10.17 -6.83
CA SER A 15 1.29 10.55 -5.79
C SER A 15 0.27 9.44 -5.52
N TYR A 16 -0.11 9.27 -4.26
CA TYR A 16 -1.07 8.24 -3.88
C TYR A 16 -2.12 8.81 -2.92
N LEU A 17 -3.12 7.99 -2.60
CA LEU A 17 -4.18 8.41 -1.69
C LEU A 17 -3.70 8.39 -0.24
N GLU A 18 -3.21 7.23 0.20
CA GLU A 18 -2.72 7.09 1.57
C GLU A 18 -1.68 5.97 1.65
N LYS A 19 -1.00 5.89 2.79
CA LYS A 19 0.02 4.87 3.00
C LYS A 19 -0.44 3.85 4.04
N VAL A 20 -0.11 2.59 3.80
CA VAL A 20 -0.49 1.52 4.71
C VAL A 20 0.64 0.49 4.87
N VAL A 21 0.73 -0.11 6.05
CA VAL A 21 1.76 -1.10 6.32
C VAL A 21 1.15 -2.49 6.51
N ALA A 22 1.72 -3.48 5.85
CA ALA A 22 1.25 -4.84 5.94
C ALA A 22 1.59 -5.46 7.30
N ILE A 23 0.62 -5.47 8.20
CA ILE A 23 0.82 -6.02 9.53
C ILE A 23 0.90 -7.55 9.49
N TYR A 24 0.47 -8.12 8.37
CA TYR A 24 0.49 -9.57 8.20
C TYR A 24 0.83 -9.95 6.77
N ASP A 25 1.34 -11.16 6.58
CA ASP A 25 1.72 -11.64 5.26
C ASP A 25 0.49 -11.97 4.44
N TYR A 26 0.66 -12.08 3.12
CA TYR A 26 -0.44 -12.39 2.22
C TYR A 26 0.07 -12.73 0.82
N THR A 27 -0.41 -13.83 0.27
CA THR A 27 0.00 -14.27 -1.06
C THR A 27 -1.14 -14.10 -2.06
N LYS A 28 -0.81 -13.51 -3.21
CA LYS A 28 -1.81 -13.29 -4.26
C LYS A 28 -2.34 -14.62 -4.80
N ASP A 29 -3.45 -14.55 -5.51
CA ASP A 29 -4.06 -15.75 -6.09
C ASP A 29 -4.35 -15.56 -7.57
N LYS A 30 -4.13 -14.34 -8.06
CA LYS A 30 -4.36 -14.02 -9.46
C LYS A 30 -3.36 -12.99 -9.95
N GLU A 31 -2.94 -13.14 -11.21
CA GLU A 31 -1.98 -12.21 -11.80
C GLU A 31 -2.38 -10.76 -11.54
N ASP A 32 -3.67 -10.55 -11.29
CA ASP A 32 -4.19 -9.21 -11.03
C ASP A 32 -4.24 -8.94 -9.53
N GLU A 33 -3.13 -9.25 -8.84
CA GLU A 33 -3.05 -9.04 -7.40
C GLU A 33 -1.64 -8.63 -6.99
N LEU A 34 -1.44 -8.42 -5.69
CA LEU A 34 -0.13 -8.03 -5.18
C LEU A 34 0.31 -8.97 -4.06
N SER A 35 1.62 -9.12 -3.90
CA SER A 35 2.18 -9.99 -2.87
C SER A 35 3.09 -9.21 -1.94
N PHE A 36 2.78 -9.27 -0.64
CA PHE A 36 3.57 -8.56 0.36
C PHE A 36 3.73 -9.40 1.62
N GLN A 37 4.82 -9.18 2.34
CA GLN A 37 5.09 -9.92 3.58
C GLN A 37 4.96 -9.01 4.79
N GLU A 38 4.87 -9.63 5.97
CA GLU A 38 4.74 -8.88 7.21
C GLU A 38 5.82 -7.82 7.34
N GLY A 39 5.44 -6.55 7.18
CA GLY A 39 6.40 -5.47 7.28
C GLY A 39 6.74 -4.89 5.92
N ALA A 40 5.74 -4.76 5.06
CA ALA A 40 5.95 -4.21 3.73
C ALA A 40 5.34 -2.82 3.60
N ILE A 41 5.87 -2.02 2.68
CA ILE A 41 5.37 -0.67 2.47
C ILE A 41 4.59 -0.56 1.16
N ILE A 42 3.28 -0.37 1.29
CA ILE A 42 2.42 -0.25 0.12
C ILE A 42 1.77 1.13 0.04
N TYR A 43 1.66 1.66 -1.17
CA TYR A 43 1.06 2.98 -1.37
C TYR A 43 -0.34 2.85 -1.96
N VAL A 44 -1.35 3.16 -1.14
CA VAL A 44 -2.74 3.08 -1.58
C VAL A 44 -3.04 4.13 -2.64
N ILE A 45 -3.36 3.68 -3.85
CA ILE A 45 -3.67 4.58 -4.95
C ILE A 45 -5.10 4.38 -5.44
N LYS A 46 -5.67 3.23 -5.11
CA LYS A 46 -7.03 2.92 -5.51
C LYS A 46 -7.79 2.23 -4.38
N LYS A 47 -9.09 2.50 -4.30
CA LYS A 47 -9.94 1.91 -3.27
C LYS A 47 -11.26 1.42 -3.85
N ASN A 48 -11.44 0.11 -3.85
CA ASN A 48 -12.67 -0.50 -4.38
C ASN A 48 -13.83 -0.30 -3.42
N ASP A 49 -15.02 -0.70 -3.86
CA ASP A 49 -16.22 -0.57 -3.03
C ASP A 49 -15.99 -1.18 -1.66
N ASP A 50 -14.97 -2.01 -1.54
CA ASP A 50 -14.65 -2.67 -0.28
C ASP A 50 -13.32 -2.16 0.28
N GLY A 51 -12.88 -2.74 1.38
CA GLY A 51 -11.63 -2.34 2.00
C GLY A 51 -10.44 -2.60 1.10
N TRP A 52 -10.66 -3.32 0.01
CA TRP A 52 -9.59 -3.64 -0.93
C TRP A 52 -9.02 -2.36 -1.55
N TYR A 53 -7.72 -2.17 -1.39
CA TYR A 53 -7.05 -0.99 -1.93
C TYR A 53 -5.90 -1.40 -2.85
N GLU A 54 -5.80 -0.73 -4.00
CA GLU A 54 -4.75 -1.02 -4.96
C GLU A 54 -3.50 -0.20 -4.66
N GLY A 55 -2.38 -0.90 -4.44
CA GLY A 55 -1.13 -0.22 -4.13
C GLY A 55 0.04 -0.78 -4.92
N VAL A 56 1.08 0.02 -5.07
CA VAL A 56 2.27 -0.41 -5.81
C VAL A 56 3.38 -0.83 -4.86
N MET A 57 3.95 -2.01 -5.10
CA MET A 57 5.02 -2.53 -4.27
C MET A 57 6.11 -3.19 -5.12
N ASN A 58 7.36 -2.93 -4.77
CA ASN A 58 8.49 -3.49 -5.51
C ASN A 58 8.22 -3.47 -7.01
N GLY A 59 7.58 -2.41 -7.48
CA GLY A 59 7.28 -2.29 -8.90
C GLY A 59 6.00 -3.01 -9.27
N VAL A 60 5.78 -4.18 -8.67
CA VAL A 60 4.60 -4.97 -8.95
C VAL A 60 3.36 -4.38 -8.27
N THR A 61 2.38 -3.98 -9.07
CA THR A 61 1.16 -3.39 -8.55
C THR A 61 0.02 -4.41 -8.54
N GLY A 62 -0.85 -4.32 -7.54
CA GLY A 62 -1.96 -5.23 -7.43
C GLY A 62 -2.94 -4.84 -6.34
N LEU A 63 -4.02 -5.60 -6.22
CA LEU A 63 -5.03 -5.31 -5.21
C LEU A 63 -4.79 -6.12 -3.94
N PHE A 64 -5.29 -5.63 -2.82
CA PHE A 64 -5.12 -6.30 -1.54
C PHE A 64 -6.18 -5.85 -0.54
N PRO A 65 -6.52 -6.74 0.40
CA PRO A 65 -7.53 -6.47 1.43
C PRO A 65 -7.04 -5.43 2.44
N GLY A 66 -7.86 -4.41 2.69
CA GLY A 66 -7.50 -3.38 3.65
C GLY A 66 -7.30 -3.92 5.05
N ASN A 67 -7.82 -5.13 5.30
CA ASN A 67 -7.69 -5.75 6.60
C ASN A 67 -6.25 -6.15 6.88
N TYR A 68 -5.75 -7.10 6.11
CA TYR A 68 -4.37 -7.58 6.27
C TYR A 68 -3.43 -6.42 6.59
N VAL A 69 -3.75 -5.24 6.07
CA VAL A 69 -2.93 -4.05 6.32
C VAL A 69 -3.63 -3.09 7.28
N GLU A 70 -2.92 -2.04 7.67
CA GLU A 70 -3.48 -1.05 8.59
C GLU A 70 -2.99 0.36 8.22
N SER A 71 -3.61 1.36 8.83
CA SER A 71 -3.24 2.74 8.57
C SER A 71 -2.26 3.25 9.63
N ILE A 72 -1.07 3.64 9.17
CA ILE A 72 -0.03 4.14 10.08
C ILE A 72 0.10 5.65 9.96
N SER A 73 -0.34 6.20 8.83
CA SER A 73 -0.26 7.64 8.59
C SER A 73 -1.64 8.20 8.22
N GLY A 74 -1.80 9.50 8.40
CA GLY A 74 -3.07 10.14 8.07
C GLY A 74 -3.15 11.56 8.60
N PRO A 75 -4.35 12.14 8.57
CA PRO A 75 -4.59 13.50 9.03
C PRO A 75 -4.45 13.64 10.55
N SER A 76 -4.42 12.50 11.23
CA SER A 76 -4.30 12.49 12.69
C SER A 76 -3.06 13.24 13.14
N SER A 77 -3.25 14.23 14.01
CA SER A 77 -2.14 15.03 14.51
C SER A 77 -1.51 14.38 15.73
N GLY A 78 -0.35 13.76 15.53
CA GLY A 78 0.34 13.09 16.62
C GLY A 78 -0.50 12.01 17.28
N GLY A 1 3.05 14.98 10.69
CA GLY A 1 3.76 15.22 9.45
C GLY A 1 3.93 16.71 9.17
N SER A 2 4.83 17.02 8.23
CA SER A 2 5.10 18.42 7.87
C SER A 2 5.98 18.49 6.62
N SER A 3 6.21 19.71 6.15
CA SER A 3 7.04 19.92 4.96
C SER A 3 8.50 19.52 5.24
N GLY A 4 9.30 19.53 4.18
CA GLY A 4 10.70 19.17 4.33
C GLY A 4 11.08 17.97 3.47
N SER A 5 10.53 16.82 3.79
CA SER A 5 10.82 15.59 3.05
C SER A 5 9.79 14.51 3.37
N SER A 6 9.88 13.40 2.65
CA SER A 6 8.96 12.28 2.85
C SER A 6 9.71 10.96 3.01
N GLY A 7 10.71 10.76 2.15
CA GLY A 7 11.50 9.54 2.20
C GLY A 7 10.79 8.36 1.55
N ASP A 8 10.94 8.23 0.24
CA ASP A 8 10.31 7.15 -0.50
C ASP A 8 11.11 6.81 -1.76
N PRO A 9 11.07 5.54 -2.16
CA PRO A 9 11.78 5.06 -3.35
C PRO A 9 11.18 5.60 -4.65
N PRO A 10 11.91 5.43 -5.76
CA PRO A 10 11.47 5.89 -7.07
C PRO A 10 10.30 5.09 -7.62
N TRP A 11 10.38 3.77 -7.48
CA TRP A 11 9.33 2.89 -7.95
C TRP A 11 7.99 3.25 -7.32
N ALA A 12 8.04 4.02 -6.24
CA ALA A 12 6.83 4.44 -5.55
C ALA A 12 6.05 5.46 -6.37
N PRO A 13 4.71 5.40 -6.29
CA PRO A 13 3.83 6.31 -7.02
C PRO A 13 3.89 7.73 -6.47
N ARG A 14 4.12 8.69 -7.35
CA ARG A 14 4.20 10.09 -6.96
C ARG A 14 2.93 10.53 -6.25
N SER A 15 1.79 10.05 -6.74
CA SER A 15 0.49 10.39 -6.15
C SER A 15 -0.20 9.15 -5.62
N TYR A 16 -0.66 9.22 -4.37
CA TYR A 16 -1.34 8.10 -3.74
C TYR A 16 -2.24 8.57 -2.61
N LEU A 17 -3.43 7.96 -2.51
CA LEU A 17 -4.38 8.32 -1.46
C LEU A 17 -3.71 8.35 -0.09
N GLU A 18 -3.31 7.17 0.39
CA GLU A 18 -2.66 7.07 1.69
C GLU A 18 -1.62 5.95 1.68
N LYS A 19 -0.89 5.81 2.79
CA LYS A 19 0.12 4.79 2.92
C LYS A 19 -0.23 3.80 4.02
N VAL A 20 -0.24 2.51 3.68
CA VAL A 20 -0.56 1.47 4.65
C VAL A 20 0.60 0.48 4.80
N VAL A 21 0.62 -0.25 5.91
CA VAL A 21 1.66 -1.22 6.17
C VAL A 21 1.07 -2.62 6.32
N ALA A 22 1.79 -3.62 5.83
CA ALA A 22 1.35 -5.01 5.93
C ALA A 22 1.61 -5.58 7.31
N ILE A 23 0.53 -5.90 8.02
CA ILE A 23 0.65 -6.46 9.36
C ILE A 23 0.65 -7.99 9.34
N TYR A 24 0.36 -8.54 8.16
CA TYR A 24 0.31 -9.99 7.99
C TYR A 24 0.73 -10.39 6.59
N ASP A 25 1.17 -11.63 6.44
CA ASP A 25 1.60 -12.15 5.13
C ASP A 25 0.40 -12.58 4.30
N TYR A 26 0.33 -12.08 3.07
CA TYR A 26 -0.76 -12.43 2.16
C TYR A 26 -0.23 -12.76 0.76
N THR A 27 -0.68 -13.89 0.23
CA THR A 27 -0.25 -14.32 -1.10
C THR A 27 -1.37 -14.16 -2.11
N LYS A 28 -1.27 -13.14 -2.95
CA LYS A 28 -2.28 -12.87 -3.96
C LYS A 28 -2.82 -14.18 -4.55
N ASP A 29 -4.13 -14.36 -4.45
CA ASP A 29 -4.77 -15.57 -4.96
C ASP A 29 -5.01 -15.45 -6.46
N LYS A 30 -4.79 -14.27 -7.01
CA LYS A 30 -4.97 -14.03 -8.44
C LYS A 30 -3.81 -13.24 -9.01
N GLU A 31 -3.91 -12.86 -10.28
CA GLU A 31 -2.87 -12.10 -10.95
C GLU A 31 -3.07 -10.61 -10.74
N ASP A 32 -4.27 -10.22 -10.32
CA ASP A 32 -4.58 -8.82 -10.08
C ASP A 32 -4.25 -8.43 -8.64
N GLU A 33 -4.18 -9.42 -7.77
CA GLU A 33 -3.86 -9.17 -6.36
C GLU A 33 -2.37 -8.96 -6.17
N LEU A 34 -1.99 -8.45 -5.00
CA LEU A 34 -0.59 -8.20 -4.69
C LEU A 34 -0.15 -9.00 -3.47
N SER A 35 1.02 -9.63 -3.57
CA SER A 35 1.56 -10.42 -2.49
C SER A 35 2.61 -9.64 -1.69
N PHE A 36 2.65 -9.87 -0.39
CA PHE A 36 3.60 -9.20 0.48
C PHE A 36 3.71 -9.89 1.83
N GLN A 37 4.79 -9.62 2.55
CA GLN A 37 5.01 -10.22 3.86
C GLN A 37 4.80 -9.21 4.97
N GLU A 38 4.83 -9.68 6.21
CA GLU A 38 4.63 -8.80 7.37
C GLU A 38 5.79 -7.82 7.50
N GLY A 39 5.49 -6.53 7.27
CA GLY A 39 6.50 -5.51 7.38
C GLY A 39 6.65 -4.71 6.09
N ALA A 40 6.13 -5.25 5.00
CA ALA A 40 6.20 -4.59 3.70
C ALA A 40 5.32 -3.33 3.69
N ILE A 41 5.76 -2.32 2.95
CA ILE A 41 5.01 -1.08 2.83
C ILE A 41 4.31 -0.97 1.49
N ILE A 42 3.09 -0.43 1.51
CA ILE A 42 2.31 -0.28 0.29
C ILE A 42 1.65 1.10 0.23
N TYR A 43 1.59 1.67 -0.96
CA TYR A 43 0.99 2.98 -1.16
C TYR A 43 -0.38 2.87 -1.82
N VAL A 44 -1.43 3.06 -1.03
CA VAL A 44 -2.79 2.97 -1.53
C VAL A 44 -3.05 4.02 -2.61
N ILE A 45 -3.44 3.56 -3.79
CA ILE A 45 -3.71 4.47 -4.90
C ILE A 45 -5.12 4.26 -5.44
N LYS A 46 -5.74 3.15 -5.06
CA LYS A 46 -7.09 2.83 -5.51
C LYS A 46 -7.92 2.28 -4.35
N LYS A 47 -9.23 2.54 -4.39
CA LYS A 47 -10.13 2.07 -3.35
C LYS A 47 -11.21 1.16 -3.94
N ASN A 48 -11.85 0.38 -3.08
CA ASN A 48 -12.90 -0.53 -3.51
C ASN A 48 -14.12 -0.43 -2.61
N ASP A 49 -15.10 -1.29 -2.84
CA ASP A 49 -16.32 -1.30 -2.05
C ASP A 49 -16.39 -2.53 -1.15
N ASP A 50 -15.75 -3.61 -1.60
CA ASP A 50 -15.74 -4.86 -0.85
C ASP A 50 -14.44 -5.01 -0.07
N GLY A 51 -13.97 -3.90 0.50
CA GLY A 51 -12.74 -3.93 1.27
C GLY A 51 -11.54 -4.35 0.43
N TRP A 52 -11.01 -3.41 -0.34
CA TRP A 52 -9.86 -3.69 -1.20
C TRP A 52 -9.18 -2.40 -1.64
N TYR A 53 -7.86 -2.39 -1.61
CA TYR A 53 -7.09 -1.21 -2.01
C TYR A 53 -5.96 -1.60 -2.96
N GLU A 54 -5.78 -0.81 -4.01
CA GLU A 54 -4.74 -1.05 -4.99
C GLU A 54 -3.48 -0.23 -4.68
N GLY A 55 -2.39 -0.92 -4.37
CA GLY A 55 -1.15 -0.25 -4.05
C GLY A 55 0.00 -0.73 -4.90
N VAL A 56 1.15 -0.06 -4.78
CA VAL A 56 2.34 -0.43 -5.54
C VAL A 56 3.43 -0.96 -4.62
N MET A 57 4.11 -2.01 -5.07
CA MET A 57 5.18 -2.62 -4.29
C MET A 57 6.24 -3.22 -5.20
N ASN A 58 7.50 -3.13 -4.79
CA ASN A 58 8.60 -3.67 -5.58
C ASN A 58 8.35 -3.50 -7.08
N GLY A 59 7.75 -2.37 -7.44
CA GLY A 59 7.45 -2.11 -8.85
C GLY A 59 6.15 -2.76 -9.29
N VAL A 60 5.85 -3.92 -8.72
CA VAL A 60 4.62 -4.64 -9.07
C VAL A 60 3.41 -4.00 -8.42
N THR A 61 2.31 -3.91 -9.16
CA THR A 61 1.08 -3.32 -8.66
C THR A 61 -0.03 -4.36 -8.56
N GLY A 62 -0.89 -4.21 -7.57
CA GLY A 62 -1.99 -5.14 -7.39
C GLY A 62 -2.97 -4.69 -6.33
N LEU A 63 -4.03 -5.46 -6.13
CA LEU A 63 -5.05 -5.13 -5.14
C LEU A 63 -4.92 -6.02 -3.91
N PHE A 64 -4.98 -5.41 -2.73
CA PHE A 64 -4.87 -6.15 -1.47
C PHE A 64 -6.06 -5.86 -0.56
N PRO A 65 -6.39 -6.81 0.31
CA PRO A 65 -7.50 -6.69 1.25
C PRO A 65 -7.23 -5.66 2.33
N GLY A 66 -8.28 -4.93 2.73
CA GLY A 66 -8.12 -3.92 3.76
C GLY A 66 -8.15 -4.51 5.16
N ASN A 67 -7.57 -5.69 5.31
CA ASN A 67 -7.54 -6.37 6.60
C ASN A 67 -6.12 -6.77 6.96
N TYR A 68 -5.30 -7.05 5.95
CA TYR A 68 -3.92 -7.45 6.16
C TYR A 68 -2.99 -6.23 6.16
N VAL A 69 -3.57 -5.06 6.33
CA VAL A 69 -2.80 -3.82 6.35
C VAL A 69 -3.43 -2.80 7.28
N GLU A 70 -2.66 -1.80 7.67
CA GLU A 70 -3.14 -0.75 8.56
C GLU A 70 -2.63 0.62 8.13
N SER A 71 -3.40 1.65 8.43
CA SER A 71 -3.02 3.03 8.07
C SER A 71 -2.12 3.64 9.13
N ILE A 72 -0.85 3.82 8.78
CA ILE A 72 0.12 4.40 9.71
C ILE A 72 0.26 5.91 9.49
N SER A 73 -0.03 6.34 8.27
CA SER A 73 0.06 7.76 7.92
C SER A 73 -1.09 8.54 8.52
N GLY A 74 -2.31 8.21 8.10
CA GLY A 74 -3.48 8.89 8.61
C GLY A 74 -4.52 7.93 9.18
N PRO A 75 -5.77 8.41 9.31
CA PRO A 75 -6.87 7.60 9.84
C PRO A 75 -7.29 6.49 8.88
N SER A 76 -8.26 5.69 9.30
CA SER A 76 -8.75 4.59 8.48
C SER A 76 -10.14 4.91 7.92
N SER A 77 -10.23 5.00 6.60
CA SER A 77 -11.49 5.31 5.94
C SER A 77 -12.35 4.05 5.81
N GLY A 78 -13.64 4.19 6.06
CA GLY A 78 -14.55 3.07 5.97
C GLY A 78 -14.42 2.12 7.14
N GLY A 1 12.57 27.60 -3.99
CA GLY A 1 11.48 26.87 -3.40
C GLY A 1 11.81 25.41 -3.18
N SER A 2 11.22 24.81 -2.15
CA SER A 2 11.47 23.39 -1.84
C SER A 2 10.19 22.59 -1.97
N SER A 3 10.00 21.98 -3.13
CA SER A 3 8.82 21.16 -3.40
C SER A 3 9.16 19.96 -4.28
N GLY A 4 8.35 18.92 -4.20
CA GLY A 4 8.58 17.73 -4.99
C GLY A 4 8.95 16.52 -4.15
N SER A 5 8.00 15.62 -3.96
CA SER A 5 8.24 14.42 -3.17
C SER A 5 9.67 13.93 -3.33
N SER A 6 10.49 14.17 -2.31
CA SER A 6 11.89 13.75 -2.35
C SER A 6 12.15 12.66 -1.32
N GLY A 7 12.78 11.58 -1.75
CA GLY A 7 13.09 10.48 -0.86
C GLY A 7 12.56 9.15 -1.36
N ASP A 8 11.29 9.14 -1.75
CA ASP A 8 10.67 7.91 -2.26
C ASP A 8 11.51 7.29 -3.37
N PRO A 9 11.40 5.96 -3.52
CA PRO A 9 12.14 5.21 -4.54
C PRO A 9 11.66 5.53 -5.95
N PRO A 10 12.43 5.06 -6.96
CA PRO A 10 12.09 5.27 -8.37
C PRO A 10 10.87 4.47 -8.80
N TRP A 11 10.71 3.29 -8.24
CA TRP A 11 9.58 2.42 -8.57
C TRP A 11 8.29 2.98 -7.99
N ALA A 12 8.40 3.66 -6.85
CA ALA A 12 7.24 4.25 -6.19
C ALA A 12 6.47 5.16 -7.15
N PRO A 13 5.14 5.23 -6.96
CA PRO A 13 4.26 6.05 -7.80
C PRO A 13 4.48 7.55 -7.56
N ARG A 14 4.34 8.34 -8.61
CA ARG A 14 4.52 9.78 -8.53
C ARG A 14 3.68 10.36 -7.39
N SER A 15 2.49 9.81 -7.20
CA SER A 15 1.59 10.26 -6.15
C SER A 15 0.54 9.20 -5.82
N TYR A 16 -0.01 9.28 -4.62
CA TYR A 16 -1.02 8.32 -4.17
C TYR A 16 -1.97 8.96 -3.18
N LEU A 17 -2.93 8.18 -2.70
CA LEU A 17 -3.92 8.66 -1.75
C LEU A 17 -3.38 8.58 -0.32
N GLU A 18 -3.14 7.36 0.15
CA GLU A 18 -2.61 7.14 1.48
C GLU A 18 -1.56 6.03 1.49
N LYS A 19 -0.97 5.80 2.65
CA LYS A 19 0.05 4.77 2.79
C LYS A 19 -0.36 3.73 3.84
N VAL A 20 -0.26 2.46 3.47
CA VAL A 20 -0.63 1.37 4.38
C VAL A 20 0.54 0.41 4.57
N VAL A 21 0.48 -0.37 5.64
CA VAL A 21 1.53 -1.34 5.94
C VAL A 21 0.94 -2.74 6.12
N ALA A 22 1.72 -3.75 5.73
CA ALA A 22 1.29 -5.13 5.84
C ALA A 22 1.54 -5.67 7.25
N ILE A 23 0.47 -6.00 7.97
CA ILE A 23 0.58 -6.53 9.32
C ILE A 23 0.60 -8.05 9.31
N TYR A 24 0.37 -8.64 8.15
CA TYR A 24 0.36 -10.09 8.00
C TYR A 24 0.87 -10.50 6.63
N ASP A 25 1.24 -11.78 6.50
CA ASP A 25 1.74 -12.31 5.23
C ASP A 25 0.59 -12.75 4.33
N TYR A 26 0.52 -12.16 3.14
CA TYR A 26 -0.53 -12.49 2.19
C TYR A 26 0.04 -12.68 0.78
N THR A 27 -0.03 -13.90 0.28
CA THR A 27 0.48 -14.21 -1.05
C THR A 27 -0.64 -14.20 -2.09
N LYS A 28 -0.67 -13.16 -2.92
CA LYS A 28 -1.69 -13.04 -3.95
C LYS A 28 -2.04 -14.41 -4.53
N ASP A 29 -3.34 -14.67 -4.65
CA ASP A 29 -3.81 -15.95 -5.19
C ASP A 29 -3.99 -15.86 -6.70
N LYS A 30 -4.27 -14.66 -7.20
CA LYS A 30 -4.46 -14.43 -8.63
C LYS A 30 -3.59 -13.28 -9.12
N GLU A 31 -3.43 -13.20 -10.44
CA GLU A 31 -2.62 -12.14 -11.03
C GLU A 31 -3.09 -10.76 -10.57
N ASP A 32 -4.41 -10.60 -10.48
CA ASP A 32 -5.00 -9.34 -10.05
C ASP A 32 -4.86 -9.16 -8.54
N GLU A 33 -3.66 -9.38 -8.02
CA GLU A 33 -3.41 -9.25 -6.60
C GLU A 33 -1.93 -8.99 -6.33
N LEU A 34 -1.60 -8.59 -5.10
CA LEU A 34 -0.23 -8.30 -4.72
C LEU A 34 0.20 -9.17 -3.53
N SER A 35 1.47 -9.54 -3.51
CA SER A 35 2.01 -10.36 -2.43
C SER A 35 2.95 -9.56 -1.53
N PHE A 36 2.93 -9.86 -0.24
CA PHE A 36 3.78 -9.16 0.71
C PHE A 36 3.76 -9.86 2.06
N GLN A 37 4.88 -9.79 2.78
CA GLN A 37 5.00 -10.42 4.09
C GLN A 37 4.91 -9.38 5.20
N GLU A 38 4.45 -9.81 6.37
CA GLU A 38 4.31 -8.92 7.52
C GLU A 38 5.50 -7.95 7.59
N GLY A 39 5.22 -6.68 7.33
CA GLY A 39 6.28 -5.67 7.37
C GLY A 39 6.62 -5.13 6.00
N ALA A 40 5.60 -4.84 5.20
CA ALA A 40 5.80 -4.31 3.86
C ALA A 40 5.03 -3.01 3.66
N ILE A 41 5.73 -2.00 3.14
CA ILE A 41 5.12 -0.70 2.90
C ILE A 41 4.48 -0.65 1.51
N ILE A 42 3.27 -0.09 1.44
CA ILE A 42 2.56 0.02 0.17
C ILE A 42 1.85 1.37 0.07
N TYR A 43 1.73 1.87 -1.16
CA TYR A 43 1.07 3.15 -1.40
C TYR A 43 -0.33 2.95 -1.97
N VAL A 44 -1.34 3.34 -1.22
CA VAL A 44 -2.72 3.20 -1.65
C VAL A 44 -3.07 4.24 -2.71
N ILE A 45 -3.50 3.76 -3.88
CA ILE A 45 -3.87 4.65 -4.97
C ILE A 45 -5.30 4.40 -5.43
N LYS A 46 -5.92 3.36 -4.87
CA LYS A 46 -7.29 3.02 -5.21
C LYS A 46 -8.09 2.66 -3.96
N LYS A 47 -9.37 3.03 -3.95
CA LYS A 47 -10.24 2.75 -2.82
C LYS A 47 -11.44 1.92 -3.26
N ASN A 48 -11.41 0.62 -2.96
CA ASN A 48 -12.50 -0.28 -3.32
C ASN A 48 -13.70 -0.06 -2.40
N ASP A 49 -14.72 -0.90 -2.56
CA ASP A 49 -15.93 -0.80 -1.76
C ASP A 49 -15.91 -1.83 -0.63
N ASP A 50 -14.95 -2.73 -0.68
CA ASP A 50 -14.82 -3.77 0.35
C ASP A 50 -13.46 -3.69 1.03
N GLY A 51 -13.01 -2.47 1.29
CA GLY A 51 -11.73 -2.27 1.93
C GLY A 51 -10.57 -2.40 0.97
N TRP A 52 -10.62 -3.43 0.12
CA TRP A 52 -9.56 -3.66 -0.86
C TRP A 52 -8.98 -2.35 -1.35
N TYR A 53 -7.65 -2.30 -1.48
CA TYR A 53 -6.96 -1.10 -1.95
C TYR A 53 -5.87 -1.46 -2.95
N GLU A 54 -5.79 -0.65 -4.01
CA GLU A 54 -4.78 -0.88 -5.06
C GLU A 54 -3.53 -0.05 -4.79
N GLY A 55 -2.41 -0.73 -4.56
CA GLY A 55 -1.17 -0.04 -4.30
C GLY A 55 0.01 -0.67 -5.02
N VAL A 56 1.11 0.07 -5.12
CA VAL A 56 2.30 -0.41 -5.80
C VAL A 56 3.33 -0.94 -4.80
N MET A 57 4.06 -1.97 -5.21
CA MET A 57 5.08 -2.57 -4.33
C MET A 57 6.20 -3.19 -5.16
N ASN A 58 7.41 -2.68 -4.98
CA ASN A 58 8.57 -3.18 -5.72
C ASN A 58 8.28 -3.25 -7.21
N GLY A 59 7.65 -2.21 -7.73
CA GLY A 59 7.33 -2.18 -9.15
C GLY A 59 6.07 -2.97 -9.48
N VAL A 60 5.93 -4.13 -8.85
CA VAL A 60 4.77 -4.98 -9.08
C VAL A 60 3.54 -4.44 -8.37
N THR A 61 2.50 -4.15 -9.14
CA THR A 61 1.26 -3.63 -8.59
C THR A 61 0.20 -4.71 -8.47
N GLY A 62 -0.57 -4.67 -7.39
CA GLY A 62 -1.61 -5.67 -7.18
C GLY A 62 -2.58 -5.26 -6.09
N LEU A 63 -3.81 -5.79 -6.18
CA LEU A 63 -4.83 -5.47 -5.18
C LEU A 63 -4.65 -6.31 -3.93
N PHE A 64 -5.02 -5.73 -2.79
CA PHE A 64 -4.90 -6.42 -1.51
C PHE A 64 -6.01 -5.99 -0.55
N PRO A 65 -6.42 -6.92 0.33
CA PRO A 65 -7.48 -6.66 1.31
C PRO A 65 -7.03 -5.69 2.40
N GLY A 66 -7.92 -4.78 2.79
CA GLY A 66 -7.59 -3.82 3.82
C GLY A 66 -7.55 -4.44 5.20
N ASN A 67 -7.89 -5.73 5.28
CA ASN A 67 -7.90 -6.44 6.55
C ASN A 67 -6.49 -6.91 6.92
N TYR A 68 -5.67 -7.15 5.90
CA TYR A 68 -4.30 -7.61 6.11
C TYR A 68 -3.35 -6.42 6.21
N VAL A 69 -3.90 -5.22 6.27
CA VAL A 69 -3.10 -4.01 6.37
C VAL A 69 -3.67 -3.06 7.40
N GLU A 70 -2.91 -2.02 7.74
CA GLU A 70 -3.34 -1.03 8.72
C GLU A 70 -2.92 0.37 8.29
N SER A 71 -3.72 1.36 8.69
CA SER A 71 -3.43 2.75 8.36
C SER A 71 -2.47 3.37 9.35
N ILE A 72 -1.26 3.70 8.88
CA ILE A 72 -0.24 4.30 9.73
C ILE A 72 -0.10 5.79 9.46
N SER A 73 -0.33 6.19 8.20
CA SER A 73 -0.22 7.58 7.81
C SER A 73 -1.44 8.37 8.30
N GLY A 74 -2.63 7.89 7.96
CA GLY A 74 -3.84 8.57 8.37
C GLY A 74 -3.96 8.68 9.88
N PRO A 75 -4.93 9.49 10.34
CA PRO A 75 -5.16 9.70 11.78
C PRO A 75 -5.73 8.46 12.46
N SER A 76 -5.90 8.54 13.78
CA SER A 76 -6.45 7.42 14.55
C SER A 76 -7.20 7.93 15.77
N SER A 77 -8.22 7.20 16.18
CA SER A 77 -9.04 7.57 17.33
C SER A 77 -8.82 6.58 18.48
N GLY A 78 -8.88 5.29 18.17
CA GLY A 78 -8.70 4.27 19.17
C GLY A 78 -9.93 3.42 19.38
N GLY A 1 18.42 6.40 -10.75
CA GLY A 1 17.43 6.26 -9.70
C GLY A 1 17.56 7.33 -8.64
N SER A 2 16.45 8.01 -8.35
CA SER A 2 16.43 9.08 -7.36
C SER A 2 16.53 8.50 -5.94
N SER A 3 17.49 9.00 -5.18
CA SER A 3 17.69 8.53 -3.81
C SER A 3 18.61 9.48 -3.05
N GLY A 4 18.60 9.36 -1.72
CA GLY A 4 19.44 10.21 -0.89
C GLY A 4 19.13 10.07 0.58
N SER A 5 18.41 11.04 1.13
CA SER A 5 18.05 11.04 2.54
C SER A 5 16.65 10.46 2.74
N SER A 6 16.56 9.13 2.75
CA SER A 6 15.28 8.45 2.93
C SER A 6 14.29 8.87 1.84
N GLY A 7 14.74 8.83 0.59
CA GLY A 7 13.89 9.20 -0.51
C GLY A 7 13.17 8.01 -1.12
N ASP A 8 11.85 8.11 -1.24
CA ASP A 8 11.05 7.03 -1.81
C ASP A 8 11.70 6.49 -3.08
N PRO A 9 11.50 5.19 -3.33
CA PRO A 9 12.05 4.52 -4.51
C PRO A 9 11.38 4.97 -5.81
N PRO A 10 12.04 4.68 -6.94
CA PRO A 10 11.52 5.05 -8.26
C PRO A 10 10.29 4.25 -8.65
N TRP A 11 10.23 3.00 -8.21
CA TRP A 11 9.11 2.12 -8.51
C TRP A 11 7.82 2.66 -7.89
N ALA A 12 7.97 3.47 -6.86
CA ALA A 12 6.82 4.06 -6.17
C ALA A 12 6.06 5.01 -7.09
N PRO A 13 4.74 5.09 -6.90
CA PRO A 13 3.88 5.97 -7.71
C PRO A 13 4.11 7.45 -7.41
N ARG A 14 3.92 8.29 -8.42
CA ARG A 14 4.11 9.72 -8.27
C ARG A 14 3.28 10.26 -7.11
N SER A 15 2.02 9.83 -7.03
CA SER A 15 1.11 10.26 -5.99
C SER A 15 0.16 9.14 -5.58
N TYR A 16 -0.50 9.33 -4.44
CA TYR A 16 -1.45 8.33 -3.94
C TYR A 16 -2.42 8.95 -2.95
N LEU A 17 -3.31 8.12 -2.41
CA LEU A 17 -4.30 8.60 -1.44
C LEU A 17 -3.72 8.60 -0.03
N GLU A 18 -3.24 7.45 0.42
CA GLU A 18 -2.67 7.32 1.75
C GLU A 18 -1.65 6.19 1.79
N LYS A 19 -1.05 5.99 2.97
CA LYS A 19 -0.06 4.93 3.15
C LYS A 19 -0.57 3.85 4.10
N VAL A 20 -0.05 2.64 3.95
CA VAL A 20 -0.46 1.52 4.80
C VAL A 20 0.67 0.50 4.93
N VAL A 21 0.74 -0.14 6.10
CA VAL A 21 1.76 -1.14 6.35
C VAL A 21 1.14 -2.51 6.60
N ALA A 22 1.77 -3.54 6.05
CA ALA A 22 1.29 -4.91 6.21
C ALA A 22 1.70 -5.48 7.56
N ILE A 23 0.75 -6.14 8.22
CA ILE A 23 1.01 -6.75 9.53
C ILE A 23 0.90 -8.26 9.47
N TYR A 24 0.30 -8.77 8.39
CA TYR A 24 0.13 -10.20 8.22
C TYR A 24 0.63 -10.65 6.85
N ASP A 25 0.82 -11.95 6.69
CA ASP A 25 1.31 -12.50 5.43
C ASP A 25 0.15 -12.79 4.48
N TYR A 26 0.21 -12.22 3.29
CA TYR A 26 -0.84 -12.41 2.29
C TYR A 26 -0.29 -13.10 1.05
N THR A 27 -1.18 -13.69 0.26
CA THR A 27 -0.79 -14.38 -0.95
C THR A 27 -1.68 -13.99 -2.13
N LYS A 28 -1.06 -13.67 -3.25
CA LYS A 28 -1.80 -13.28 -4.45
C LYS A 28 -2.33 -14.49 -5.19
N ASP A 29 -3.58 -14.41 -5.63
CA ASP A 29 -4.20 -15.52 -6.36
C ASP A 29 -4.17 -15.27 -7.85
N LYS A 30 -4.25 -13.99 -8.24
CA LYS A 30 -4.23 -13.62 -9.65
C LYS A 30 -2.92 -12.91 -10.01
N GLU A 31 -2.64 -12.83 -11.31
CA GLU A 31 -1.42 -12.18 -11.78
C GLU A 31 -1.58 -10.66 -11.76
N ASP A 32 -2.72 -10.19 -11.26
CA ASP A 32 -3.00 -8.75 -11.20
C ASP A 32 -2.92 -8.26 -9.76
N GLU A 33 -3.19 -9.15 -8.81
CA GLU A 33 -3.17 -8.81 -7.39
C GLU A 33 -1.74 -8.55 -6.92
N LEU A 34 -1.59 -8.26 -5.64
CA LEU A 34 -0.27 -7.99 -5.05
C LEU A 34 0.00 -8.93 -3.88
N SER A 35 1.24 -9.41 -3.79
CA SER A 35 1.62 -10.32 -2.71
C SER A 35 2.69 -9.68 -1.83
N PHE A 36 2.42 -9.62 -0.53
CA PHE A 36 3.35 -9.03 0.42
C PHE A 36 3.25 -9.71 1.77
N GLN A 37 4.32 -9.63 2.56
CA GLN A 37 4.36 -10.24 3.87
C GLN A 37 4.46 -9.18 4.98
N GLU A 38 4.29 -9.61 6.22
CA GLU A 38 4.36 -8.70 7.35
C GLU A 38 5.58 -7.77 7.23
N GLY A 39 5.37 -6.50 7.54
CA GLY A 39 6.46 -5.53 7.45
C GLY A 39 6.75 -5.11 6.04
N ALA A 40 5.69 -4.79 5.28
CA ALA A 40 5.85 -4.36 3.90
C ALA A 40 5.16 -3.02 3.66
N ILE A 41 5.84 -2.14 2.93
CA ILE A 41 5.30 -0.82 2.64
C ILE A 41 4.48 -0.84 1.36
N ILE A 42 3.31 -0.20 1.40
CA ILE A 42 2.43 -0.14 0.24
C ILE A 42 1.77 1.23 0.12
N TYR A 43 1.59 1.69 -1.11
CA TYR A 43 0.96 2.99 -1.36
C TYR A 43 -0.42 2.81 -2.00
N VAL A 44 -1.45 3.11 -1.23
CA VAL A 44 -2.82 2.99 -1.70
C VAL A 44 -3.13 4.04 -2.76
N ILE A 45 -3.29 3.59 -4.01
CA ILE A 45 -3.58 4.49 -5.11
C ILE A 45 -5.03 4.34 -5.58
N LYS A 46 -5.67 3.26 -5.14
CA LYS A 46 -7.05 3.00 -5.51
C LYS A 46 -7.80 2.35 -4.36
N LYS A 47 -9.04 2.78 -4.15
CA LYS A 47 -9.87 2.24 -3.08
C LYS A 47 -11.29 1.95 -3.57
N ASN A 48 -11.58 0.68 -3.82
CA ASN A 48 -12.90 0.27 -4.30
C ASN A 48 -13.92 0.30 -3.17
N ASP A 49 -15.17 0.04 -3.51
CA ASP A 49 -16.25 0.03 -2.53
C ASP A 49 -16.21 -1.24 -1.68
N ASP A 50 -15.03 -1.57 -1.18
CA ASP A 50 -14.86 -2.77 -0.36
C ASP A 50 -13.54 -2.71 0.40
N GLY A 51 -13.24 -3.78 1.14
CA GLY A 51 -12.02 -3.84 1.92
C GLY A 51 -10.82 -4.26 1.09
N TRP A 52 -10.65 -3.60 -0.06
CA TRP A 52 -9.54 -3.92 -0.95
C TRP A 52 -9.07 -2.67 -1.71
N TYR A 53 -7.81 -2.31 -1.54
CA TYR A 53 -7.26 -1.14 -2.21
C TYR A 53 -6.10 -1.54 -3.13
N GLU A 54 -5.93 -0.78 -4.21
CA GLU A 54 -4.87 -1.05 -5.17
C GLU A 54 -3.63 -0.22 -4.86
N GLY A 55 -2.50 -0.89 -4.66
CA GLY A 55 -1.27 -0.19 -4.36
C GLY A 55 -0.09 -0.72 -5.17
N VAL A 56 1.07 -0.09 -5.00
CA VAL A 56 2.27 -0.50 -5.71
C VAL A 56 3.35 -0.96 -4.74
N MET A 57 4.11 -1.98 -5.15
CA MET A 57 5.19 -2.51 -4.32
C MET A 57 6.24 -3.21 -5.17
N ASN A 58 7.50 -2.87 -4.95
CA ASN A 58 8.59 -3.47 -5.71
C ASN A 58 8.28 -3.49 -7.20
N GLY A 59 7.66 -2.41 -7.69
CA GLY A 59 7.32 -2.33 -9.09
C GLY A 59 6.05 -3.06 -9.43
N VAL A 60 5.81 -4.18 -8.75
CA VAL A 60 4.61 -4.98 -8.98
C VAL A 60 3.39 -4.32 -8.34
N THR A 61 2.35 -4.12 -9.15
CA THR A 61 1.12 -3.51 -8.66
C THR A 61 0.00 -4.53 -8.54
N GLY A 62 -0.92 -4.29 -7.61
CA GLY A 62 -2.03 -5.21 -7.42
C GLY A 62 -2.88 -4.85 -6.21
N LEU A 63 -4.09 -5.37 -6.16
CA LEU A 63 -5.01 -5.10 -5.06
C LEU A 63 -4.68 -5.98 -3.85
N PHE A 64 -5.22 -5.60 -2.69
CA PHE A 64 -4.98 -6.35 -1.47
C PHE A 64 -6.04 -6.02 -0.41
N PRO A 65 -6.31 -6.97 0.48
CA PRO A 65 -7.29 -6.80 1.54
C PRO A 65 -6.84 -5.80 2.61
N GLY A 66 -7.76 -4.95 3.04
CA GLY A 66 -7.44 -3.96 4.04
C GLY A 66 -7.14 -4.58 5.39
N ASN A 67 -8.09 -5.36 5.91
CA ASN A 67 -7.91 -6.00 7.20
C ASN A 67 -6.49 -6.54 7.36
N TYR A 68 -5.85 -6.81 6.24
CA TYR A 68 -4.48 -7.33 6.25
C TYR A 68 -3.48 -6.22 6.56
N VAL A 69 -3.68 -5.06 5.95
CA VAL A 69 -2.80 -3.92 6.16
C VAL A 69 -3.49 -2.83 6.98
N GLU A 70 -2.72 -2.19 7.86
CA GLU A 70 -3.25 -1.14 8.71
C GLU A 70 -2.86 0.25 8.18
N SER A 71 -3.51 1.28 8.69
CA SER A 71 -3.24 2.64 8.27
C SER A 71 -2.47 3.40 9.35
N ILE A 72 -1.17 3.60 9.10
CA ILE A 72 -0.32 4.30 10.06
C ILE A 72 -0.37 5.81 9.83
N SER A 73 -0.87 6.21 8.66
CA SER A 73 -0.98 7.62 8.32
C SER A 73 -2.13 8.28 9.08
N GLY A 74 -2.06 9.60 9.19
CA GLY A 74 -3.11 10.34 9.90
C GLY A 74 -2.83 10.46 11.38
N PRO A 75 -3.84 10.91 12.14
CA PRO A 75 -3.72 11.09 13.59
C PRO A 75 -3.64 9.76 14.32
N SER A 76 -3.16 9.80 15.57
CA SER A 76 -3.03 8.58 16.38
C SER A 76 -4.39 8.17 16.95
N SER A 77 -4.49 6.91 17.35
CA SER A 77 -5.73 6.39 17.91
C SER A 77 -5.72 6.47 19.44
N GLY A 78 -6.66 7.23 19.99
CA GLY A 78 -6.74 7.39 21.43
C GLY A 78 -6.86 6.07 22.14
N GLY A 1 4.44 10.36 7.04
CA GLY A 1 5.74 10.49 7.68
C GLY A 1 6.89 10.21 6.73
N SER A 2 7.50 11.27 6.22
CA SER A 2 8.61 11.14 5.28
C SER A 2 9.94 11.38 6.00
N SER A 3 10.87 10.45 5.83
CA SER A 3 12.19 10.55 6.45
C SER A 3 13.21 9.69 5.71
N GLY A 4 14.48 10.04 5.87
CA GLY A 4 15.54 9.30 5.21
C GLY A 4 16.50 10.20 4.45
N SER A 5 17.35 9.60 3.62
CA SER A 5 18.32 10.36 2.84
C SER A 5 17.62 11.17 1.75
N SER A 6 16.89 10.48 0.89
CA SER A 6 16.18 11.14 -0.21
C SER A 6 14.68 11.17 0.07
N GLY A 7 14.11 10.02 0.41
CA GLY A 7 12.69 9.94 0.69
C GLY A 7 12.09 8.60 0.28
N ASP A 8 11.56 8.56 -0.94
CA ASP A 8 10.95 7.34 -1.46
C ASP A 8 11.73 6.81 -2.66
N PRO A 9 11.60 5.50 -2.92
CA PRO A 9 12.28 4.85 -4.04
C PRO A 9 11.72 5.27 -5.39
N PRO A 10 12.44 4.93 -6.46
CA PRO A 10 12.02 5.27 -7.84
C PRO A 10 10.82 4.47 -8.29
N TRP A 11 10.73 3.22 -7.81
CA TRP A 11 9.61 2.35 -8.17
C TRP A 11 8.30 2.89 -7.62
N ALA A 12 8.39 3.63 -6.52
CA ALA A 12 7.20 4.20 -5.90
C ALA A 12 6.46 5.11 -6.87
N PRO A 13 5.12 5.16 -6.73
CA PRO A 13 4.26 5.99 -7.59
C PRO A 13 4.44 7.48 -7.33
N ARG A 14 3.80 8.30 -8.14
CA ARG A 14 3.89 9.74 -7.99
C ARG A 14 2.86 10.25 -6.98
N SER A 15 1.64 9.73 -7.08
CA SER A 15 0.56 10.14 -6.18
C SER A 15 -0.22 8.92 -5.70
N TYR A 16 -0.82 9.03 -4.52
CA TYR A 16 -1.61 7.94 -3.95
C TYR A 16 -2.56 8.46 -2.87
N LEU A 17 -3.62 7.71 -2.63
CA LEU A 17 -4.61 8.09 -1.62
C LEU A 17 -3.98 8.18 -0.24
N GLU A 18 -3.55 7.03 0.28
CA GLU A 18 -2.92 6.98 1.60
C GLU A 18 -1.81 5.94 1.64
N LYS A 19 -1.23 5.74 2.81
CA LYS A 19 -0.15 4.76 2.98
C LYS A 19 -0.54 3.71 4.00
N VAL A 20 -0.30 2.44 3.65
CA VAL A 20 -0.62 1.34 4.55
C VAL A 20 0.58 0.41 4.73
N VAL A 21 0.55 -0.39 5.78
CA VAL A 21 1.63 -1.33 6.07
C VAL A 21 1.11 -2.74 6.23
N ALA A 22 1.87 -3.71 5.72
CA ALA A 22 1.48 -5.11 5.81
C ALA A 22 1.63 -5.63 7.23
N ILE A 23 0.52 -6.06 7.82
CA ILE A 23 0.53 -6.58 9.18
C ILE A 23 0.54 -8.11 9.19
N TYR A 24 -0.15 -8.70 8.21
CA TYR A 24 -0.21 -10.15 8.11
C TYR A 24 0.13 -10.61 6.69
N ASP A 25 0.96 -11.64 6.60
CA ASP A 25 1.37 -12.18 5.30
C ASP A 25 0.16 -12.59 4.48
N TYR A 26 0.03 -12.01 3.29
CA TYR A 26 -1.08 -12.31 2.40
C TYR A 26 -0.59 -12.86 1.07
N THR A 27 -1.13 -14.01 0.67
CA THR A 27 -0.74 -14.64 -0.58
C THR A 27 -1.72 -14.30 -1.69
N LYS A 28 -1.21 -13.73 -2.78
CA LYS A 28 -2.05 -13.35 -3.91
C LYS A 28 -2.43 -14.58 -4.74
N ASP A 29 -3.71 -14.71 -5.04
CA ASP A 29 -4.21 -15.83 -5.83
C ASP A 29 -4.27 -15.48 -7.31
N LYS A 30 -4.85 -14.32 -7.61
CA LYS A 30 -4.98 -13.86 -8.99
C LYS A 30 -3.98 -12.76 -9.28
N GLU A 31 -3.50 -12.72 -10.53
CA GLU A 31 -2.53 -11.71 -10.94
C GLU A 31 -2.94 -10.33 -10.45
N ASP A 32 -4.26 -10.11 -10.37
CA ASP A 32 -4.78 -8.82 -9.92
C ASP A 32 -4.35 -8.53 -8.48
N GLU A 33 -4.44 -9.54 -7.62
CA GLU A 33 -4.05 -9.39 -6.23
C GLU A 33 -2.55 -9.14 -6.09
N LEU A 34 -2.13 -8.69 -4.92
CA LEU A 34 -0.72 -8.41 -4.67
C LEU A 34 -0.20 -9.24 -3.49
N SER A 35 1.02 -9.74 -3.63
CA SER A 35 1.63 -10.55 -2.58
C SER A 35 2.59 -9.71 -1.73
N PHE A 36 2.44 -9.82 -0.41
CA PHE A 36 3.28 -9.07 0.50
C PHE A 36 3.44 -9.81 1.83
N GLN A 37 4.37 -9.36 2.66
CA GLN A 37 4.62 -9.98 3.95
C GLN A 37 4.58 -8.94 5.07
N GLU A 38 4.38 -9.41 6.29
CA GLU A 38 4.32 -8.52 7.45
C GLU A 38 5.57 -7.62 7.50
N GLY A 39 5.38 -6.34 7.23
CA GLY A 39 6.49 -5.41 7.25
C GLY A 39 6.81 -4.83 5.89
N ALA A 40 5.75 -4.46 5.16
CA ALA A 40 5.92 -3.90 3.82
C ALA A 40 5.15 -2.59 3.68
N ILE A 41 5.83 -1.57 3.15
CA ILE A 41 5.20 -0.26 2.97
C ILE A 41 4.58 -0.14 1.58
N ILE A 42 3.27 -0.31 1.51
CA ILE A 42 2.55 -0.22 0.25
C ILE A 42 1.78 1.09 0.14
N TYR A 43 1.83 1.71 -1.03
CA TYR A 43 1.14 2.98 -1.26
C TYR A 43 -0.26 2.73 -1.81
N VAL A 44 -1.26 3.22 -1.09
CA VAL A 44 -2.65 3.06 -1.50
C VAL A 44 -3.03 4.09 -2.56
N ILE A 45 -3.12 3.64 -3.81
CA ILE A 45 -3.48 4.52 -4.91
C ILE A 45 -4.98 4.46 -5.21
N LYS A 46 -5.56 3.28 -5.01
CA LYS A 46 -6.99 3.09 -5.25
C LYS A 46 -7.65 2.43 -4.04
N LYS A 47 -8.89 2.82 -3.77
CA LYS A 47 -9.64 2.27 -2.65
C LYS A 47 -11.08 1.97 -3.06
N ASN A 48 -11.49 0.72 -2.85
CA ASN A 48 -12.85 0.30 -3.20
C ASN A 48 -13.73 0.23 -1.97
N ASP A 49 -15.03 0.45 -2.15
CA ASP A 49 -15.98 0.41 -1.05
C ASP A 49 -15.65 -0.72 -0.08
N ASP A 50 -15.43 -1.91 -0.61
CA ASP A 50 -15.10 -3.06 0.21
C ASP A 50 -13.65 -3.01 0.67
N GLY A 51 -13.25 -3.99 1.48
CA GLY A 51 -11.88 -4.03 1.98
C GLY A 51 -10.89 -4.46 0.92
N TRP A 52 -10.71 -3.62 -0.09
CA TRP A 52 -9.78 -3.93 -1.18
C TRP A 52 -9.23 -2.65 -1.80
N TYR A 53 -7.94 -2.43 -1.62
CA TYR A 53 -7.29 -1.23 -2.18
C TYR A 53 -6.14 -1.62 -3.09
N GLU A 54 -5.81 -0.74 -4.03
CA GLU A 54 -4.73 -0.98 -4.97
C GLU A 54 -3.49 -0.15 -4.60
N GLY A 55 -2.33 -0.79 -4.63
CA GLY A 55 -1.10 -0.10 -4.29
C GLY A 55 0.10 -0.67 -5.02
N VAL A 56 1.15 0.13 -5.17
CA VAL A 56 2.36 -0.29 -5.85
C VAL A 56 3.39 -0.79 -4.86
N MET A 57 4.03 -1.91 -5.18
CA MET A 57 5.05 -2.50 -4.32
C MET A 57 6.21 -3.06 -5.14
N ASN A 58 7.40 -2.53 -4.92
CA ASN A 58 8.60 -2.98 -5.64
C ASN A 58 8.30 -3.14 -7.12
N GLY A 59 7.57 -2.17 -7.68
CA GLY A 59 7.23 -2.22 -9.09
C GLY A 59 6.01 -3.08 -9.36
N VAL A 60 5.76 -4.05 -8.49
CA VAL A 60 4.61 -4.93 -8.64
C VAL A 60 3.34 -4.27 -8.12
N THR A 61 2.30 -4.27 -8.95
CA THR A 61 1.03 -3.66 -8.58
C THR A 61 -0.06 -4.73 -8.44
N GLY A 62 -1.00 -4.49 -7.54
CA GLY A 62 -2.08 -5.44 -7.32
C GLY A 62 -3.02 -5.00 -6.21
N LEU A 63 -4.20 -5.60 -6.18
CA LEU A 63 -5.20 -5.27 -5.15
C LEU A 63 -5.02 -6.12 -3.91
N PHE A 64 -4.94 -5.47 -2.76
CA PHE A 64 -4.77 -6.18 -1.49
C PHE A 64 -5.93 -5.89 -0.55
N PRO A 65 -6.27 -6.89 0.28
CA PRO A 65 -7.37 -6.78 1.25
C PRO A 65 -7.04 -5.82 2.39
N GLY A 66 -7.89 -4.80 2.56
CA GLY A 66 -7.67 -3.82 3.61
C GLY A 66 -7.63 -4.45 4.99
N ASN A 67 -8.01 -5.73 5.06
CA ASN A 67 -8.02 -6.45 6.33
C ASN A 67 -6.60 -6.86 6.74
N TYR A 68 -5.76 -7.12 5.74
CA TYR A 68 -4.39 -7.53 6.00
C TYR A 68 -3.44 -6.34 5.87
N VAL A 69 -3.92 -5.16 6.28
CA VAL A 69 -3.11 -3.95 6.21
C VAL A 69 -3.68 -2.87 7.12
N GLU A 70 -2.81 -1.97 7.57
CA GLU A 70 -3.22 -0.89 8.45
C GLU A 70 -2.72 0.47 7.93
N SER A 71 -3.52 1.50 8.13
CA SER A 71 -3.16 2.84 7.67
C SER A 71 -2.30 3.55 8.71
N ILE A 72 -1.09 3.93 8.29
CA ILE A 72 -0.17 4.62 9.19
C ILE A 72 -0.19 6.12 8.94
N SER A 73 -0.42 6.52 7.70
CA SER A 73 -0.46 7.93 7.34
C SER A 73 -1.60 8.64 8.05
N GLY A 74 -1.47 9.94 8.23
CA GLY A 74 -2.48 10.72 8.90
C GLY A 74 -1.97 12.07 9.38
N PRO A 75 -2.90 12.97 9.72
CA PRO A 75 -2.56 14.31 10.21
C PRO A 75 -1.93 14.28 11.60
N SER A 76 -0.71 14.79 11.70
CA SER A 76 0.00 14.82 12.98
C SER A 76 0.03 13.43 13.61
N SER A 77 0.31 12.42 12.79
CA SER A 77 0.37 11.05 13.27
C SER A 77 1.70 10.39 12.86
N GLY A 78 2.27 9.62 13.78
CA GLY A 78 3.53 8.96 13.51
C GLY A 78 3.38 7.81 12.54
N GLY A 1 12.01 11.57 -8.22
CA GLY A 1 13.22 11.23 -8.95
C GLY A 1 14.45 11.88 -8.37
N SER A 2 14.59 13.18 -8.58
CA SER A 2 15.73 13.94 -8.08
C SER A 2 15.46 14.46 -6.67
N SER A 3 14.40 15.25 -6.54
CA SER A 3 14.03 15.83 -5.24
C SER A 3 13.11 14.89 -4.47
N GLY A 4 13.14 15.01 -3.15
CA GLY A 4 12.31 14.16 -2.31
C GLY A 4 12.45 14.48 -0.84
N SER A 5 11.34 14.91 -0.22
CA SER A 5 11.35 15.26 1.19
C SER A 5 11.27 14.01 2.06
N SER A 6 10.36 13.11 1.72
CA SER A 6 10.17 11.87 2.46
C SER A 6 11.28 10.87 2.15
N GLY A 7 11.43 10.55 0.88
CA GLY A 7 12.46 9.61 0.46
C GLY A 7 11.89 8.32 -0.10
N ASP A 8 10.90 8.46 -0.97
CA ASP A 8 10.26 7.29 -1.59
C ASP A 8 11.08 6.78 -2.76
N PRO A 9 10.89 5.49 -3.10
CA PRO A 9 11.61 4.85 -4.21
C PRO A 9 11.17 5.38 -5.57
N PRO A 10 11.95 5.07 -6.60
CA PRO A 10 11.67 5.50 -7.98
C PRO A 10 10.44 4.79 -8.56
N TRP A 11 10.26 3.53 -8.18
CA TRP A 11 9.13 2.74 -8.67
C TRP A 11 7.83 3.19 -8.01
N ALA A 12 7.93 3.69 -6.79
CA ALA A 12 6.76 4.17 -6.06
C ALA A 12 5.96 5.17 -6.89
N PRO A 13 4.64 5.23 -6.63
CA PRO A 13 3.74 6.14 -7.34
C PRO A 13 3.98 7.60 -6.97
N ARG A 14 4.06 8.45 -7.98
CA ARG A 14 4.27 9.88 -7.76
C ARG A 14 3.33 10.42 -6.69
N SER A 15 2.05 10.05 -6.79
CA SER A 15 1.05 10.50 -5.85
C SER A 15 0.13 9.34 -5.44
N TYR A 16 -0.60 9.53 -4.34
CA TYR A 16 -1.51 8.51 -3.85
C TYR A 16 -2.46 9.08 -2.80
N LEU A 17 -3.46 8.29 -2.41
CA LEU A 17 -4.42 8.72 -1.42
C LEU A 17 -3.84 8.64 -0.01
N GLU A 18 -3.29 7.49 0.33
CA GLU A 18 -2.68 7.28 1.65
C GLU A 18 -1.73 6.09 1.63
N LYS A 19 -1.01 5.91 2.73
CA LYS A 19 -0.06 4.81 2.84
C LYS A 19 -0.48 3.84 3.95
N VAL A 20 -0.20 2.55 3.74
CA VAL A 20 -0.56 1.53 4.70
C VAL A 20 0.60 0.54 4.90
N VAL A 21 0.54 -0.22 6.00
CA VAL A 21 1.57 -1.20 6.31
C VAL A 21 0.98 -2.58 6.49
N ALA A 22 1.68 -3.60 5.98
CA ALA A 22 1.22 -4.98 6.08
C ALA A 22 1.60 -5.57 7.43
N ILE A 23 0.62 -5.67 8.33
CA ILE A 23 0.85 -6.22 9.66
C ILE A 23 0.75 -7.75 9.64
N TYR A 24 0.33 -8.30 8.50
CA TYR A 24 0.19 -9.74 8.35
C TYR A 24 0.55 -10.17 6.94
N ASP A 25 1.31 -11.27 6.84
CA ASP A 25 1.71 -11.80 5.54
C ASP A 25 0.50 -12.29 4.75
N TYR A 26 0.46 -11.95 3.46
CA TYR A 26 -0.64 -12.36 2.60
C TYR A 26 -0.12 -12.82 1.24
N THR A 27 -0.54 -14.01 0.83
CA THR A 27 -0.13 -14.57 -0.46
C THR A 27 -1.18 -14.32 -1.53
N LYS A 28 -0.73 -14.22 -2.78
CA LYS A 28 -1.63 -13.98 -3.90
C LYS A 28 -2.06 -15.29 -4.53
N ASP A 29 -3.37 -15.44 -4.76
CA ASP A 29 -3.91 -16.64 -5.37
C ASP A 29 -4.03 -16.48 -6.89
N LYS A 30 -4.01 -15.25 -7.35
CA LYS A 30 -4.12 -14.95 -8.77
C LYS A 30 -3.14 -13.85 -9.18
N GLU A 31 -2.96 -13.68 -10.49
CA GLU A 31 -2.06 -12.67 -11.01
C GLU A 31 -2.74 -11.31 -11.07
N ASP A 32 -3.59 -11.03 -10.07
CA ASP A 32 -4.31 -9.76 -10.02
C ASP A 32 -4.10 -9.09 -8.66
N GLU A 33 -3.89 -9.90 -7.63
CA GLU A 33 -3.68 -9.39 -6.28
C GLU A 33 -2.20 -9.10 -6.03
N LEU A 34 -1.89 -8.72 -4.79
CA LEU A 34 -0.51 -8.41 -4.42
C LEU A 34 -0.11 -9.17 -3.16
N SER A 35 1.12 -9.67 -3.13
CA SER A 35 1.63 -10.42 -1.99
C SER A 35 2.66 -9.59 -1.22
N PHE A 36 2.60 -9.68 0.10
CA PHE A 36 3.53 -8.94 0.96
C PHE A 36 3.72 -9.64 2.30
N GLN A 37 4.73 -9.24 3.05
CA GLN A 37 5.02 -9.83 4.34
C GLN A 37 4.82 -8.81 5.46
N GLU A 38 4.85 -9.29 6.71
CA GLU A 38 4.67 -8.42 7.86
C GLU A 38 5.77 -7.36 7.93
N GLY A 39 5.43 -6.14 7.52
CA GLY A 39 6.41 -5.06 7.54
C GLY A 39 6.74 -4.56 6.14
N ALA A 40 5.72 -4.41 5.31
CA ALA A 40 5.91 -3.94 3.94
C ALA A 40 5.21 -2.60 3.73
N ILE A 41 5.85 -1.70 2.98
CA ILE A 41 5.28 -0.39 2.69
C ILE A 41 4.50 -0.40 1.38
N ILE A 42 3.22 -0.04 1.46
CA ILE A 42 2.37 0.00 0.29
C ILE A 42 1.68 1.35 0.15
N TYR A 43 1.66 1.88 -1.07
CA TYR A 43 1.02 3.16 -1.33
C TYR A 43 -0.35 2.98 -1.96
N VAL A 44 -1.40 3.25 -1.18
CA VAL A 44 -2.76 3.13 -1.65
C VAL A 44 -3.09 4.18 -2.70
N ILE A 45 -3.31 3.74 -3.93
CA ILE A 45 -3.63 4.65 -5.02
C ILE A 45 -5.06 4.43 -5.52
N LYS A 46 -5.74 3.45 -4.94
CA LYS A 46 -7.11 3.13 -5.32
C LYS A 46 -7.84 2.43 -4.18
N LYS A 47 -9.08 2.82 -3.95
CA LYS A 47 -9.90 2.22 -2.90
C LYS A 47 -11.32 1.96 -3.38
N ASN A 48 -11.70 0.68 -3.42
CA ASN A 48 -13.03 0.29 -3.87
C ASN A 48 -14.01 0.25 -2.70
N ASP A 49 -15.29 0.40 -3.00
CA ASP A 49 -16.32 0.38 -1.97
C ASP A 49 -16.08 -0.74 -0.97
N ASP A 50 -15.59 -1.87 -1.47
CA ASP A 50 -15.31 -3.02 -0.62
C ASP A 50 -13.92 -2.92 -0.01
N GLY A 51 -13.51 -3.95 0.71
CA GLY A 51 -12.20 -3.96 1.34
C GLY A 51 -11.09 -4.37 0.39
N TRP A 52 -10.64 -3.42 -0.42
CA TRP A 52 -9.58 -3.69 -1.39
C TRP A 52 -8.94 -2.39 -1.86
N TYR A 53 -7.63 -2.26 -1.65
CA TYR A 53 -6.90 -1.06 -2.05
C TYR A 53 -5.82 -1.41 -3.06
N GLU A 54 -5.72 -0.60 -4.12
CA GLU A 54 -4.72 -0.82 -5.16
C GLU A 54 -3.43 -0.07 -4.85
N GLY A 55 -2.38 -0.81 -4.54
CA GLY A 55 -1.11 -0.19 -4.22
C GLY A 55 0.03 -0.73 -5.07
N VAL A 56 1.19 -0.08 -4.99
CA VAL A 56 2.35 -0.50 -5.76
C VAL A 56 3.48 -0.96 -4.84
N MET A 57 4.02 -2.13 -5.12
CA MET A 57 5.11 -2.69 -4.32
C MET A 57 6.18 -3.30 -5.21
N ASN A 58 7.43 -2.86 -5.04
CA ASN A 58 8.54 -3.37 -5.83
C ASN A 58 8.22 -3.32 -7.32
N GLY A 59 7.53 -2.26 -7.73
CA GLY A 59 7.17 -2.11 -9.13
C GLY A 59 5.92 -2.88 -9.50
N VAL A 60 5.71 -4.01 -8.83
CA VAL A 60 4.55 -4.85 -9.08
C VAL A 60 3.32 -4.33 -8.36
N THR A 61 2.21 -4.22 -9.08
CA THR A 61 0.96 -3.74 -8.51
C THR A 61 -0.10 -4.83 -8.48
N GLY A 62 -0.92 -4.81 -7.44
CA GLY A 62 -1.97 -5.81 -7.30
C GLY A 62 -2.97 -5.46 -6.22
N LEU A 63 -4.23 -5.80 -6.44
CA LEU A 63 -5.29 -5.52 -5.48
C LEU A 63 -5.10 -6.35 -4.21
N PHE A 64 -5.02 -5.68 -3.07
CA PHE A 64 -4.85 -6.36 -1.79
C PHE A 64 -5.96 -5.98 -0.82
N PRO A 65 -6.26 -6.89 0.12
CA PRO A 65 -7.31 -6.68 1.12
C PRO A 65 -6.92 -5.62 2.15
N GLY A 66 -7.88 -4.77 2.51
CA GLY A 66 -7.62 -3.72 3.48
C GLY A 66 -7.75 -4.20 4.91
N ASN A 67 -7.47 -5.48 5.12
CA ASN A 67 -7.57 -6.08 6.46
C ASN A 67 -6.20 -6.56 6.93
N TYR A 68 -5.41 -7.06 6.00
CA TYR A 68 -4.07 -7.56 6.31
C TYR A 68 -3.08 -6.42 6.49
N VAL A 69 -3.58 -5.19 6.39
CA VAL A 69 -2.74 -4.00 6.53
C VAL A 69 -3.23 -3.14 7.68
N GLU A 70 -2.52 -2.04 7.93
CA GLU A 70 -2.87 -1.11 9.00
C GLU A 70 -2.62 0.32 8.59
N SER A 71 -3.66 1.16 8.67
CA SER A 71 -3.55 2.56 8.31
C SER A 71 -2.73 3.33 9.34
N ILE A 72 -1.49 3.63 8.99
CA ILE A 72 -0.60 4.37 9.89
C ILE A 72 -0.69 5.86 9.65
N SER A 73 -1.00 6.24 8.40
CA SER A 73 -1.12 7.65 8.04
C SER A 73 -1.98 8.40 9.05
N GLY A 74 -1.48 9.53 9.52
CA GLY A 74 -2.23 10.32 10.48
C GLY A 74 -3.61 10.69 9.99
N PRO A 75 -4.48 11.13 10.92
CA PRO A 75 -5.85 11.52 10.59
C PRO A 75 -5.92 12.81 9.78
N SER A 76 -7.11 13.16 9.32
CA SER A 76 -7.30 14.36 8.52
C SER A 76 -8.05 15.43 9.32
N SER A 77 -9.22 15.06 9.85
CA SER A 77 -10.03 15.98 10.63
C SER A 77 -9.22 16.56 11.78
N GLY A 78 -8.74 17.78 11.61
CA GLY A 78 -7.97 18.44 12.65
C GLY A 78 -8.83 19.14 13.67
N GLY A 1 4.78 21.37 -6.27
CA GLY A 1 5.20 20.33 -5.35
C GLY A 1 5.50 20.86 -3.97
N SER A 2 4.44 21.15 -3.21
CA SER A 2 4.60 21.69 -1.86
C SER A 2 4.68 20.56 -0.84
N SER A 3 5.41 19.51 -1.17
CA SER A 3 5.56 18.36 -0.29
C SER A 3 6.74 18.57 0.67
N GLY A 4 6.69 17.88 1.80
CA GLY A 4 7.75 18.00 2.79
C GLY A 4 9.02 17.27 2.37
N SER A 5 9.60 16.50 3.28
CA SER A 5 10.82 15.76 2.99
C SER A 5 10.67 14.92 1.73
N SER A 6 11.74 14.25 1.33
CA SER A 6 11.73 13.42 0.14
C SER A 6 12.27 12.02 0.43
N GLY A 7 11.37 11.08 0.66
CA GLY A 7 11.77 9.72 0.96
C GLY A 7 10.85 8.69 0.33
N ASP A 8 11.15 8.31 -0.90
CA ASP A 8 10.35 7.33 -1.62
C ASP A 8 11.18 6.60 -2.68
N PRO A 9 10.79 5.36 -2.98
CA PRO A 9 11.49 4.53 -3.98
C PRO A 9 11.29 5.06 -5.40
N PRO A 10 12.21 4.68 -6.30
CA PRO A 10 12.16 5.10 -7.70
C PRO A 10 11.01 4.44 -8.46
N TRP A 11 10.21 3.66 -7.76
CA TRP A 11 9.08 2.98 -8.36
C TRP A 11 7.77 3.40 -7.70
N ALA A 12 7.80 4.53 -6.99
CA ALA A 12 6.63 5.04 -6.31
C ALA A 12 5.68 5.75 -7.29
N PRO A 13 4.37 5.61 -7.06
CA PRO A 13 3.35 6.23 -7.91
C PRO A 13 3.32 7.75 -7.77
N ARG A 14 2.83 8.42 -8.79
CA ARG A 14 2.74 9.88 -8.78
C ARG A 14 2.06 10.37 -7.50
N SER A 15 0.87 9.85 -7.24
CA SER A 15 0.11 10.24 -6.05
C SER A 15 -0.67 9.06 -5.49
N TYR A 16 -1.15 9.20 -4.26
CA TYR A 16 -1.91 8.15 -3.61
C TYR A 16 -2.77 8.71 -2.48
N LEU A 17 -3.84 8.00 -2.16
CA LEU A 17 -4.76 8.43 -1.10
C LEU A 17 -4.06 8.43 0.26
N GLU A 18 -3.34 7.34 0.54
CA GLU A 18 -2.62 7.21 1.81
C GLU A 18 -1.63 6.06 1.75
N LYS A 19 -0.90 5.86 2.84
CA LYS A 19 0.09 4.78 2.92
C LYS A 19 -0.26 3.80 4.03
N VAL A 20 -0.20 2.51 3.72
CA VAL A 20 -0.51 1.48 4.69
C VAL A 20 0.68 0.54 4.89
N VAL A 21 0.61 -0.30 5.93
CA VAL A 21 1.68 -1.23 6.22
C VAL A 21 1.14 -2.67 6.30
N ALA A 22 1.91 -3.60 5.72
CA ALA A 22 1.51 -5.00 5.71
C ALA A 22 1.62 -5.61 7.12
N ILE A 23 0.51 -5.57 7.85
CA ILE A 23 0.47 -6.10 9.20
C ILE A 23 0.57 -7.63 9.19
N TYR A 24 0.00 -8.25 8.17
CA TYR A 24 0.03 -9.70 8.03
C TYR A 24 0.51 -10.11 6.65
N ASP A 25 1.12 -11.29 6.57
CA ASP A 25 1.63 -11.80 5.30
C ASP A 25 0.52 -12.47 4.50
N TYR A 26 0.01 -11.77 3.50
CA TYR A 26 -1.06 -12.29 2.66
C TYR A 26 -0.52 -12.75 1.31
N THR A 27 -0.89 -13.96 0.91
CA THR A 27 -0.43 -14.51 -0.36
C THR A 27 -1.48 -14.31 -1.45
N LYS A 28 -1.18 -13.42 -2.38
CA LYS A 28 -2.09 -13.12 -3.49
C LYS A 28 -2.66 -14.40 -4.09
N ASP A 29 -3.93 -14.36 -4.47
CA ASP A 29 -4.58 -15.53 -5.06
C ASP A 29 -4.54 -15.46 -6.58
N LYS A 30 -4.93 -14.31 -7.12
CA LYS A 30 -4.93 -14.11 -8.57
C LYS A 30 -3.71 -13.31 -9.02
N GLU A 31 -3.57 -13.14 -10.33
CA GLU A 31 -2.44 -12.40 -10.88
C GLU A 31 -2.54 -10.92 -10.52
N ASP A 32 -3.76 -10.40 -10.55
CA ASP A 32 -3.99 -8.99 -10.23
C ASP A 32 -3.64 -8.69 -8.77
N GLU A 33 -4.00 -9.63 -7.89
CA GLU A 33 -3.72 -9.46 -6.46
C GLU A 33 -2.22 -9.26 -6.22
N LEU A 34 -1.89 -8.76 -5.04
CA LEU A 34 -0.50 -8.52 -4.68
C LEU A 34 -0.09 -9.34 -3.47
N SER A 35 1.13 -9.87 -3.49
CA SER A 35 1.63 -10.69 -2.39
C SER A 35 2.69 -9.92 -1.59
N PHE A 36 2.57 -9.95 -0.27
CA PHE A 36 3.51 -9.27 0.60
C PHE A 36 3.54 -9.91 1.99
N GLN A 37 4.67 -9.79 2.67
CA GLN A 37 4.82 -10.36 4.01
C GLN A 37 4.80 -9.26 5.07
N GLU A 38 4.52 -9.64 6.31
CA GLU A 38 4.48 -8.69 7.41
C GLU A 38 5.68 -7.75 7.37
N GLY A 39 5.43 -6.47 7.61
CA GLY A 39 6.50 -5.50 7.60
C GLY A 39 6.83 -5.02 6.20
N ALA A 40 5.80 -4.66 5.44
CA ALA A 40 5.99 -4.19 4.08
C ALA A 40 5.25 -2.87 3.84
N ILE A 41 5.86 -1.98 3.07
CA ILE A 41 5.25 -0.69 2.77
C ILE A 41 4.49 -0.73 1.45
N ILE A 42 3.33 -0.09 1.42
CA ILE A 42 2.50 -0.06 0.22
C ILE A 42 1.84 1.31 0.05
N TYR A 43 1.73 1.76 -1.20
CA TYR A 43 1.12 3.04 -1.50
C TYR A 43 -0.30 2.85 -2.03
N VAL A 44 -1.29 3.03 -1.16
CA VAL A 44 -2.68 2.87 -1.54
C VAL A 44 -3.09 3.94 -2.55
N ILE A 45 -3.03 3.59 -3.84
CA ILE A 45 -3.40 4.51 -4.90
C ILE A 45 -4.89 4.44 -5.21
N LYS A 46 -5.45 3.25 -5.09
CA LYS A 46 -6.87 3.04 -5.35
C LYS A 46 -7.55 2.38 -4.15
N LYS A 47 -8.82 2.70 -3.95
CA LYS A 47 -9.59 2.13 -2.85
C LYS A 47 -10.99 1.73 -3.31
N ASN A 48 -11.25 0.43 -3.32
CA ASN A 48 -12.55 -0.08 -3.74
C ASN A 48 -13.52 -0.14 -2.55
N ASP A 49 -14.81 0.00 -2.84
CA ASP A 49 -15.84 -0.02 -1.81
C ASP A 49 -15.55 -1.13 -0.80
N ASP A 50 -15.29 -2.33 -1.30
CA ASP A 50 -15.00 -3.47 -0.44
C ASP A 50 -13.61 -3.34 0.20
N GLY A 51 -13.28 -4.28 1.08
CA GLY A 51 -11.99 -4.25 1.74
C GLY A 51 -10.85 -4.65 0.82
N TRP A 52 -10.66 -3.90 -0.25
CA TRP A 52 -9.60 -4.18 -1.21
C TRP A 52 -9.12 -2.91 -1.89
N TYR A 53 -7.89 -2.51 -1.58
CA TYR A 53 -7.31 -1.30 -2.15
C TYR A 53 -6.14 -1.65 -3.07
N GLU A 54 -5.91 -0.80 -4.06
CA GLU A 54 -4.82 -1.00 -5.01
C GLU A 54 -3.61 -0.15 -4.66
N GLY A 55 -2.45 -0.79 -4.54
CA GLY A 55 -1.23 -0.07 -4.20
C GLY A 55 -0.02 -0.64 -4.90
N VAL A 56 1.05 0.16 -4.95
CA VAL A 56 2.29 -0.27 -5.60
C VAL A 56 3.29 -0.82 -4.57
N MET A 57 3.97 -1.89 -4.94
CA MET A 57 4.95 -2.51 -4.05
C MET A 57 6.03 -3.25 -4.86
N ASN A 58 7.24 -2.71 -4.84
CA ASN A 58 8.35 -3.32 -5.56
C ASN A 58 8.08 -3.33 -7.06
N GLY A 59 7.48 -2.25 -7.57
CA GLY A 59 7.18 -2.16 -8.98
C GLY A 59 5.88 -2.87 -9.34
N VAL A 60 5.61 -3.98 -8.66
CA VAL A 60 4.40 -4.76 -8.91
C VAL A 60 3.19 -4.14 -8.21
N THR A 61 2.11 -3.96 -8.96
CA THR A 61 0.90 -3.37 -8.42
C THR A 61 -0.26 -4.37 -8.46
N GLY A 62 -0.96 -4.51 -7.35
CA GLY A 62 -2.08 -5.43 -7.28
C GLY A 62 -3.05 -5.09 -6.17
N LEU A 63 -4.25 -5.65 -6.23
CA LEU A 63 -5.27 -5.40 -5.22
C LEU A 63 -5.03 -6.26 -3.99
N PHE A 64 -4.90 -5.61 -2.83
CA PHE A 64 -4.67 -6.32 -1.58
C PHE A 64 -5.85 -6.13 -0.62
N PRO A 65 -6.06 -7.13 0.26
CA PRO A 65 -7.15 -7.10 1.23
C PRO A 65 -6.92 -6.05 2.33
N GLY A 66 -7.81 -5.08 2.41
CA GLY A 66 -7.68 -4.04 3.42
C GLY A 66 -7.58 -4.60 4.82
N ASN A 67 -7.89 -5.88 4.96
CA ASN A 67 -7.84 -6.55 6.26
C ASN A 67 -6.39 -6.83 6.67
N TYR A 68 -5.56 -7.13 5.68
CA TYR A 68 -4.15 -7.43 5.94
C TYR A 68 -3.29 -6.17 5.77
N VAL A 69 -3.86 -5.02 6.09
CA VAL A 69 -3.15 -3.75 5.98
C VAL A 69 -3.78 -2.69 6.88
N GLU A 70 -2.93 -1.90 7.53
CA GLU A 70 -3.40 -0.84 8.42
C GLU A 70 -2.91 0.53 7.95
N SER A 71 -3.60 1.58 8.38
CA SER A 71 -3.24 2.94 8.00
C SER A 71 -2.27 3.54 9.00
N ILE A 72 -1.15 4.04 8.50
CA ILE A 72 -0.13 4.65 9.35
C ILE A 72 -0.04 6.15 9.10
N SER A 73 -0.19 6.55 7.85
CA SER A 73 -0.12 7.97 7.48
C SER A 73 -1.51 8.51 7.16
N GLY A 74 -2.09 9.23 8.13
CA GLY A 74 -3.41 9.79 7.93
C GLY A 74 -3.93 10.49 9.18
N PRO A 75 -5.18 10.95 9.12
CA PRO A 75 -5.83 11.65 10.25
C PRO A 75 -6.12 10.71 11.40
N SER A 76 -5.74 9.44 11.25
CA SER A 76 -5.97 8.45 12.30
C SER A 76 -4.65 7.97 12.89
N SER A 77 -4.12 8.75 13.83
CA SER A 77 -2.86 8.41 14.48
C SER A 77 -3.02 7.19 15.37
N GLY A 78 -2.85 6.01 14.79
CA GLY A 78 -2.97 4.78 15.55
C GLY A 78 -1.68 4.01 15.62
N GLY A 1 4.01 21.23 8.45
CA GLY A 1 4.49 20.34 7.41
C GLY A 1 6.01 20.35 7.30
N SER A 2 6.52 19.63 6.31
CA SER A 2 7.97 19.54 6.10
C SER A 2 8.31 19.77 4.63
N SER A 3 9.53 20.24 4.39
CA SER A 3 9.99 20.50 3.02
C SER A 3 9.94 19.23 2.18
N GLY A 4 9.29 19.32 1.02
CA GLY A 4 9.19 18.17 0.14
C GLY A 4 10.52 17.75 -0.44
N SER A 5 11.32 17.06 0.37
CA SER A 5 12.64 16.60 -0.06
C SER A 5 12.61 15.10 -0.37
N SER A 6 13.69 14.63 -1.00
CA SER A 6 13.79 13.21 -1.35
C SER A 6 13.42 12.33 -0.17
N GLY A 7 13.19 11.05 -0.44
CA GLY A 7 12.82 10.11 0.61
C GLY A 7 12.15 8.87 0.07
N ASP A 8 11.21 9.06 -0.86
CA ASP A 8 10.49 7.94 -1.45
C ASP A 8 11.21 7.44 -2.70
N PRO A 9 11.04 6.14 -3.00
CA PRO A 9 11.66 5.50 -4.17
C PRO A 9 11.07 5.98 -5.48
N PRO A 10 11.80 5.78 -6.57
CA PRO A 10 11.36 6.18 -7.91
C PRO A 10 10.20 5.33 -8.42
N TRP A 11 10.14 4.08 -7.97
CA TRP A 11 9.09 3.17 -8.39
C TRP A 11 7.76 3.53 -7.71
N ALA A 12 7.84 4.38 -6.69
CA ALA A 12 6.65 4.80 -5.95
C ALA A 12 5.87 5.85 -6.75
N PRO A 13 4.53 5.78 -6.66
CA PRO A 13 3.64 6.71 -7.36
C PRO A 13 3.71 8.12 -6.78
N ARG A 14 4.04 9.09 -7.64
CA ARG A 14 4.14 10.48 -7.21
C ARG A 14 3.00 10.85 -6.27
N SER A 15 1.78 10.49 -6.65
CA SER A 15 0.60 10.78 -5.84
C SER A 15 -0.14 9.49 -5.47
N TYR A 16 -0.85 9.53 -4.35
CA TYR A 16 -1.59 8.37 -3.88
C TYR A 16 -2.61 8.76 -2.80
N LEU A 17 -3.55 7.88 -2.54
CA LEU A 17 -4.58 8.13 -1.54
C LEU A 17 -3.97 8.21 -0.14
N GLU A 18 -3.37 7.10 0.29
CA GLU A 18 -2.74 7.04 1.61
C GLU A 18 -1.68 5.94 1.66
N LYS A 19 -1.02 5.82 2.80
CA LYS A 19 0.02 4.81 2.97
C LYS A 19 -0.40 3.78 4.02
N VAL A 20 0.05 2.54 3.84
CA VAL A 20 -0.27 1.47 4.77
C VAL A 20 0.89 0.47 4.88
N VAL A 21 0.90 -0.28 5.97
CA VAL A 21 1.96 -1.27 6.21
C VAL A 21 1.36 -2.65 6.45
N ALA A 22 1.90 -3.65 5.77
CA ALA A 22 1.43 -5.02 5.92
C ALA A 22 1.80 -5.58 7.29
N ILE A 23 0.78 -5.92 8.07
CA ILE A 23 1.00 -6.47 9.41
C ILE A 23 0.89 -7.99 9.40
N TYR A 24 0.33 -8.53 8.32
CA TYR A 24 0.17 -9.98 8.19
C TYR A 24 0.55 -10.45 6.80
N ASP A 25 1.00 -11.69 6.70
CA ASP A 25 1.41 -12.26 5.42
C ASP A 25 0.18 -12.68 4.61
N TYR A 26 -0.02 -12.02 3.47
CA TYR A 26 -1.15 -12.33 2.60
C TYR A 26 -0.68 -12.91 1.27
N THR A 27 -1.50 -13.78 0.69
CA THR A 27 -1.16 -14.40 -0.58
C THR A 27 -2.21 -14.09 -1.64
N LYS A 28 -1.81 -13.30 -2.65
CA LYS A 28 -2.72 -12.93 -3.73
C LYS A 28 -3.27 -14.16 -4.43
N ASP A 29 -4.57 -14.14 -4.71
CA ASP A 29 -5.22 -15.25 -5.39
C ASP A 29 -4.95 -15.21 -6.89
N LYS A 30 -4.66 -14.02 -7.40
CA LYS A 30 -4.39 -13.85 -8.82
C LYS A 30 -3.52 -12.61 -9.05
N GLU A 31 -3.19 -12.36 -10.31
CA GLU A 31 -2.36 -11.22 -10.67
C GLU A 31 -2.98 -9.92 -10.17
N ASP A 32 -4.29 -9.80 -10.34
CA ASP A 32 -5.01 -8.61 -9.89
C ASP A 32 -4.61 -8.22 -8.48
N GLU A 33 -4.37 -9.23 -7.64
CA GLU A 33 -3.98 -9.00 -6.25
C GLU A 33 -2.47 -8.84 -6.13
N LEU A 34 -2.01 -8.55 -4.92
CA LEU A 34 -0.57 -8.39 -4.67
C LEU A 34 -0.12 -9.27 -3.52
N SER A 35 1.16 -9.64 -3.54
CA SER A 35 1.73 -10.48 -2.49
C SER A 35 2.67 -9.68 -1.61
N PHE A 36 2.61 -9.94 -0.30
CA PHE A 36 3.46 -9.24 0.66
C PHE A 36 3.45 -9.95 2.01
N GLN A 37 4.53 -9.78 2.77
CA GLN A 37 4.64 -10.40 4.08
C GLN A 37 4.63 -9.34 5.18
N GLU A 38 4.44 -9.79 6.43
CA GLU A 38 4.40 -8.89 7.57
C GLU A 38 5.62 -7.98 7.59
N GLY A 39 5.42 -6.71 7.24
CA GLY A 39 6.51 -5.77 7.22
C GLY A 39 6.78 -5.22 5.84
N ALA A 40 5.73 -4.82 5.14
CA ALA A 40 5.86 -4.28 3.80
C ALA A 40 4.89 -3.12 3.58
N ILE A 41 5.44 -1.94 3.31
CA ILE A 41 4.62 -0.76 3.08
C ILE A 41 4.09 -0.72 1.65
N ILE A 42 2.89 -0.17 1.48
CA ILE A 42 2.28 -0.07 0.16
C ILE A 42 1.52 1.25 0.01
N TYR A 43 1.73 1.92 -1.12
CA TYR A 43 1.07 3.18 -1.39
C TYR A 43 -0.30 2.96 -2.04
N VAL A 44 -1.36 3.24 -1.29
CA VAL A 44 -2.72 3.07 -1.78
C VAL A 44 -3.10 4.20 -2.74
N ILE A 45 -3.51 3.83 -3.96
CA ILE A 45 -3.89 4.80 -4.96
C ILE A 45 -5.34 4.58 -5.40
N LYS A 46 -5.83 3.35 -5.23
CA LYS A 46 -7.18 3.01 -5.62
C LYS A 46 -7.92 2.32 -4.47
N LYS A 47 -9.22 2.57 -4.37
CA LYS A 47 -10.03 1.97 -3.32
C LYS A 47 -11.20 1.19 -3.91
N ASN A 48 -11.77 0.30 -3.12
CA ASN A 48 -12.90 -0.52 -3.56
C ASN A 48 -14.04 -0.47 -2.55
N ASP A 49 -15.08 -1.26 -2.79
CA ASP A 49 -16.23 -1.30 -1.91
C ASP A 49 -16.22 -2.58 -1.07
N ASP A 50 -15.59 -3.63 -1.60
CA ASP A 50 -15.51 -4.91 -0.91
C ASP A 50 -14.14 -5.07 -0.23
N GLY A 51 -13.65 -3.98 0.36
CA GLY A 51 -12.36 -4.02 1.03
C GLY A 51 -11.24 -4.43 0.10
N TRP A 52 -10.78 -3.50 -0.72
CA TRP A 52 -9.69 -3.79 -1.67
C TRP A 52 -9.07 -2.49 -2.17
N TYR A 53 -7.80 -2.28 -1.84
CA TYR A 53 -7.08 -1.08 -2.25
C TYR A 53 -5.91 -1.43 -3.17
N GLU A 54 -5.75 -0.64 -4.23
CA GLU A 54 -4.68 -0.87 -5.19
C GLU A 54 -3.42 -0.09 -4.79
N GLY A 55 -2.30 -0.80 -4.69
CA GLY A 55 -1.05 -0.16 -4.32
C GLY A 55 0.12 -0.68 -5.12
N VAL A 56 1.25 0.03 -5.05
CA VAL A 56 2.45 -0.37 -5.76
C VAL A 56 3.55 -0.81 -4.81
N MET A 57 4.08 -2.01 -5.03
CA MET A 57 5.14 -2.55 -4.19
C MET A 57 6.28 -3.12 -5.04
N ASN A 58 7.40 -2.42 -5.08
CA ASN A 58 8.55 -2.85 -5.85
C ASN A 58 8.20 -2.99 -7.33
N GLY A 59 7.44 -2.03 -7.85
CA GLY A 59 7.04 -2.06 -9.24
C GLY A 59 5.80 -2.92 -9.47
N VAL A 60 5.67 -3.98 -8.68
CA VAL A 60 4.53 -4.88 -8.81
C VAL A 60 3.28 -4.27 -8.19
N THR A 61 2.21 -4.18 -8.97
CA THR A 61 0.95 -3.61 -8.49
C THR A 61 -0.10 -4.69 -8.29
N GLY A 62 -0.96 -4.50 -7.30
CA GLY A 62 -2.01 -5.47 -7.02
C GLY A 62 -2.87 -5.07 -5.84
N LEU A 63 -4.17 -5.30 -5.96
CA LEU A 63 -5.11 -4.96 -4.90
C LEU A 63 -4.92 -5.86 -3.69
N PHE A 64 -5.42 -5.42 -2.55
CA PHE A 64 -5.31 -6.19 -1.31
C PHE A 64 -6.30 -5.70 -0.27
N PRO A 65 -6.67 -6.58 0.67
CA PRO A 65 -7.62 -6.27 1.74
C PRO A 65 -7.03 -5.30 2.76
N GLY A 66 -7.69 -4.16 2.95
CA GLY A 66 -7.22 -3.18 3.91
C GLY A 66 -6.93 -3.78 5.27
N ASN A 67 -7.91 -4.50 5.82
CA ASN A 67 -7.76 -5.12 7.12
C ASN A 67 -6.36 -5.72 7.28
N TYR A 68 -6.06 -6.73 6.48
CA TYR A 68 -4.76 -7.39 6.53
C TYR A 68 -3.66 -6.39 6.81
N VAL A 69 -3.82 -5.17 6.31
CA VAL A 69 -2.84 -4.11 6.52
C VAL A 69 -3.36 -3.05 7.47
N GLU A 70 -2.45 -2.23 7.98
CA GLU A 70 -2.83 -1.16 8.91
C GLU A 70 -2.41 0.21 8.38
N SER A 71 -3.29 1.18 8.52
CA SER A 71 -3.02 2.54 8.04
C SER A 71 -2.16 3.30 9.04
N ILE A 72 -0.86 3.00 9.04
CA ILE A 72 0.08 3.67 9.94
C ILE A 72 -0.21 5.16 10.03
N SER A 73 -0.80 5.71 8.97
CA SER A 73 -1.12 7.13 8.94
C SER A 73 -2.30 7.45 9.84
N GLY A 74 -2.44 8.70 10.22
CA GLY A 74 -3.54 9.12 11.08
C GLY A 74 -3.60 10.61 11.28
N PRO A 75 -4.49 11.06 12.18
CA PRO A 75 -4.66 12.49 12.48
C PRO A 75 -3.47 13.06 13.24
N SER A 76 -3.18 14.34 12.99
CA SER A 76 -2.06 15.01 13.65
C SER A 76 -2.55 15.85 14.82
N SER A 77 -2.11 15.50 16.03
CA SER A 77 -2.50 16.22 17.23
C SER A 77 -4.00 16.46 17.25
N GLY A 78 -4.77 15.43 16.89
CA GLY A 78 -6.21 15.56 16.88
C GLY A 78 -6.90 14.27 16.45
N GLY A 1 12.75 9.93 -10.66
CA GLY A 1 13.12 11.11 -9.91
C GLY A 1 14.55 11.06 -9.42
N SER A 2 14.84 11.77 -8.34
CA SER A 2 16.17 11.80 -7.77
C SER A 2 16.19 11.22 -6.36
N SER A 3 17.38 10.86 -5.89
CA SER A 3 17.53 10.29 -4.56
C SER A 3 18.62 10.99 -3.77
N GLY A 4 18.55 10.90 -2.45
CA GLY A 4 19.55 11.54 -1.61
C GLY A 4 19.56 10.99 -0.20
N SER A 5 18.59 11.41 0.61
CA SER A 5 18.49 10.95 1.99
C SER A 5 17.06 10.50 2.31
N SER A 6 16.10 11.37 2.02
CA SER A 6 14.70 11.07 2.29
C SER A 6 13.85 11.32 1.05
N GLY A 7 12.61 10.81 1.07
CA GLY A 7 11.71 10.99 -0.06
C GLY A 7 11.06 9.69 -0.49
N ASP A 8 10.80 9.56 -1.78
CA ASP A 8 10.17 8.36 -2.33
C ASP A 8 10.99 7.79 -3.49
N PRO A 9 10.92 6.46 -3.66
CA PRO A 9 11.65 5.77 -4.73
C PRO A 9 11.08 6.08 -6.11
N PRO A 10 11.86 5.77 -7.16
CA PRO A 10 11.45 6.02 -8.55
C PRO A 10 10.32 5.07 -8.99
N TRP A 11 10.25 3.91 -8.35
CA TRP A 11 9.23 2.93 -8.67
C TRP A 11 7.89 3.30 -8.04
N ALA A 12 7.94 4.17 -7.03
CA ALA A 12 6.74 4.60 -6.33
C ALA A 12 5.95 5.60 -7.18
N PRO A 13 4.61 5.58 -7.03
CA PRO A 13 3.72 6.48 -7.77
C PRO A 13 3.86 7.93 -7.32
N ARG A 14 3.97 8.83 -8.29
CA ARG A 14 4.10 10.26 -8.00
C ARG A 14 3.29 10.63 -6.76
N SER A 15 2.05 10.16 -6.70
CA SER A 15 1.17 10.45 -5.58
C SER A 15 0.26 9.26 -5.28
N TYR A 16 -0.42 9.33 -4.15
CA TYR A 16 -1.33 8.25 -3.74
C TYR A 16 -2.32 8.74 -2.70
N LEU A 17 -3.36 7.94 -2.45
CA LEU A 17 -4.38 8.29 -1.47
C LEU A 17 -3.81 8.33 -0.07
N GLU A 18 -3.22 7.22 0.35
CA GLU A 18 -2.62 7.13 1.69
C GLU A 18 -1.48 6.12 1.71
N LYS A 19 -0.92 5.88 2.89
CA LYS A 19 0.18 4.94 3.06
C LYS A 19 -0.15 3.91 4.13
N VAL A 20 -0.14 2.64 3.75
CA VAL A 20 -0.42 1.55 4.68
C VAL A 20 0.75 0.59 4.78
N VAL A 21 0.71 -0.28 5.78
CA VAL A 21 1.77 -1.26 5.99
C VAL A 21 1.20 -2.65 6.26
N ALA A 22 1.79 -3.66 5.64
CA ALA A 22 1.33 -5.04 5.81
C ALA A 22 1.69 -5.55 7.20
N ILE A 23 0.68 -5.92 7.97
CA ILE A 23 0.88 -6.44 9.32
C ILE A 23 0.84 -7.96 9.34
N TYR A 24 0.46 -8.55 8.21
CA TYR A 24 0.39 -10.00 8.09
C TYR A 24 0.84 -10.46 6.71
N ASP A 25 1.09 -11.76 6.58
CA ASP A 25 1.53 -12.33 5.31
C ASP A 25 0.34 -12.73 4.46
N TYR A 26 0.17 -12.05 3.32
CA TYR A 26 -0.93 -12.34 2.41
C TYR A 26 -0.42 -12.89 1.09
N THR A 27 -0.69 -14.16 0.84
CA THR A 27 -0.26 -14.81 -0.39
C THR A 27 -1.35 -14.72 -1.47
N LYS A 28 -1.24 -13.71 -2.32
CA LYS A 28 -2.20 -13.50 -3.40
C LYS A 28 -2.53 -14.82 -4.10
N ASP A 29 -3.68 -14.88 -4.74
CA ASP A 29 -4.12 -16.08 -5.44
C ASP A 29 -4.28 -15.81 -6.94
N LYS A 30 -4.44 -14.54 -7.29
CA LYS A 30 -4.60 -14.15 -8.68
C LYS A 30 -3.56 -13.11 -9.08
N GLU A 31 -2.99 -13.27 -10.28
CA GLU A 31 -1.99 -12.34 -10.77
C GLU A 31 -2.38 -10.90 -10.46
N ASP A 32 -3.68 -10.64 -10.42
CA ASP A 32 -4.18 -9.30 -10.14
C ASP A 32 -3.87 -8.89 -8.71
N GLU A 33 -4.05 -9.83 -7.77
CA GLU A 33 -3.79 -9.57 -6.37
C GLU A 33 -2.31 -9.26 -6.13
N LEU A 34 -1.99 -8.79 -4.94
CA LEU A 34 -0.61 -8.47 -4.59
C LEU A 34 -0.15 -9.28 -3.39
N SER A 35 1.10 -9.75 -3.44
CA SER A 35 1.66 -10.54 -2.36
C SER A 35 2.59 -9.69 -1.48
N PHE A 36 2.72 -10.08 -0.22
CA PHE A 36 3.56 -9.35 0.71
C PHE A 36 3.65 -10.09 2.05
N GLN A 37 4.61 -9.69 2.88
CA GLN A 37 4.81 -10.30 4.18
C GLN A 37 4.91 -9.25 5.28
N GLU A 38 4.51 -9.61 6.49
CA GLU A 38 4.55 -8.69 7.62
C GLU A 38 5.79 -7.81 7.55
N GLY A 39 5.59 -6.55 7.16
CA GLY A 39 6.70 -5.61 7.06
C GLY A 39 6.89 -5.11 5.64
N ALA A 40 5.79 -4.87 4.94
CA ALA A 40 5.85 -4.38 3.57
C ALA A 40 5.09 -3.06 3.43
N ILE A 41 5.73 -2.07 2.83
CA ILE A 41 5.11 -0.77 2.62
C ILE A 41 4.31 -0.74 1.32
N ILE A 42 3.09 -0.22 1.39
CA ILE A 42 2.23 -0.13 0.21
C ILE A 42 1.62 1.26 0.09
N TYR A 43 1.54 1.74 -1.15
CA TYR A 43 0.97 3.07 -1.41
C TYR A 43 -0.42 2.96 -2.02
N VAL A 44 -1.44 3.10 -1.17
CA VAL A 44 -2.81 3.02 -1.63
C VAL A 44 -3.12 4.09 -2.65
N ILE A 45 -3.40 3.67 -3.88
CA ILE A 45 -3.71 4.61 -4.97
C ILE A 45 -5.17 4.50 -5.37
N LYS A 46 -5.80 3.37 -5.05
CA LYS A 46 -7.19 3.15 -5.37
C LYS A 46 -7.90 2.36 -4.28
N LYS A 47 -9.21 2.52 -4.19
CA LYS A 47 -10.00 1.83 -3.17
C LYS A 47 -11.29 1.27 -3.78
N ASN A 48 -11.89 0.28 -3.10
CA ASN A 48 -13.11 -0.33 -3.57
C ASN A 48 -14.16 -0.37 -2.46
N ASP A 49 -15.43 -0.29 -2.85
CA ASP A 49 -16.52 -0.32 -1.88
C ASP A 49 -16.23 -1.31 -0.76
N ASP A 50 -15.64 -2.44 -1.11
CA ASP A 50 -15.30 -3.47 -0.14
C ASP A 50 -13.86 -3.34 0.32
N GLY A 51 -13.47 -4.15 1.30
CA GLY A 51 -12.11 -4.11 1.80
C GLY A 51 -11.09 -4.51 0.75
N TRP A 52 -10.80 -3.59 -0.16
CA TRP A 52 -9.83 -3.85 -1.23
C TRP A 52 -9.31 -2.55 -1.82
N TYR A 53 -8.00 -2.34 -1.75
CA TYR A 53 -7.39 -1.14 -2.28
C TYR A 53 -6.17 -1.49 -3.14
N GLU A 54 -5.88 -0.62 -4.11
CA GLU A 54 -4.74 -0.84 -5.00
C GLU A 54 -3.49 -0.16 -4.45
N GLY A 55 -2.35 -0.82 -4.63
CA GLY A 55 -1.09 -0.27 -4.15
C GLY A 55 0.10 -0.82 -4.90
N VAL A 56 1.21 -0.10 -4.86
CA VAL A 56 2.44 -0.52 -5.53
C VAL A 56 3.46 -1.05 -4.53
N MET A 57 4.02 -2.23 -4.83
CA MET A 57 5.00 -2.84 -3.97
C MET A 57 6.16 -3.41 -4.79
N ASN A 58 7.33 -2.80 -4.63
CA ASN A 58 8.53 -3.25 -5.37
C ASN A 58 8.30 -3.16 -6.87
N GLY A 59 7.59 -2.12 -7.31
CA GLY A 59 7.32 -1.95 -8.72
C GLY A 59 6.07 -2.68 -9.16
N VAL A 60 5.85 -3.87 -8.61
CA VAL A 60 4.67 -4.66 -8.95
C VAL A 60 3.43 -4.13 -8.25
N THR A 61 2.39 -3.86 -9.03
CA THR A 61 1.13 -3.35 -8.49
C THR A 61 0.05 -4.42 -8.51
N GLY A 62 -0.80 -4.43 -7.47
CA GLY A 62 -1.87 -5.40 -7.40
C GLY A 62 -2.93 -5.00 -6.40
N LEU A 63 -4.02 -5.77 -6.35
CA LEU A 63 -5.11 -5.50 -5.44
C LEU A 63 -4.98 -6.33 -4.16
N PHE A 64 -5.04 -5.66 -3.02
CA PHE A 64 -4.93 -6.34 -1.74
C PHE A 64 -6.06 -5.92 -0.80
N PRO A 65 -6.48 -6.85 0.08
CA PRO A 65 -7.56 -6.59 1.05
C PRO A 65 -7.14 -5.61 2.13
N GLY A 66 -8.09 -4.76 2.54
CA GLY A 66 -7.79 -3.78 3.56
C GLY A 66 -7.89 -4.36 4.96
N ASN A 67 -7.97 -5.68 5.05
CA ASN A 67 -8.07 -6.36 6.34
C ASN A 67 -6.71 -6.89 6.78
N TYR A 68 -5.76 -6.91 5.85
CA TYR A 68 -4.41 -7.40 6.14
C TYR A 68 -3.41 -6.24 6.20
N VAL A 69 -3.93 -5.03 6.35
CA VAL A 69 -3.08 -3.84 6.41
C VAL A 69 -3.59 -2.88 7.47
N GLU A 70 -2.81 -1.82 7.71
CA GLU A 70 -3.18 -0.82 8.71
C GLU A 70 -2.72 0.58 8.28
N SER A 71 -3.23 1.60 8.96
CA SER A 71 -2.87 2.97 8.64
C SER A 71 -1.85 3.52 9.63
N ILE A 72 -0.64 3.77 9.14
CA ILE A 72 0.42 4.30 9.99
C ILE A 72 0.65 5.78 9.73
N SER A 73 0.46 6.20 8.48
CA SER A 73 0.64 7.60 8.11
C SER A 73 -0.62 8.15 7.45
N GLY A 74 -1.34 9.00 8.18
CA GLY A 74 -2.55 9.59 7.65
C GLY A 74 -3.53 9.97 8.75
N PRO A 75 -4.82 10.09 8.38
CA PRO A 75 -5.88 10.45 9.33
C PRO A 75 -6.17 9.33 10.33
N SER A 76 -6.19 9.69 11.61
CA SER A 76 -6.46 8.72 12.66
C SER A 76 -7.87 8.86 13.20
N SER A 77 -8.40 7.78 13.76
CA SER A 77 -9.75 7.78 14.31
C SER A 77 -9.80 8.48 15.66
N GLY A 78 -8.99 7.98 16.59
CA GLY A 78 -8.95 8.56 17.93
C GLY A 78 -7.56 8.54 18.52
N GLY A 1 3.73 19.73 -2.56
CA GLY A 1 2.63 19.78 -1.60
C GLY A 1 3.13 19.87 -0.17
N SER A 2 3.90 20.91 0.13
CA SER A 2 4.44 21.11 1.47
C SER A 2 5.18 19.87 1.94
N SER A 3 5.96 19.27 1.05
CA SER A 3 6.72 18.07 1.37
C SER A 3 7.77 18.37 2.44
N GLY A 4 8.46 17.32 2.88
CA GLY A 4 9.49 17.48 3.90
C GLY A 4 10.80 16.83 3.52
N SER A 5 11.36 16.05 4.44
CA SER A 5 12.62 15.37 4.20
C SER A 5 12.39 13.88 3.93
N SER A 6 12.10 13.55 2.68
CA SER A 6 11.86 12.16 2.30
C SER A 6 12.71 11.78 1.09
N GLY A 7 12.76 10.48 0.80
CA GLY A 7 13.54 10.01 -0.34
C GLY A 7 12.88 8.84 -1.05
N ASP A 8 11.61 9.02 -1.40
CA ASP A 8 10.86 7.97 -2.09
C ASP A 8 11.59 7.52 -3.35
N PRO A 9 11.47 6.22 -3.67
CA PRO A 9 12.11 5.63 -4.84
C PRO A 9 11.49 6.12 -6.14
N PRO A 10 12.18 5.88 -7.27
CA PRO A 10 11.72 6.28 -8.60
C PRO A 10 10.51 5.46 -9.06
N TRP A 11 10.46 4.20 -8.63
CA TRP A 11 9.36 3.32 -9.00
C TRP A 11 8.06 3.76 -8.33
N ALA A 12 8.18 4.50 -7.24
CA ALA A 12 7.01 4.98 -6.52
C ALA A 12 6.15 5.88 -7.40
N PRO A 13 4.83 5.81 -7.20
CA PRO A 13 3.87 6.61 -7.97
C PRO A 13 3.95 8.10 -7.62
N ARG A 14 3.90 8.94 -8.64
CA ARG A 14 3.96 10.39 -8.44
C ARG A 14 3.25 10.78 -7.15
N SER A 15 2.04 10.27 -6.95
CA SER A 15 1.26 10.57 -5.76
C SER A 15 0.38 9.39 -5.38
N TYR A 16 -0.29 9.51 -4.24
CA TYR A 16 -1.17 8.45 -3.74
C TYR A 16 -2.01 8.94 -2.57
N LEU A 17 -3.19 8.35 -2.42
CA LEU A 17 -4.10 8.72 -1.33
C LEU A 17 -3.37 8.72 0.00
N GLU A 18 -2.98 7.54 0.46
CA GLU A 18 -2.27 7.41 1.74
C GLU A 18 -1.35 6.19 1.72
N LYS A 19 -0.65 5.96 2.83
CA LYS A 19 0.26 4.83 2.95
C LYS A 19 -0.21 3.87 4.03
N VAL A 20 0.00 2.58 3.79
CA VAL A 20 -0.40 1.55 4.75
C VAL A 20 0.76 0.62 5.07
N VAL A 21 0.57 -0.24 6.07
CA VAL A 21 1.60 -1.19 6.47
C VAL A 21 1.00 -2.57 6.74
N ALA A 22 1.57 -3.58 6.11
CA ALA A 22 1.10 -4.95 6.28
C ALA A 22 1.50 -5.50 7.65
N ILE A 23 0.50 -5.72 8.49
CA ILE A 23 0.75 -6.25 9.83
C ILE A 23 0.65 -7.77 9.85
N TYR A 24 0.21 -8.34 8.74
CA TYR A 24 0.07 -9.79 8.63
C TYR A 24 0.58 -10.29 7.28
N ASP A 25 0.78 -11.60 7.18
CA ASP A 25 1.26 -12.20 5.94
C ASP A 25 0.12 -12.47 4.98
N TYR A 26 0.37 -12.26 3.70
CA TYR A 26 -0.64 -12.48 2.67
C TYR A 26 0.02 -12.84 1.33
N THR A 27 -0.29 -14.03 0.84
CA THR A 27 0.26 -14.50 -0.42
C THR A 27 -0.78 -14.44 -1.54
N LYS A 28 -0.57 -13.55 -2.50
CA LYS A 28 -1.49 -13.40 -3.61
C LYS A 28 -1.92 -14.76 -4.16
N ASP A 29 -3.13 -14.82 -4.70
CA ASP A 29 -3.65 -16.06 -5.27
C ASP A 29 -3.88 -15.92 -6.77
N LYS A 30 -4.51 -14.83 -7.17
CA LYS A 30 -4.78 -14.57 -8.58
C LYS A 30 -3.82 -13.54 -9.15
N GLU A 31 -3.53 -13.66 -10.44
CA GLU A 31 -2.62 -12.73 -11.10
C GLU A 31 -2.99 -11.29 -10.78
N ASP A 32 -4.26 -11.06 -10.52
CA ASP A 32 -4.75 -9.71 -10.20
C ASP A 32 -4.66 -9.45 -8.69
N GLU A 33 -3.55 -9.85 -8.09
CA GLU A 33 -3.36 -9.67 -6.65
C GLU A 33 -1.90 -9.33 -6.35
N LEU A 34 -1.67 -8.73 -5.19
CA LEU A 34 -0.32 -8.36 -4.77
C LEU A 34 0.10 -9.12 -3.52
N SER A 35 1.28 -9.71 -3.55
CA SER A 35 1.80 -10.47 -2.42
C SER A 35 2.74 -9.61 -1.57
N PHE A 36 2.70 -9.81 -0.27
CA PHE A 36 3.56 -9.07 0.65
C PHE A 36 3.60 -9.73 2.03
N GLN A 37 4.72 -9.57 2.73
CA GLN A 37 4.88 -10.15 4.05
C GLN A 37 4.76 -9.07 5.14
N GLU A 38 4.36 -9.49 6.33
CA GLU A 38 4.21 -8.56 7.45
C GLU A 38 5.42 -7.65 7.56
N GLY A 39 5.21 -6.37 7.24
CA GLY A 39 6.28 -5.40 7.30
C GLY A 39 6.65 -4.84 5.95
N ALA A 40 5.64 -4.63 5.10
CA ALA A 40 5.85 -4.10 3.76
C ALA A 40 5.13 -2.77 3.57
N ILE A 41 5.77 -1.86 2.87
CA ILE A 41 5.19 -0.55 2.62
C ILE A 41 4.41 -0.53 1.31
N ILE A 42 3.09 -0.38 1.41
CA ILE A 42 2.23 -0.35 0.23
C ILE A 42 1.55 1.01 0.10
N TYR A 43 1.72 1.62 -1.06
CA TYR A 43 1.12 2.93 -1.33
C TYR A 43 -0.28 2.78 -1.92
N VAL A 44 -1.30 3.05 -1.11
CA VAL A 44 -2.68 2.95 -1.55
C VAL A 44 -3.01 4.01 -2.59
N ILE A 45 -3.42 3.57 -3.78
CA ILE A 45 -3.77 4.49 -4.85
C ILE A 45 -5.21 4.27 -5.31
N LYS A 46 -5.79 3.15 -4.91
CA LYS A 46 -7.16 2.82 -5.28
C LYS A 46 -7.96 2.36 -4.06
N LYS A 47 -9.05 3.06 -3.77
CA LYS A 47 -9.89 2.71 -2.63
C LYS A 47 -11.27 2.26 -3.09
N ASN A 48 -11.49 0.94 -3.08
CA ASN A 48 -12.77 0.37 -3.50
C ASN A 48 -13.73 0.25 -2.31
N ASP A 49 -15.01 0.49 -2.57
CA ASP A 49 -16.02 0.40 -1.53
C ASP A 49 -15.76 -0.79 -0.61
N ASP A 50 -15.51 -1.94 -1.20
CA ASP A 50 -15.24 -3.15 -0.44
C ASP A 50 -13.86 -3.09 0.22
N GLY A 51 -13.49 -4.16 0.92
CA GLY A 51 -12.21 -4.21 1.58
C GLY A 51 -11.08 -4.64 0.64
N TRP A 52 -10.84 -3.85 -0.39
CA TRP A 52 -9.79 -4.16 -1.36
C TRP A 52 -9.24 -2.89 -1.99
N TYR A 53 -7.95 -2.64 -1.80
CA TYR A 53 -7.31 -1.45 -2.36
C TYR A 53 -6.16 -1.84 -3.28
N GLU A 54 -5.76 -0.90 -4.14
CA GLU A 54 -4.67 -1.16 -5.08
C GLU A 54 -3.46 -0.29 -4.74
N GLY A 55 -2.32 -0.95 -4.53
CA GLY A 55 -1.10 -0.23 -4.20
C GLY A 55 0.09 -0.71 -4.99
N VAL A 56 1.17 0.05 -4.97
CA VAL A 56 2.39 -0.31 -5.69
C VAL A 56 3.49 -0.75 -4.73
N MET A 57 4.00 -1.96 -4.97
CA MET A 57 5.07 -2.50 -4.12
C MET A 57 6.22 -3.01 -4.98
N ASN A 58 7.33 -2.27 -4.98
CA ASN A 58 8.51 -2.65 -5.75
C ASN A 58 8.18 -2.71 -7.24
N GLY A 59 7.38 -1.76 -7.71
CA GLY A 59 7.01 -1.73 -9.11
C GLY A 59 5.82 -2.61 -9.42
N VAL A 60 5.67 -3.69 -8.64
CA VAL A 60 4.57 -4.62 -8.84
C VAL A 60 3.30 -4.13 -8.15
N THR A 61 2.28 -3.84 -8.95
CA THR A 61 1.02 -3.36 -8.42
C THR A 61 -0.08 -4.42 -8.56
N GLY A 62 -0.96 -4.48 -7.56
CA GLY A 62 -2.04 -5.46 -7.58
C GLY A 62 -3.03 -5.25 -6.46
N LEU A 63 -4.21 -5.86 -6.59
CA LEU A 63 -5.25 -5.74 -5.58
C LEU A 63 -4.85 -6.45 -4.30
N PHE A 64 -5.33 -5.95 -3.16
CA PHE A 64 -5.03 -6.55 -1.86
C PHE A 64 -6.02 -6.08 -0.81
N PRO A 65 -6.25 -6.94 0.20
CA PRO A 65 -7.18 -6.63 1.30
C PRO A 65 -6.66 -5.53 2.22
N GLY A 66 -7.55 -4.62 2.58
CA GLY A 66 -7.16 -3.52 3.46
C GLY A 66 -7.00 -3.96 4.90
N ASN A 67 -7.91 -4.79 5.37
CA ASN A 67 -7.87 -5.28 6.75
C ASN A 67 -6.50 -5.85 7.07
N TYR A 68 -5.82 -6.38 6.05
CA TYR A 68 -4.50 -6.96 6.23
C TYR A 68 -3.45 -5.87 6.49
N VAL A 69 -3.69 -4.68 5.94
CA VAL A 69 -2.78 -3.57 6.11
C VAL A 69 -3.40 -2.49 6.99
N GLU A 70 -2.59 -1.94 7.91
CA GLU A 70 -3.06 -0.90 8.81
C GLU A 70 -2.58 0.48 8.34
N SER A 71 -3.51 1.42 8.30
CA SER A 71 -3.18 2.78 7.87
C SER A 71 -2.42 3.53 8.95
N ILE A 72 -1.12 3.66 8.76
CA ILE A 72 -0.27 4.35 9.73
C ILE A 72 -0.13 5.83 9.37
N SER A 73 -0.57 6.19 8.18
CA SER A 73 -0.49 7.57 7.71
C SER A 73 -1.83 8.27 7.87
N GLY A 74 -1.79 9.55 8.22
CA GLY A 74 -3.01 10.32 8.40
C GLY A 74 -3.57 10.20 9.80
N PRO A 75 -4.86 10.56 9.97
CA PRO A 75 -5.53 10.50 11.26
C PRO A 75 -5.78 9.06 11.72
N SER A 76 -4.91 8.58 12.61
CA SER A 76 -5.03 7.22 13.13
C SER A 76 -5.63 7.22 14.53
N SER A 77 -6.65 6.40 14.74
CA SER A 77 -7.31 6.32 16.03
C SER A 77 -6.42 5.61 17.05
N GLY A 78 -6.62 5.92 18.33
CA GLY A 78 -5.83 5.32 19.38
C GLY A 78 -6.48 5.43 20.74
N GLY A 1 3.12 18.82 -7.96
CA GLY A 1 2.17 19.41 -7.04
C GLY A 1 1.74 18.47 -5.94
N SER A 2 2.60 18.30 -4.93
CA SER A 2 2.31 17.41 -3.82
C SER A 2 3.07 17.84 -2.57
N SER A 3 2.34 18.31 -1.56
CA SER A 3 2.95 18.76 -0.32
C SER A 3 3.74 17.63 0.33
N GLY A 4 4.51 17.98 1.35
CA GLY A 4 5.31 16.99 2.05
C GLY A 4 6.81 17.23 1.88
N SER A 5 7.60 16.22 2.22
CA SER A 5 9.06 16.33 2.11
C SER A 5 9.66 15.04 1.57
N SER A 6 10.93 15.08 1.24
CA SER A 6 11.63 13.91 0.71
C SER A 6 11.54 12.73 1.67
N GLY A 7 11.67 11.53 1.14
CA GLY A 7 11.60 10.34 1.97
C GLY A 7 11.22 9.10 1.19
N ASP A 8 10.15 9.20 0.42
CA ASP A 8 9.68 8.08 -0.39
C ASP A 8 10.59 7.85 -1.59
N PRO A 9 10.67 6.59 -2.04
CA PRO A 9 11.51 6.21 -3.19
C PRO A 9 10.97 6.75 -4.50
N PRO A 10 11.79 6.67 -5.56
CA PRO A 10 11.42 7.15 -6.89
C PRO A 10 10.36 6.27 -7.54
N TRP A 11 10.47 4.96 -7.34
CA TRP A 11 9.52 4.02 -7.92
C TRP A 11 8.10 4.33 -7.44
N ALA A 12 7.98 4.72 -6.18
CA ALA A 12 6.68 5.04 -5.59
C ALA A 12 5.93 6.05 -6.46
N PRO A 13 4.60 5.87 -6.54
CA PRO A 13 3.74 6.75 -7.34
C PRO A 13 3.63 8.15 -6.74
N ARG A 14 3.72 9.17 -7.58
CA ARG A 14 3.64 10.55 -7.14
C ARG A 14 2.18 11.01 -7.11
N SER A 15 1.29 10.11 -6.74
CA SER A 15 -0.14 10.43 -6.68
C SER A 15 -0.92 9.29 -6.04
N TYR A 16 -1.34 9.50 -4.80
CA TYR A 16 -2.10 8.48 -4.07
C TYR A 16 -2.92 9.11 -2.94
N LEU A 17 -3.79 8.32 -2.34
CA LEU A 17 -4.63 8.80 -1.25
C LEU A 17 -3.91 8.71 0.09
N GLU A 18 -3.29 7.56 0.34
CA GLU A 18 -2.55 7.34 1.59
C GLU A 18 -1.73 6.06 1.50
N LYS A 19 -0.91 5.83 2.54
CA LYS A 19 -0.07 4.64 2.59
C LYS A 19 -0.45 3.74 3.77
N VAL A 20 -0.04 2.48 3.70
CA VAL A 20 -0.34 1.53 4.76
C VAL A 20 0.77 0.48 4.89
N VAL A 21 0.81 -0.18 6.04
CA VAL A 21 1.82 -1.20 6.30
C VAL A 21 1.19 -2.58 6.45
N ALA A 22 1.84 -3.59 5.88
CA ALA A 22 1.35 -4.95 5.95
C ALA A 22 1.69 -5.60 7.30
N ILE A 23 0.74 -5.54 8.23
CA ILE A 23 0.94 -6.11 9.55
C ILE A 23 0.99 -7.63 9.50
N TYR A 24 0.37 -8.20 8.46
CA TYR A 24 0.34 -9.64 8.28
C TYR A 24 0.91 -10.04 6.92
N ASP A 25 1.30 -11.31 6.80
CA ASP A 25 1.86 -11.81 5.56
C ASP A 25 0.78 -12.38 4.66
N TYR A 26 0.36 -11.60 3.67
CA TYR A 26 -0.69 -12.03 2.75
C TYR A 26 -0.10 -12.30 1.35
N THR A 27 -0.44 -13.46 0.80
CA THR A 27 0.05 -13.84 -0.52
C THR A 27 -0.95 -13.44 -1.60
N LYS A 28 -0.66 -13.83 -2.84
CA LYS A 28 -1.53 -13.52 -3.97
C LYS A 28 -2.13 -14.79 -4.56
N ASP A 29 -3.44 -14.80 -4.75
CA ASP A 29 -4.13 -15.96 -5.32
C ASP A 29 -4.47 -15.72 -6.78
N LYS A 30 -5.12 -14.59 -7.06
CA LYS A 30 -5.51 -14.26 -8.43
C LYS A 30 -4.48 -13.32 -9.06
N GLU A 31 -4.27 -13.48 -10.37
CA GLU A 31 -3.31 -12.64 -11.09
C GLU A 31 -3.56 -11.17 -10.78
N ASP A 32 -4.78 -10.83 -10.39
CA ASP A 32 -5.14 -9.46 -10.08
C ASP A 32 -4.98 -9.18 -8.58
N GLU A 33 -3.84 -9.59 -8.02
CA GLU A 33 -3.57 -9.38 -6.61
C GLU A 33 -2.08 -9.13 -6.37
N LEU A 34 -1.74 -8.77 -5.14
CA LEU A 34 -0.36 -8.49 -4.78
C LEU A 34 0.05 -9.27 -3.53
N SER A 35 1.22 -9.90 -3.58
CA SER A 35 1.72 -10.69 -2.46
C SER A 35 2.76 -9.90 -1.67
N PHE A 36 2.72 -10.03 -0.35
CA PHE A 36 3.65 -9.33 0.52
C PHE A 36 3.82 -10.06 1.85
N GLN A 37 4.73 -9.57 2.68
CA GLN A 37 4.99 -10.19 3.98
C GLN A 37 4.90 -9.15 5.09
N GLU A 38 4.82 -9.64 6.33
CA GLU A 38 4.72 -8.75 7.49
C GLU A 38 5.93 -7.81 7.55
N GLY A 39 5.68 -6.53 7.28
CA GLY A 39 6.75 -5.55 7.31
C GLY A 39 7.03 -4.95 5.95
N ALA A 40 5.96 -4.58 5.24
CA ALA A 40 6.09 -3.98 3.92
C ALA A 40 5.03 -2.92 3.68
N ILE A 41 5.46 -1.70 3.44
CA ILE A 41 4.54 -0.59 3.19
C ILE A 41 4.04 -0.60 1.75
N ILE A 42 2.75 -0.33 1.57
CA ILE A 42 2.16 -0.29 0.23
C ILE A 42 1.37 0.99 0.02
N TYR A 43 1.79 1.78 -0.96
CA TYR A 43 1.12 3.03 -1.27
C TYR A 43 -0.22 2.79 -1.95
N VAL A 44 -1.30 3.02 -1.20
CA VAL A 44 -2.65 2.82 -1.73
C VAL A 44 -3.02 3.92 -2.71
N ILE A 45 -3.03 3.58 -4.00
CA ILE A 45 -3.37 4.54 -5.04
C ILE A 45 -4.85 4.46 -5.40
N LYS A 46 -5.50 3.38 -4.97
CA LYS A 46 -6.92 3.19 -5.23
C LYS A 46 -7.61 2.56 -4.04
N LYS A 47 -8.86 2.98 -3.79
CA LYS A 47 -9.64 2.45 -2.68
C LYS A 47 -11.05 2.11 -3.11
N ASN A 48 -11.40 0.83 -3.04
CA ASN A 48 -12.73 0.37 -3.43
C ASN A 48 -13.64 0.23 -2.21
N ASP A 49 -14.93 0.40 -2.43
CA ASP A 49 -15.92 0.28 -1.35
C ASP A 49 -15.66 -0.97 -0.52
N ASP A 50 -15.40 -2.08 -1.20
CA ASP A 50 -15.15 -3.35 -0.52
C ASP A 50 -13.74 -3.37 0.09
N GLY A 51 -13.43 -4.45 0.80
CA GLY A 51 -12.14 -4.57 1.43
C GLY A 51 -11.04 -4.92 0.43
N TRP A 52 -10.70 -3.97 -0.43
CA TRP A 52 -9.66 -4.18 -1.44
C TRP A 52 -9.19 -2.85 -2.01
N TYR A 53 -7.90 -2.58 -1.85
CA TYR A 53 -7.31 -1.35 -2.36
C TYR A 53 -6.19 -1.64 -3.36
N GLU A 54 -5.94 -0.68 -4.24
CA GLU A 54 -4.89 -0.84 -5.25
C GLU A 54 -3.65 -0.03 -4.88
N GLY A 55 -2.53 -0.73 -4.68
CA GLY A 55 -1.29 -0.06 -4.32
C GLY A 55 -0.10 -0.63 -5.05
N VAL A 56 0.98 0.15 -5.11
CA VAL A 56 2.20 -0.28 -5.79
C VAL A 56 3.24 -0.76 -4.79
N MET A 57 3.93 -1.84 -5.15
CA MET A 57 4.97 -2.40 -4.27
C MET A 57 6.17 -2.86 -5.09
N ASN A 58 7.29 -2.17 -4.93
CA ASN A 58 8.51 -2.50 -5.65
C ASN A 58 8.24 -2.67 -7.13
N GLY A 59 7.37 -1.81 -7.66
CA GLY A 59 7.03 -1.88 -9.08
C GLY A 59 5.85 -2.79 -9.34
N VAL A 60 5.69 -3.81 -8.51
CA VAL A 60 4.59 -4.77 -8.67
C VAL A 60 3.29 -4.20 -8.11
N THR A 61 2.30 -4.06 -8.97
CA THR A 61 1.00 -3.53 -8.57
C THR A 61 -0.06 -4.62 -8.56
N GLY A 62 -0.93 -4.59 -7.56
CA GLY A 62 -1.99 -5.58 -7.45
C GLY A 62 -2.98 -5.26 -6.37
N LEU A 63 -4.15 -5.90 -6.42
CA LEU A 63 -5.19 -5.67 -5.43
C LEU A 63 -4.93 -6.48 -4.16
N PHE A 64 -5.09 -5.85 -3.00
CA PHE A 64 -4.87 -6.51 -1.73
C PHE A 64 -5.98 -6.17 -0.74
N PRO A 65 -6.22 -7.08 0.21
CA PRO A 65 -7.26 -6.90 1.24
C PRO A 65 -6.90 -5.81 2.23
N GLY A 66 -7.85 -4.91 2.51
CA GLY A 66 -7.61 -3.84 3.44
C GLY A 66 -7.55 -4.32 4.87
N ASN A 67 -7.72 -5.62 5.07
CA ASN A 67 -7.68 -6.21 6.41
C ASN A 67 -6.25 -6.57 6.79
N TYR A 68 -5.46 -6.98 5.80
CA TYR A 68 -4.07 -7.36 6.04
C TYR A 68 -3.15 -6.14 5.96
N VAL A 69 -3.70 -4.98 6.32
CA VAL A 69 -2.93 -3.75 6.30
C VAL A 69 -3.54 -2.71 7.23
N GLU A 70 -2.69 -1.94 7.90
CA GLU A 70 -3.14 -0.91 8.83
C GLU A 70 -2.67 0.47 8.37
N SER A 71 -3.27 1.51 8.94
CA SER A 71 -2.92 2.89 8.59
C SER A 71 -1.85 3.43 9.54
N ILE A 72 -0.83 4.04 8.96
CA ILE A 72 0.26 4.61 9.75
C ILE A 72 0.40 6.10 9.49
N SER A 73 0.03 6.53 8.29
CA SER A 73 0.12 7.94 7.91
C SER A 73 -1.11 8.71 8.38
N GLY A 74 -0.96 10.02 8.56
CA GLY A 74 -2.07 10.85 8.99
C GLY A 74 -1.63 12.26 9.34
N PRO A 75 -2.54 13.01 9.99
CA PRO A 75 -2.26 14.40 10.38
C PRO A 75 -1.24 14.49 11.50
N SER A 76 -1.07 13.40 12.24
CA SER A 76 -0.11 13.34 13.34
C SER A 76 1.33 13.38 12.83
N SER A 77 1.61 12.54 11.84
CA SER A 77 2.95 12.47 11.25
C SER A 77 3.99 12.18 12.33
N GLY A 78 3.66 11.25 13.22
CA GLY A 78 4.59 10.89 14.28
C GLY A 78 4.34 9.49 14.81
N GLY A 1 3.79 16.76 -0.85
CA GLY A 1 3.49 17.48 0.38
C GLY A 1 4.32 16.99 1.55
N SER A 2 5.63 17.12 1.45
CA SER A 2 6.53 16.68 2.50
C SER A 2 7.94 17.26 2.30
N SER A 3 8.32 18.18 3.18
CA SER A 3 9.63 18.81 3.10
C SER A 3 10.74 17.83 3.48
N GLY A 4 11.24 17.12 2.48
CA GLY A 4 12.30 16.16 2.73
C GLY A 4 11.96 15.21 3.87
N SER A 5 12.99 14.76 4.59
CA SER A 5 12.80 13.84 5.70
C SER A 5 11.91 12.67 5.30
N SER A 6 12.21 12.09 4.15
CA SER A 6 11.43 10.95 3.64
C SER A 6 12.35 9.88 3.06
N GLY A 7 12.00 8.62 3.30
CA GLY A 7 12.79 7.52 2.80
C GLY A 7 12.01 6.60 1.88
N ASP A 8 11.59 7.12 0.74
CA ASP A 8 10.83 6.34 -0.23
C ASP A 8 11.66 6.06 -1.48
N PRO A 9 11.48 4.86 -2.05
CA PRO A 9 12.19 4.44 -3.26
C PRO A 9 11.75 5.21 -4.49
N PRO A 10 12.53 5.06 -5.58
CA PRO A 10 12.23 5.75 -6.85
C PRO A 10 10.99 5.18 -7.54
N TRP A 11 10.84 3.87 -7.50
CA TRP A 11 9.69 3.22 -8.12
C TRP A 11 8.40 3.69 -7.49
N ALA A 12 8.40 3.84 -6.17
CA ALA A 12 7.22 4.29 -5.44
C ALA A 12 6.49 5.39 -6.20
N PRO A 13 5.15 5.38 -6.12
CA PRO A 13 4.31 6.37 -6.80
C PRO A 13 4.43 7.75 -6.19
N ARG A 14 4.44 8.77 -7.04
CA ARG A 14 4.56 10.15 -6.59
C ARG A 14 3.33 10.56 -5.78
N SER A 15 2.16 10.21 -6.28
CA SER A 15 0.90 10.55 -5.62
C SER A 15 0.17 9.29 -5.17
N TYR A 16 -0.60 9.41 -4.09
CA TYR A 16 -1.35 8.27 -3.56
C TYR A 16 -2.34 8.74 -2.49
N LEU A 17 -3.47 8.05 -2.41
CA LEU A 17 -4.51 8.38 -1.43
C LEU A 17 -3.94 8.38 -0.02
N GLU A 18 -3.30 7.27 0.35
CA GLU A 18 -2.70 7.14 1.68
C GLU A 18 -1.73 5.97 1.73
N LYS A 19 -0.99 5.86 2.82
CA LYS A 19 -0.02 4.79 3.00
C LYS A 19 -0.55 3.72 3.94
N VAL A 20 -0.03 2.51 3.82
CA VAL A 20 -0.45 1.40 4.66
C VAL A 20 0.69 0.41 4.88
N VAL A 21 0.80 -0.08 6.12
CA VAL A 21 1.85 -1.03 6.46
C VAL A 21 1.26 -2.41 6.75
N ALA A 22 1.80 -3.43 6.08
CA ALA A 22 1.34 -4.79 6.27
C ALA A 22 1.83 -5.37 7.59
N ILE A 23 0.90 -5.81 8.42
CA ILE A 23 1.24 -6.38 9.71
C ILE A 23 1.27 -7.91 9.65
N TYR A 24 0.39 -8.48 8.84
CA TYR A 24 0.31 -9.93 8.69
C TYR A 24 0.85 -10.36 7.32
N ASP A 25 0.86 -11.67 7.09
CA ASP A 25 1.35 -12.22 5.83
C ASP A 25 0.20 -12.47 4.87
N TYR A 26 0.30 -11.92 3.67
CA TYR A 26 -0.73 -12.07 2.65
C TYR A 26 -0.15 -12.62 1.36
N THR A 27 -0.82 -13.61 0.77
CA THR A 27 -0.36 -14.21 -0.47
C THR A 27 -1.38 -13.99 -1.58
N LYS A 28 -0.99 -13.18 -2.57
CA LYS A 28 -1.86 -12.89 -3.71
C LYS A 28 -2.48 -14.16 -4.26
N ASP A 29 -3.81 -14.17 -4.38
CA ASP A 29 -4.53 -15.33 -4.90
C ASP A 29 -4.68 -15.24 -6.42
N LYS A 30 -5.29 -14.16 -6.88
CA LYS A 30 -5.51 -13.95 -8.30
C LYS A 30 -4.39 -13.09 -8.90
N GLU A 31 -4.51 -12.79 -10.19
CA GLU A 31 -3.51 -11.97 -10.88
C GLU A 31 -3.69 -10.50 -10.55
N ASP A 32 -4.92 -10.10 -10.26
CA ASP A 32 -5.23 -8.72 -9.93
C ASP A 32 -5.00 -8.45 -8.44
N GLU A 33 -4.15 -9.26 -7.83
CA GLU A 33 -3.85 -9.12 -6.41
C GLU A 33 -2.39 -8.73 -6.20
N LEU A 34 -2.01 -8.52 -4.94
CA LEU A 34 -0.64 -8.13 -4.61
C LEU A 34 -0.10 -9.00 -3.46
N SER A 35 1.13 -9.48 -3.63
CA SER A 35 1.75 -10.32 -2.61
C SER A 35 2.68 -9.49 -1.73
N PHE A 36 2.49 -9.60 -0.42
CA PHE A 36 3.31 -8.86 0.54
C PHE A 36 3.43 -9.62 1.85
N GLN A 37 4.31 -9.14 2.73
CA GLN A 37 4.53 -9.79 4.02
C GLN A 37 4.68 -8.74 5.12
N GLU A 38 4.51 -9.17 6.37
CA GLU A 38 4.64 -8.27 7.51
C GLU A 38 5.85 -7.36 7.36
N GLY A 39 5.59 -6.08 7.12
CA GLY A 39 6.67 -5.12 6.95
C GLY A 39 6.85 -4.69 5.51
N ALA A 40 5.74 -4.41 4.83
CA ALA A 40 5.79 -3.99 3.44
C ALA A 40 5.14 -2.61 3.26
N ILE A 41 5.89 -1.69 2.67
CA ILE A 41 5.39 -0.34 2.45
C ILE A 41 4.56 -0.27 1.17
N ILE A 42 3.23 -0.29 1.35
CA ILE A 42 2.32 -0.22 0.22
C ILE A 42 1.66 1.15 0.12
N TYR A 43 1.68 1.72 -1.08
CA TYR A 43 1.09 3.04 -1.31
C TYR A 43 -0.31 2.91 -1.93
N VAL A 44 -1.33 3.12 -1.11
CA VAL A 44 -2.71 3.03 -1.58
C VAL A 44 -3.03 4.15 -2.56
N ILE A 45 -3.49 3.77 -3.75
CA ILE A 45 -3.85 4.74 -4.77
C ILE A 45 -5.28 4.56 -5.24
N LYS A 46 -5.79 3.34 -5.10
CA LYS A 46 -7.16 3.02 -5.52
C LYS A 46 -7.94 2.43 -4.36
N LYS A 47 -9.26 2.60 -4.39
CA LYS A 47 -10.14 2.09 -3.35
C LYS A 47 -11.27 1.28 -3.95
N ASN A 48 -11.77 0.30 -3.19
CA ASN A 48 -12.86 -0.55 -3.64
C ASN A 48 -14.00 -0.55 -2.63
N ASP A 49 -15.01 -1.38 -2.88
CA ASP A 49 -16.16 -1.50 -1.99
C ASP A 49 -15.97 -2.64 -1.01
N ASP A 50 -15.27 -3.68 -1.45
CA ASP A 50 -15.02 -4.83 -0.60
C ASP A 50 -13.66 -4.72 0.10
N GLY A 51 -13.32 -3.52 0.53
CA GLY A 51 -12.06 -3.29 1.20
C GLY A 51 -10.87 -3.80 0.39
N TRP A 52 -10.67 -3.23 -0.77
CA TRP A 52 -9.57 -3.64 -1.64
C TRP A 52 -8.83 -2.43 -2.20
N TYR A 53 -7.73 -2.07 -1.56
CA TYR A 53 -6.94 -0.92 -2.00
C TYR A 53 -5.84 -1.35 -2.96
N GLU A 54 -5.66 -0.56 -4.02
CA GLU A 54 -4.64 -0.87 -5.02
C GLU A 54 -3.36 -0.08 -4.75
N GLY A 55 -2.30 -0.80 -4.37
CA GLY A 55 -1.03 -0.15 -4.09
C GLY A 55 0.10 -0.73 -4.90
N VAL A 56 1.26 -0.10 -4.83
CA VAL A 56 2.44 -0.56 -5.56
C VAL A 56 3.50 -1.11 -4.62
N MET A 57 4.06 -2.26 -4.98
CA MET A 57 5.08 -2.90 -4.17
C MET A 57 6.18 -3.50 -5.04
N ASN A 58 7.37 -2.92 -5.00
CA ASN A 58 8.50 -3.40 -5.79
C ASN A 58 8.17 -3.36 -7.28
N GLY A 59 7.49 -2.30 -7.70
CA GLY A 59 7.12 -2.16 -9.09
C GLY A 59 5.84 -2.89 -9.44
N VAL A 60 5.65 -4.07 -8.84
CA VAL A 60 4.46 -4.87 -9.09
C VAL A 60 3.25 -4.29 -8.36
N THR A 61 2.17 -4.07 -9.10
CA THR A 61 0.95 -3.52 -8.53
C THR A 61 -0.13 -4.59 -8.41
N GLY A 62 -1.04 -4.39 -7.46
CA GLY A 62 -2.12 -5.35 -7.25
C GLY A 62 -3.09 -4.91 -6.18
N LEU A 63 -4.21 -5.62 -6.07
CA LEU A 63 -5.22 -5.29 -5.07
C LEU A 63 -5.09 -6.19 -3.84
N PHE A 64 -5.30 -5.62 -2.67
CA PHE A 64 -5.20 -6.37 -1.43
C PHE A 64 -6.31 -5.96 -0.45
N PRO A 65 -6.68 -6.88 0.45
CA PRO A 65 -7.72 -6.64 1.44
C PRO A 65 -7.30 -5.63 2.50
N GLY A 66 -8.22 -4.77 2.90
CA GLY A 66 -7.93 -3.76 3.91
C GLY A 66 -7.98 -4.31 5.31
N ASN A 67 -7.45 -5.53 5.49
CA ASN A 67 -7.45 -6.16 6.81
C ASN A 67 -6.04 -6.60 7.19
N TYR A 68 -5.33 -7.18 6.24
CA TYR A 68 -3.96 -7.64 6.48
C TYR A 68 -3.01 -6.46 6.68
N VAL A 69 -3.40 -5.30 6.14
CA VAL A 69 -2.59 -4.10 6.27
C VAL A 69 -3.28 -3.05 7.12
N GLU A 70 -2.49 -2.24 7.83
CA GLU A 70 -3.04 -1.20 8.69
C GLU A 70 -2.78 0.18 8.09
N SER A 71 -3.61 1.14 8.46
CA SER A 71 -3.48 2.51 7.97
C SER A 71 -2.76 3.40 8.98
N ILE A 72 -1.48 3.64 8.75
CA ILE A 72 -0.69 4.46 9.66
C ILE A 72 -0.93 5.94 9.38
N SER A 73 -1.24 6.27 8.12
CA SER A 73 -1.48 7.66 7.74
C SER A 73 -2.41 8.34 8.73
N GLY A 74 -2.03 9.54 9.17
CA GLY A 74 -2.84 10.28 10.11
C GLY A 74 -4.18 10.67 9.55
N PRO A 75 -4.80 11.70 10.14
CA PRO A 75 -6.10 12.20 9.70
C PRO A 75 -6.06 12.88 8.34
N SER A 76 -5.02 13.69 8.14
CA SER A 76 -4.84 14.41 6.87
C SER A 76 -6.03 15.33 6.61
N SER A 77 -6.50 15.98 7.66
CA SER A 77 -7.63 16.90 7.55
C SER A 77 -7.15 18.34 7.40
N GLY A 78 -6.34 18.79 8.35
CA GLY A 78 -5.82 20.15 8.31
C GLY A 78 -4.96 20.40 7.08
N GLY A 1 18.46 13.32 -15.72
CA GLY A 1 18.89 13.49 -14.35
C GLY A 1 17.77 13.97 -13.44
N SER A 2 17.15 13.04 -12.73
CA SER A 2 16.05 13.37 -11.83
C SER A 2 16.51 13.31 -10.37
N SER A 3 16.48 14.46 -9.70
CA SER A 3 16.89 14.54 -8.30
C SER A 3 16.16 15.67 -7.59
N GLY A 4 15.65 15.37 -6.39
CA GLY A 4 14.94 16.36 -5.62
C GLY A 4 15.15 16.21 -4.12
N SER A 5 14.60 15.16 -3.55
CA SER A 5 14.72 14.89 -2.12
C SER A 5 15.05 13.43 -1.86
N SER A 6 15.86 13.18 -0.84
CA SER A 6 16.25 11.82 -0.49
C SER A 6 15.21 11.17 0.43
N GLY A 7 14.31 10.40 -0.17
CA GLY A 7 13.28 9.73 0.61
C GLY A 7 12.61 8.61 -0.15
N ASP A 8 11.29 8.66 -0.26
CA ASP A 8 10.53 7.64 -0.97
C ASP A 8 11.26 7.22 -2.24
N PRO A 9 11.07 5.94 -2.62
CA PRO A 9 11.70 5.39 -3.83
C PRO A 9 11.10 5.96 -5.11
N PRO A 10 11.82 5.78 -6.23
CA PRO A 10 11.37 6.27 -7.54
C PRO A 10 10.17 5.51 -8.06
N TRP A 11 10.23 4.18 -8.02
CA TRP A 11 9.15 3.34 -8.49
C TRP A 11 7.85 3.68 -7.77
N ALA A 12 7.96 4.30 -6.60
CA ALA A 12 6.80 4.68 -5.81
C ALA A 12 5.98 5.76 -6.52
N PRO A 13 4.65 5.68 -6.38
CA PRO A 13 3.74 6.64 -7.00
C PRO A 13 3.82 8.03 -6.36
N ARG A 14 4.45 8.96 -7.07
CA ARG A 14 4.59 10.32 -6.57
C ARG A 14 3.38 10.73 -5.74
N SER A 15 2.19 10.47 -6.28
CA SER A 15 0.95 10.81 -5.59
C SER A 15 0.12 9.57 -5.32
N TYR A 16 -0.66 9.61 -4.24
CA TYR A 16 -1.51 8.48 -3.87
C TYR A 16 -2.48 8.88 -2.76
N LEU A 17 -3.52 8.08 -2.57
CA LEU A 17 -4.52 8.34 -1.55
C LEU A 17 -3.89 8.33 -0.16
N GLU A 18 -3.42 7.17 0.27
CA GLU A 18 -2.79 7.04 1.58
C GLU A 18 -1.69 5.99 1.55
N LYS A 19 -1.10 5.73 2.71
CA LYS A 19 -0.02 4.75 2.82
C LYS A 19 -0.32 3.75 3.93
N VAL A 20 -0.25 2.46 3.59
CA VAL A 20 -0.51 1.40 4.55
C VAL A 20 0.68 0.46 4.67
N VAL A 21 0.76 -0.26 5.79
CA VAL A 21 1.85 -1.20 6.03
C VAL A 21 1.32 -2.58 6.37
N ALA A 22 1.75 -3.58 5.60
CA ALA A 22 1.32 -4.95 5.83
C ALA A 22 1.60 -5.39 7.26
N ILE A 23 0.65 -6.10 7.86
CA ILE A 23 0.80 -6.58 9.23
C ILE A 23 0.70 -8.10 9.29
N TYR A 24 0.23 -8.70 8.21
CA TYR A 24 0.09 -10.15 8.15
C TYR A 24 0.68 -10.70 6.85
N ASP A 25 1.21 -11.91 6.90
CA ASP A 25 1.80 -12.55 5.74
C ASP A 25 0.72 -12.98 4.76
N TYR A 26 0.61 -12.25 3.66
CA TYR A 26 -0.40 -12.56 2.64
C TYR A 26 0.28 -12.99 1.34
N THR A 27 -0.33 -13.98 0.67
CA THR A 27 0.20 -14.48 -0.59
C THR A 27 -0.83 -14.36 -1.70
N LYS A 28 -0.55 -13.48 -2.66
CA LYS A 28 -1.45 -13.28 -3.79
C LYS A 28 -1.85 -14.61 -4.42
N ASP A 29 -3.04 -14.65 -5.01
CA ASP A 29 -3.54 -15.86 -5.65
C ASP A 29 -3.29 -15.82 -7.15
N LYS A 30 -3.59 -14.68 -7.76
CA LYS A 30 -3.40 -14.51 -9.20
C LYS A 30 -2.45 -13.34 -9.49
N GLU A 31 -2.07 -13.20 -10.76
CA GLU A 31 -1.17 -12.12 -11.16
C GLU A 31 -1.84 -10.77 -11.00
N ASP A 32 -3.13 -10.79 -10.68
CA ASP A 32 -3.89 -9.56 -10.50
C ASP A 32 -3.78 -9.06 -9.06
N GLU A 33 -3.48 -9.96 -8.14
CA GLU A 33 -3.35 -9.61 -6.74
C GLU A 33 -1.91 -9.24 -6.40
N LEU A 34 -1.66 -8.93 -5.14
CA LEU A 34 -0.32 -8.56 -4.68
C LEU A 34 0.09 -9.37 -3.46
N SER A 35 1.39 -9.59 -3.32
CA SER A 35 1.91 -10.36 -2.19
C SER A 35 2.81 -9.49 -1.32
N PHE A 36 2.68 -9.66 0.00
CA PHE A 36 3.47 -8.89 0.95
C PHE A 36 3.59 -9.62 2.28
N GLN A 37 4.68 -9.37 3.00
CA GLN A 37 4.90 -10.00 4.30
C GLN A 37 4.85 -8.98 5.42
N GLU A 38 4.50 -9.44 6.62
CA GLU A 38 4.41 -8.56 7.78
C GLU A 38 5.60 -7.60 7.83
N GLY A 39 5.38 -6.38 7.37
CA GLY A 39 6.45 -5.39 7.37
C GLY A 39 6.71 -4.82 5.99
N ALA A 40 5.68 -4.80 5.16
CA ALA A 40 5.80 -4.27 3.80
C ALA A 40 5.03 -2.96 3.66
N ILE A 41 5.64 -2.00 2.97
CA ILE A 41 5.02 -0.70 2.75
C ILE A 41 4.30 -0.65 1.41
N ILE A 42 3.03 -0.26 1.43
CA ILE A 42 2.23 -0.16 0.22
C ILE A 42 1.58 1.21 0.10
N TYR A 43 1.67 1.79 -1.10
CA TYR A 43 1.08 3.11 -1.35
C TYR A 43 -0.31 2.98 -1.96
N VAL A 44 -1.33 3.10 -1.11
CA VAL A 44 -2.71 3.01 -1.56
C VAL A 44 -3.06 4.13 -2.54
N ILE A 45 -3.39 3.76 -3.77
CA ILE A 45 -3.74 4.74 -4.79
C ILE A 45 -5.19 4.57 -5.24
N LYS A 46 -5.72 3.36 -5.08
CA LYS A 46 -7.10 3.07 -5.46
C LYS A 46 -7.86 2.41 -4.31
N LYS A 47 -9.13 2.75 -4.17
CA LYS A 47 -9.96 2.20 -3.11
C LYS A 47 -11.28 1.67 -3.67
N ASN A 48 -11.53 0.39 -3.48
CA ASN A 48 -12.76 -0.24 -3.97
C ASN A 48 -13.82 -0.27 -2.88
N ASP A 49 -15.09 -0.26 -3.30
CA ASP A 49 -16.20 -0.29 -2.35
C ASP A 49 -15.90 -1.21 -1.18
N ASP A 50 -15.41 -2.41 -1.49
CA ASP A 50 -15.08 -3.39 -0.45
C ASP A 50 -13.70 -3.11 0.13
N GLY A 51 -13.29 -3.95 1.09
CA GLY A 51 -11.99 -3.77 1.72
C GLY A 51 -10.84 -4.20 0.81
N TRP A 52 -10.60 -3.42 -0.23
CA TRP A 52 -9.52 -3.72 -1.17
C TRP A 52 -8.95 -2.44 -1.78
N TYR A 53 -7.65 -2.24 -1.61
CA TYR A 53 -6.98 -1.06 -2.14
C TYR A 53 -5.88 -1.45 -3.12
N GLU A 54 -5.61 -0.57 -4.08
CA GLU A 54 -4.58 -0.81 -5.08
C GLU A 54 -3.32 0.00 -4.78
N GLY A 55 -2.25 -0.70 -4.45
CA GLY A 55 -1.00 -0.03 -4.14
C GLY A 55 0.19 -0.64 -4.88
N VAL A 56 1.22 0.17 -5.10
CA VAL A 56 2.41 -0.30 -5.79
C VAL A 56 3.50 -0.72 -4.81
N MET A 57 3.79 -2.02 -4.77
CA MET A 57 4.81 -2.55 -3.87
C MET A 57 5.94 -3.20 -4.66
N ASN A 58 7.12 -2.57 -4.61
CA ASN A 58 8.28 -3.09 -5.32
C ASN A 58 8.08 -3.04 -6.83
N GLY A 59 7.39 -1.99 -7.28
CA GLY A 59 7.13 -1.83 -8.70
C GLY A 59 5.92 -2.63 -9.17
N VAL A 60 5.69 -3.77 -8.51
CA VAL A 60 4.57 -4.63 -8.86
C VAL A 60 3.29 -4.16 -8.19
N THR A 61 2.22 -4.02 -8.97
CA THR A 61 0.93 -3.58 -8.45
C THR A 61 -0.08 -4.72 -8.45
N GLY A 62 -0.92 -4.75 -7.42
CA GLY A 62 -1.93 -5.79 -7.32
C GLY A 62 -2.96 -5.51 -6.24
N LEU A 63 -4.18 -5.96 -6.46
CA LEU A 63 -5.26 -5.75 -5.49
C LEU A 63 -4.98 -6.51 -4.19
N PHE A 64 -5.20 -5.85 -3.07
CA PHE A 64 -4.98 -6.46 -1.77
C PHE A 64 -6.07 -6.05 -0.78
N PRO A 65 -6.39 -6.94 0.16
CA PRO A 65 -7.42 -6.69 1.18
C PRO A 65 -6.98 -5.65 2.20
N GLY A 66 -7.86 -4.69 2.47
CA GLY A 66 -7.55 -3.64 3.42
C GLY A 66 -7.53 -4.15 4.85
N ASN A 67 -7.99 -5.38 5.05
CA ASN A 67 -8.02 -5.99 6.37
C ASN A 67 -6.65 -6.51 6.77
N TYR A 68 -5.86 -6.89 5.77
CA TYR A 68 -4.52 -7.41 6.01
C TYR A 68 -3.49 -6.29 6.04
N VAL A 69 -3.96 -5.07 6.27
CA VAL A 69 -3.08 -3.91 6.33
C VAL A 69 -3.46 -2.98 7.48
N GLU A 70 -2.70 -1.91 7.64
CA GLU A 70 -2.96 -0.95 8.71
C GLU A 70 -2.67 0.48 8.24
N SER A 71 -3.24 1.45 8.95
CA SER A 71 -3.04 2.85 8.60
C SER A 71 -2.06 3.52 9.57
N ILE A 72 -0.91 3.91 9.04
CA ILE A 72 0.12 4.56 9.86
C ILE A 72 0.25 6.04 9.49
N SER A 73 -0.01 6.36 8.23
CA SER A 73 0.09 7.73 7.75
C SER A 73 -1.30 8.38 7.68
N GLY A 74 -1.59 9.27 8.62
CA GLY A 74 -2.88 9.93 8.65
C GLY A 74 -3.37 10.20 10.05
N PRO A 75 -4.66 10.51 10.18
CA PRO A 75 -5.28 10.79 11.48
C PRO A 75 -5.40 9.55 12.34
N SER A 76 -5.01 8.41 11.79
CA SER A 76 -5.07 7.15 12.52
C SER A 76 -4.57 7.32 13.95
N SER A 77 -5.48 7.16 14.91
CA SER A 77 -5.13 7.30 16.32
C SER A 77 -3.77 6.68 16.61
N GLY A 78 -3.54 5.50 16.05
CA GLY A 78 -2.28 4.81 16.26
C GLY A 78 -2.03 4.49 17.71
N GLY A 1 3.73 19.84 4.90
CA GLY A 1 4.32 20.19 3.63
C GLY A 1 5.03 19.03 2.98
N SER A 2 4.27 18.12 2.38
CA SER A 2 4.83 16.94 1.73
C SER A 2 5.96 16.35 2.56
N SER A 3 5.74 16.27 3.87
CA SER A 3 6.74 15.72 4.78
C SER A 3 6.33 14.33 5.25
N GLY A 4 7.33 13.49 5.53
CA GLY A 4 7.06 12.14 5.99
C GLY A 4 8.32 11.30 6.10
N SER A 5 8.44 10.31 5.21
CA SER A 5 9.61 9.43 5.21
C SER A 5 10.86 10.18 4.73
N SER A 6 12.02 9.67 5.13
CA SER A 6 13.29 10.29 4.74
C SER A 6 13.38 10.42 3.22
N GLY A 7 13.09 9.33 2.52
CA GLY A 7 13.15 9.35 1.07
C GLY A 7 12.44 8.16 0.45
N ASP A 8 11.52 8.44 -0.46
CA ASP A 8 10.76 7.39 -1.14
C ASP A 8 11.48 6.92 -2.39
N PRO A 9 11.32 5.62 -2.72
CA PRO A 9 11.94 5.02 -3.90
C PRO A 9 11.35 5.54 -5.20
N PRO A 10 12.06 5.32 -6.32
CA PRO A 10 11.61 5.75 -7.64
C PRO A 10 10.42 4.95 -8.14
N TRP A 11 10.48 3.63 -7.98
CA TRP A 11 9.40 2.76 -8.41
C TRP A 11 8.07 3.19 -7.79
N ALA A 12 8.14 3.78 -6.61
CA ALA A 12 6.94 4.23 -5.91
C ALA A 12 6.20 5.30 -6.73
N PRO A 13 4.90 5.43 -6.46
CA PRO A 13 4.06 6.41 -7.17
C PRO A 13 4.38 7.84 -6.78
N ARG A 14 4.15 8.77 -7.70
CA ARG A 14 4.43 10.18 -7.44
C ARG A 14 3.40 10.77 -6.48
N SER A 15 2.12 10.53 -6.77
CA SER A 15 1.05 11.04 -5.93
C SER A 15 0.08 9.92 -5.55
N TYR A 16 0.25 9.38 -4.34
CA TYR A 16 -0.60 8.30 -3.85
C TYR A 16 -1.58 8.82 -2.81
N LEU A 17 -2.80 8.28 -2.84
CA LEU A 17 -3.84 8.68 -1.89
C LEU A 17 -3.31 8.66 -0.46
N GLU A 18 -3.02 7.46 0.03
CA GLU A 18 -2.50 7.29 1.39
C GLU A 18 -1.46 6.18 1.45
N LYS A 19 -0.91 5.96 2.64
CA LYS A 19 0.10 4.92 2.84
C LYS A 19 -0.33 3.93 3.91
N VAL A 20 -0.03 2.66 3.70
CA VAL A 20 -0.39 1.61 4.65
C VAL A 20 0.76 0.63 4.84
N VAL A 21 0.59 -0.30 5.78
CA VAL A 21 1.60 -1.30 6.06
C VAL A 21 0.99 -2.69 6.18
N ALA A 22 1.75 -3.71 5.84
CA ALA A 22 1.28 -5.09 5.92
C ALA A 22 1.61 -5.70 7.27
N ILE A 23 0.64 -5.69 8.18
CA ILE A 23 0.83 -6.24 9.52
C ILE A 23 0.84 -7.77 9.48
N TYR A 24 0.44 -8.33 8.34
CA TYR A 24 0.42 -9.77 8.17
C TYR A 24 1.09 -10.19 6.87
N ASP A 25 1.26 -11.50 6.68
CA ASP A 25 1.89 -12.02 5.47
C ASP A 25 0.84 -12.64 4.55
N TYR A 26 0.39 -11.88 3.57
CA TYR A 26 -0.61 -12.35 2.62
C TYR A 26 0.04 -12.80 1.32
N THR A 27 -0.63 -13.68 0.60
CA THR A 27 -0.12 -14.19 -0.66
C THR A 27 -1.11 -13.96 -1.79
N LYS A 28 -0.62 -13.42 -2.90
CA LYS A 28 -1.46 -13.15 -4.07
C LYS A 28 -1.74 -14.42 -4.85
N ASP A 29 -3.01 -14.72 -5.07
CA ASP A 29 -3.41 -15.91 -5.81
C ASP A 29 -3.67 -15.58 -7.28
N LYS A 30 -4.53 -14.58 -7.52
CA LYS A 30 -4.86 -14.17 -8.87
C LYS A 30 -4.02 -12.97 -9.29
N GLU A 31 -4.00 -12.70 -10.60
CA GLU A 31 -3.23 -11.58 -11.13
C GLU A 31 -3.70 -10.26 -10.54
N ASP A 32 -4.97 -10.22 -10.16
CA ASP A 32 -5.55 -9.00 -9.57
C ASP A 32 -5.33 -8.97 -8.06
N GLU A 33 -4.13 -9.33 -7.64
CA GLU A 33 -3.79 -9.35 -6.22
C GLU A 33 -2.32 -9.02 -6.00
N LEU A 34 -2.00 -8.46 -4.84
CA LEU A 34 -0.63 -8.09 -4.51
C LEU A 34 -0.08 -8.98 -3.39
N SER A 35 1.11 -9.53 -3.61
CA SER A 35 1.74 -10.39 -2.62
C SER A 35 2.72 -9.60 -1.75
N PHE A 36 2.65 -9.81 -0.45
CA PHE A 36 3.53 -9.11 0.49
C PHE A 36 3.69 -9.93 1.77
N GLN A 37 4.65 -9.51 2.61
CA GLN A 37 4.92 -10.19 3.87
C GLN A 37 4.86 -9.21 5.03
N GLU A 38 4.70 -9.76 6.24
CA GLU A 38 4.63 -8.93 7.44
C GLU A 38 5.81 -7.95 7.50
N GLY A 39 5.51 -6.67 7.27
CA GLY A 39 6.55 -5.65 7.30
C GLY A 39 6.84 -5.08 5.93
N ALA A 40 5.81 -5.00 5.10
CA ALA A 40 5.94 -4.47 3.75
C ALA A 40 5.28 -3.10 3.62
N ILE A 41 5.87 -2.24 2.80
CA ILE A 41 5.33 -0.89 2.60
C ILE A 41 4.59 -0.80 1.28
N ILE A 42 3.35 -0.33 1.34
CA ILE A 42 2.53 -0.19 0.13
C ILE A 42 1.81 1.16 0.12
N TYR A 43 1.71 1.75 -1.06
CA TYR A 43 1.05 3.04 -1.21
C TYR A 43 -0.33 2.87 -1.83
N VAL A 44 -1.35 3.37 -1.14
CA VAL A 44 -2.72 3.28 -1.63
C VAL A 44 -3.00 4.32 -2.72
N ILE A 45 -3.31 3.84 -3.92
CA ILE A 45 -3.59 4.72 -5.04
C ILE A 45 -5.02 4.55 -5.53
N LYS A 46 -5.68 3.50 -5.06
CA LYS A 46 -7.07 3.22 -5.43
C LYS A 46 -7.78 2.42 -4.35
N LYS A 47 -9.09 2.59 -4.26
CA LYS A 47 -9.89 1.89 -3.27
C LYS A 47 -11.16 1.31 -3.90
N ASN A 48 -11.22 -0.01 -3.99
CA ASN A 48 -12.37 -0.68 -4.57
C ASN A 48 -13.56 -0.67 -3.61
N ASP A 49 -14.74 -0.96 -4.14
CA ASP A 49 -15.96 -0.99 -3.31
C ASP A 49 -15.68 -1.62 -1.96
N ASP A 50 -15.00 -2.76 -1.97
CA ASP A 50 -14.67 -3.47 -0.74
C ASP A 50 -13.39 -2.90 -0.11
N GLY A 51 -13.00 -3.48 1.03
CA GLY A 51 -11.81 -3.02 1.71
C GLY A 51 -10.56 -3.16 0.86
N TRP A 52 -10.71 -3.81 -0.29
CA TRP A 52 -9.58 -4.01 -1.19
C TRP A 52 -9.15 -2.69 -1.84
N TYR A 53 -7.86 -2.39 -1.76
CA TYR A 53 -7.33 -1.16 -2.33
C TYR A 53 -6.16 -1.46 -3.26
N GLU A 54 -6.01 -0.62 -4.29
CA GLU A 54 -4.92 -0.79 -5.24
C GLU A 54 -3.69 -0.01 -4.82
N GLY A 55 -2.54 -0.69 -4.82
CA GLY A 55 -1.30 -0.04 -4.43
C GLY A 55 -0.11 -0.57 -5.20
N VAL A 56 1.02 0.14 -5.10
CA VAL A 56 2.23 -0.26 -5.80
C VAL A 56 3.29 -0.78 -4.82
N MET A 57 3.93 -1.89 -5.18
CA MET A 57 4.95 -2.49 -4.33
C MET A 57 6.08 -3.07 -5.17
N ASN A 58 7.30 -2.60 -4.92
CA ASN A 58 8.46 -3.07 -5.66
C ASN A 58 8.16 -3.17 -7.16
N GLY A 59 7.42 -2.19 -7.67
CA GLY A 59 7.08 -2.18 -9.07
C GLY A 59 5.86 -3.03 -9.37
N VAL A 60 5.66 -4.09 -8.60
CA VAL A 60 4.53 -4.98 -8.79
C VAL A 60 3.25 -4.37 -8.22
N THR A 61 2.29 -4.12 -9.09
CA THR A 61 1.01 -3.54 -8.68
C THR A 61 -0.06 -4.61 -8.53
N GLY A 62 -0.83 -4.53 -7.44
CA GLY A 62 -1.88 -5.51 -7.20
C GLY A 62 -2.85 -5.05 -6.13
N LEU A 63 -4.02 -5.69 -6.10
CA LEU A 63 -5.05 -5.34 -5.12
C LEU A 63 -4.88 -6.15 -3.84
N PHE A 64 -4.76 -5.45 -2.71
CA PHE A 64 -4.59 -6.12 -1.42
C PHE A 64 -5.74 -5.76 -0.47
N PRO A 65 -6.15 -6.73 0.35
CA PRO A 65 -7.24 -6.55 1.32
C PRO A 65 -6.86 -5.60 2.45
N GLY A 66 -7.78 -4.73 2.83
CA GLY A 66 -7.52 -3.78 3.90
C GLY A 66 -7.60 -4.42 5.27
N ASN A 67 -7.82 -5.74 5.30
CA ASN A 67 -7.91 -6.46 6.55
C ASN A 67 -6.55 -6.97 7.01
N TYR A 68 -5.64 -7.13 6.05
CA TYR A 68 -4.29 -7.60 6.34
C TYR A 68 -3.31 -6.44 6.44
N VAL A 69 -3.83 -5.26 6.77
CA VAL A 69 -3.01 -4.06 6.89
C VAL A 69 -3.50 -3.17 8.02
N GLU A 70 -2.82 -2.04 8.23
CA GLU A 70 -3.18 -1.11 9.28
C GLU A 70 -2.80 0.32 8.89
N SER A 71 -3.76 1.22 8.94
CA SER A 71 -3.53 2.62 8.59
C SER A 71 -2.55 3.27 9.56
N ILE A 72 -1.27 3.05 9.34
CA ILE A 72 -0.23 3.62 10.19
C ILE A 72 -0.43 5.12 10.38
N SER A 73 -0.95 5.77 9.36
CA SER A 73 -1.19 7.21 9.40
C SER A 73 -2.69 7.51 9.53
N GLY A 74 -3.01 8.65 10.12
CA GLY A 74 -4.39 9.04 10.30
C GLY A 74 -4.86 8.88 11.73
N PRO A 75 -6.19 8.95 11.94
CA PRO A 75 -6.79 8.81 13.27
C PRO A 75 -6.68 7.40 13.81
N SER A 76 -5.56 7.09 14.44
CA SER A 76 -5.33 5.77 15.01
C SER A 76 -5.21 5.84 16.53
N SER A 77 -5.58 4.75 17.20
CA SER A 77 -5.51 4.69 18.65
C SER A 77 -5.33 3.26 19.14
N GLY A 78 -4.44 3.08 20.12
CA GLY A 78 -4.18 1.76 20.65
C GLY A 78 -3.77 1.78 22.10
N GLY A 1 2.94 29.32 5.24
CA GLY A 1 2.32 29.31 3.92
C GLY A 1 2.12 27.91 3.40
N SER A 2 3.22 27.24 3.07
CA SER A 2 3.16 25.88 2.53
C SER A 2 4.56 25.31 2.36
N SER A 3 4.63 24.01 2.05
CA SER A 3 5.91 23.35 1.86
C SER A 3 5.70 21.95 1.26
N GLY A 4 6.73 21.45 0.57
CA GLY A 4 6.65 20.14 -0.05
C GLY A 4 7.89 19.31 0.20
N SER A 5 7.86 18.51 1.26
CA SER A 5 8.99 17.66 1.62
C SER A 5 9.01 16.40 0.76
N SER A 6 10.21 15.95 0.40
CA SER A 6 10.36 14.75 -0.42
C SER A 6 11.07 13.64 0.35
N GLY A 7 10.31 12.64 0.77
CA GLY A 7 10.88 11.54 1.53
C GLY A 7 10.38 10.20 1.04
N ASP A 8 10.28 10.05 -0.28
CA ASP A 8 9.82 8.79 -0.87
C ASP A 8 10.80 8.30 -1.92
N PRO A 9 10.83 6.97 -2.13
CA PRO A 9 11.72 6.33 -3.10
C PRO A 9 11.31 6.63 -4.54
N PRO A 10 12.21 6.32 -5.49
CA PRO A 10 11.97 6.54 -6.91
C PRO A 10 10.89 5.62 -7.47
N TRP A 11 11.00 4.33 -7.16
CA TRP A 11 10.03 3.35 -7.64
C TRP A 11 8.62 3.73 -7.24
N ALA A 12 8.47 4.24 -6.02
CA ALA A 12 7.17 4.65 -5.52
C ALA A 12 6.44 5.51 -6.54
N PRO A 13 5.10 5.50 -6.48
CA PRO A 13 4.26 6.28 -7.39
C PRO A 13 4.35 7.77 -7.13
N ARG A 14 4.23 8.57 -8.19
CA ARG A 14 4.29 10.02 -8.07
C ARG A 14 3.38 10.52 -6.96
N SER A 15 2.09 10.20 -7.08
CA SER A 15 1.12 10.63 -6.09
C SER A 15 0.19 9.47 -5.70
N TYR A 16 -0.29 9.49 -4.47
CA TYR A 16 -1.17 8.45 -3.97
C TYR A 16 -2.14 8.99 -2.93
N LEU A 17 -3.24 8.27 -2.72
CA LEU A 17 -4.25 8.69 -1.75
C LEU A 17 -3.70 8.62 -0.34
N GLU A 18 -3.31 7.43 0.09
CA GLU A 18 -2.77 7.24 1.43
C GLU A 18 -1.73 6.12 1.44
N LYS A 19 -1.11 5.91 2.60
CA LYS A 19 -0.09 4.88 2.74
C LYS A 19 -0.48 3.89 3.83
N VAL A 20 -0.01 2.65 3.70
CA VAL A 20 -0.31 1.61 4.68
C VAL A 20 0.86 0.66 4.84
N VAL A 21 0.73 -0.30 5.76
CA VAL A 21 1.78 -1.28 6.01
C VAL A 21 1.20 -2.68 6.17
N ALA A 22 1.89 -3.66 5.59
CA ALA A 22 1.44 -5.05 5.68
C ALA A 22 1.81 -5.66 7.01
N ILE A 23 0.92 -5.51 7.99
CA ILE A 23 1.15 -6.04 9.33
C ILE A 23 1.20 -7.57 9.30
N TYR A 24 0.50 -8.16 8.34
CA TYR A 24 0.46 -9.61 8.20
C TYR A 24 0.79 -10.04 6.77
N ASP A 25 1.26 -11.27 6.62
CA ASP A 25 1.61 -11.79 5.31
C ASP A 25 0.37 -12.29 4.57
N TYR A 26 0.12 -11.71 3.40
CA TYR A 26 -1.04 -12.08 2.60
C TYR A 26 -0.63 -12.38 1.17
N THR A 27 -0.97 -13.58 0.69
CA THR A 27 -0.63 -14.00 -0.67
C THR A 27 -1.68 -13.51 -1.66
N LYS A 28 -1.41 -13.70 -2.94
CA LYS A 28 -2.33 -13.28 -3.99
C LYS A 28 -2.99 -14.49 -4.65
N ASP A 29 -4.32 -14.51 -4.64
CA ASP A 29 -5.08 -15.60 -5.23
C ASP A 29 -5.16 -15.46 -6.75
N LYS A 30 -5.13 -14.21 -7.22
CA LYS A 30 -5.21 -13.93 -8.65
C LYS A 30 -4.05 -13.04 -9.08
N GLU A 31 -3.62 -13.19 -10.34
CA GLU A 31 -2.53 -12.40 -10.87
C GLU A 31 -2.77 -10.90 -10.64
N ASP A 32 -4.03 -10.52 -10.56
CA ASP A 32 -4.40 -9.13 -10.34
C ASP A 32 -4.07 -8.70 -8.92
N GLU A 33 -4.29 -9.60 -7.96
CA GLU A 33 -4.02 -9.31 -6.56
C GLU A 33 -2.52 -9.14 -6.33
N LEU A 34 -2.17 -8.69 -5.13
CA LEU A 34 -0.78 -8.47 -4.77
C LEU A 34 -0.39 -9.30 -3.54
N SER A 35 0.79 -9.89 -3.58
CA SER A 35 1.28 -10.71 -2.46
C SER A 35 2.40 -10.00 -1.73
N PHE A 36 2.37 -10.08 -0.39
CA PHE A 36 3.40 -9.44 0.43
C PHE A 36 3.56 -10.19 1.75
N GLN A 37 4.58 -9.80 2.51
CA GLN A 37 4.85 -10.43 3.80
C GLN A 37 4.96 -9.39 4.91
N GLU A 38 4.68 -9.81 6.14
CA GLU A 38 4.74 -8.92 7.28
C GLU A 38 5.92 -7.95 7.16
N GLY A 39 5.62 -6.65 7.21
CA GLY A 39 6.67 -5.65 7.11
C GLY A 39 6.91 -5.23 5.67
N ALA A 40 5.85 -4.83 4.98
CA ALA A 40 5.95 -4.40 3.59
C ALA A 40 5.26 -3.06 3.38
N ILE A 41 5.98 -2.11 2.78
CA ILE A 41 5.43 -0.79 2.52
C ILE A 41 4.63 -0.77 1.22
N ILE A 42 3.38 -0.32 1.32
CA ILE A 42 2.51 -0.25 0.14
C ILE A 42 1.78 1.09 0.09
N TYR A 43 1.81 1.73 -1.08
CA TYR A 43 1.16 3.01 -1.27
C TYR A 43 -0.22 2.84 -1.89
N VAL A 44 -1.26 3.18 -1.13
CA VAL A 44 -2.63 3.06 -1.60
C VAL A 44 -2.95 4.12 -2.64
N ILE A 45 -3.37 3.69 -3.82
CA ILE A 45 -3.71 4.60 -4.89
C ILE A 45 -5.17 4.44 -5.33
N LYS A 46 -5.69 3.22 -5.15
CA LYS A 46 -7.07 2.93 -5.52
C LYS A 46 -7.85 2.40 -4.32
N LYS A 47 -9.10 2.82 -4.20
CA LYS A 47 -9.96 2.39 -3.10
C LYS A 47 -11.31 1.92 -3.62
N ASN A 48 -11.52 0.61 -3.62
CA ASN A 48 -12.76 0.03 -4.09
C ASN A 48 -13.79 -0.04 -2.97
N ASP A 49 -15.06 -0.03 -3.34
CA ASP A 49 -16.15 -0.09 -2.36
C ASP A 49 -15.86 -1.14 -1.30
N ASP A 50 -15.66 -2.38 -1.74
CA ASP A 50 -15.37 -3.48 -0.83
C ASP A 50 -13.99 -3.34 -0.21
N GLY A 51 -13.64 -4.26 0.69
CA GLY A 51 -12.35 -4.21 1.34
C GLY A 51 -11.23 -4.65 0.43
N TRP A 52 -10.87 -3.80 -0.53
CA TRP A 52 -9.80 -4.10 -1.47
C TRP A 52 -9.24 -2.83 -2.09
N TYR A 53 -7.99 -2.52 -1.76
CA TYR A 53 -7.34 -1.33 -2.28
C TYR A 53 -6.19 -1.70 -3.22
N GLU A 54 -5.87 -0.79 -4.13
CA GLU A 54 -4.80 -1.02 -5.09
C GLU A 54 -3.58 -0.14 -4.77
N GLY A 55 -2.44 -0.78 -4.52
CA GLY A 55 -1.23 -0.05 -4.21
C GLY A 55 -0.02 -0.59 -4.94
N VAL A 56 1.10 0.11 -4.81
CA VAL A 56 2.33 -0.31 -5.47
C VAL A 56 3.32 -0.91 -4.47
N MET A 57 3.89 -2.05 -4.81
CA MET A 57 4.84 -2.73 -3.94
C MET A 57 6.04 -3.25 -4.75
N ASN A 58 7.18 -2.63 -4.55
CA ASN A 58 8.40 -3.03 -5.26
C ASN A 58 8.18 -3.03 -6.77
N GLY A 59 7.45 -2.03 -7.25
CA GLY A 59 7.18 -1.93 -8.68
C GLY A 59 5.98 -2.76 -9.09
N VAL A 60 5.76 -3.87 -8.40
CA VAL A 60 4.64 -4.75 -8.71
C VAL A 60 3.34 -4.20 -8.13
N THR A 61 2.36 -3.97 -9.01
CA THR A 61 1.07 -3.44 -8.60
C THR A 61 0.03 -4.56 -8.48
N GLY A 62 -0.93 -4.38 -7.59
CA GLY A 62 -1.97 -5.38 -7.40
C GLY A 62 -2.98 -4.97 -6.35
N LEU A 63 -4.08 -5.71 -6.27
CA LEU A 63 -5.13 -5.44 -5.30
C LEU A 63 -4.94 -6.25 -4.03
N PHE A 64 -5.16 -5.60 -2.89
CA PHE A 64 -5.01 -6.26 -1.60
C PHE A 64 -6.13 -5.84 -0.64
N PRO A 65 -6.48 -6.75 0.28
CA PRO A 65 -7.53 -6.48 1.27
C PRO A 65 -7.10 -5.45 2.31
N GLY A 66 -8.03 -4.57 2.68
CA GLY A 66 -7.74 -3.54 3.66
C GLY A 66 -7.74 -4.08 5.08
N ASN A 67 -7.87 -5.39 5.22
CA ASN A 67 -7.90 -6.02 6.53
C ASN A 67 -6.50 -6.47 6.94
N TYR A 68 -5.68 -6.82 5.95
CA TYR A 68 -4.32 -7.27 6.21
C TYR A 68 -3.35 -6.09 6.20
N VAL A 69 -3.86 -4.91 6.48
CA VAL A 69 -3.04 -3.70 6.51
C VAL A 69 -3.57 -2.70 7.53
N GLU A 70 -2.65 -2.01 8.20
CA GLU A 70 -3.03 -1.02 9.21
C GLU A 70 -2.66 0.39 8.75
N SER A 71 -3.52 1.34 9.06
CA SER A 71 -3.30 2.73 8.67
C SER A 71 -2.30 3.40 9.60
N ILE A 72 -1.01 3.13 9.37
CA ILE A 72 0.05 3.71 10.19
C ILE A 72 -0.17 5.21 10.39
N SER A 73 -0.73 5.86 9.38
CA SER A 73 -0.98 7.29 9.45
C SER A 73 -2.47 7.56 9.65
N GLY A 74 -2.78 8.67 10.33
CA GLY A 74 -4.16 9.03 10.57
C GLY A 74 -4.31 10.43 11.13
N PRO A 75 -5.44 10.69 11.79
CA PRO A 75 -5.73 12.00 12.39
C PRO A 75 -4.84 12.30 13.59
N SER A 76 -4.35 11.24 14.23
CA SER A 76 -3.49 11.39 15.40
C SER A 76 -3.95 12.55 16.27
N SER A 77 -5.27 12.65 16.47
CA SER A 77 -5.84 13.72 17.27
C SER A 77 -5.77 13.38 18.76
N GLY A 78 -5.98 14.38 19.61
CA GLY A 78 -5.93 14.16 21.05
C GLY A 78 -7.29 13.88 21.64
N GLY A 1 2.19 21.38 -6.47
CA GLY A 1 3.33 20.49 -6.59
C GLY A 1 4.61 21.10 -6.04
N SER A 2 5.74 20.70 -6.60
CA SER A 2 7.04 21.21 -6.16
C SER A 2 7.31 20.81 -4.71
N SER A 3 7.00 19.56 -4.37
CA SER A 3 7.19 19.05 -3.02
C SER A 3 8.64 19.30 -2.56
N GLY A 4 8.77 19.97 -1.43
CA GLY A 4 10.10 20.25 -0.90
C GLY A 4 10.95 19.02 -0.76
N SER A 5 11.05 18.50 0.46
CA SER A 5 11.85 17.30 0.71
C SER A 5 11.03 16.04 0.49
N SER A 6 11.34 15.31 -0.57
CA SER A 6 10.63 14.08 -0.90
C SER A 6 11.61 12.98 -1.31
N GLY A 7 11.50 11.82 -0.66
CA GLY A 7 12.37 10.71 -0.96
C GLY A 7 11.62 9.44 -1.28
N ASP A 8 11.34 9.22 -2.56
CA ASP A 8 10.61 8.04 -3.00
C ASP A 8 11.41 7.25 -4.02
N PRO A 9 11.30 5.91 -3.94
CA PRO A 9 12.02 5.01 -4.85
C PRO A 9 11.49 5.08 -6.28
N PRO A 10 12.28 4.55 -7.23
CA PRO A 10 11.92 4.55 -8.64
C PRO A 10 10.76 3.59 -8.94
N TRP A 11 10.38 2.80 -7.94
CA TRP A 11 9.29 1.85 -8.09
C TRP A 11 8.00 2.39 -7.49
N ALA A 12 8.14 3.20 -6.45
CA ALA A 12 6.97 3.78 -5.79
C ALA A 12 6.35 4.88 -6.64
N PRO A 13 5.03 5.03 -6.52
CA PRO A 13 4.27 6.04 -7.27
C PRO A 13 4.58 7.46 -6.83
N ARG A 14 4.14 8.44 -7.62
CA ARG A 14 4.37 9.84 -7.29
C ARG A 14 3.32 10.37 -6.32
N SER A 15 2.06 10.12 -6.63
CA SER A 15 0.95 10.56 -5.79
C SER A 15 0.01 9.41 -5.47
N TYR A 16 -0.49 9.37 -4.23
CA TYR A 16 -1.40 8.32 -3.81
C TYR A 16 -2.35 8.83 -2.72
N LEU A 17 -3.46 8.14 -2.55
CA LEU A 17 -4.45 8.52 -1.54
C LEU A 17 -3.84 8.51 -0.15
N GLU A 18 -3.39 7.34 0.29
CA GLU A 18 -2.78 7.20 1.61
C GLU A 18 -1.73 6.09 1.62
N LYS A 19 -1.05 5.94 2.74
CA LYS A 19 -0.02 4.92 2.88
C LYS A 19 -0.35 3.97 4.02
N VAL A 20 -0.09 2.68 3.81
CA VAL A 20 -0.37 1.67 4.83
C VAL A 20 0.83 0.74 5.01
N VAL A 21 0.90 0.09 6.16
CA VAL A 21 2.00 -0.83 6.46
C VAL A 21 1.47 -2.22 6.78
N ALA A 22 1.82 -3.19 5.95
CA ALA A 22 1.39 -4.58 6.14
C ALA A 22 1.83 -5.10 7.51
N ILE A 23 1.02 -5.99 8.07
CA ILE A 23 1.32 -6.57 9.37
C ILE A 23 1.34 -8.09 9.30
N TYR A 24 0.51 -8.66 8.44
CA TYR A 24 0.43 -10.10 8.28
C TYR A 24 0.82 -10.52 6.86
N ASP A 25 1.07 -11.81 6.68
CA ASP A 25 1.45 -12.33 5.37
C ASP A 25 0.21 -12.67 4.55
N TYR A 26 0.27 -12.36 3.26
CA TYR A 26 -0.85 -12.63 2.35
C TYR A 26 -0.35 -13.12 1.00
N THR A 27 -0.90 -14.24 0.55
CA THR A 27 -0.52 -14.82 -0.73
C THR A 27 -1.65 -14.71 -1.75
N LYS A 28 -1.44 -13.88 -2.77
CA LYS A 28 -2.45 -13.70 -3.80
C LYS A 28 -2.86 -15.03 -4.41
N ASP A 29 -4.16 -15.18 -4.65
CA ASP A 29 -4.68 -16.43 -5.24
C ASP A 29 -4.76 -16.31 -6.75
N LYS A 30 -4.94 -15.10 -7.25
CA LYS A 30 -5.03 -14.86 -8.68
C LYS A 30 -3.83 -14.07 -9.18
N GLU A 31 -3.83 -13.73 -10.46
CA GLU A 31 -2.74 -12.97 -11.06
C GLU A 31 -3.11 -11.49 -11.18
N ASP A 32 -3.87 -11.00 -10.21
CA ASP A 32 -4.29 -9.60 -10.22
C ASP A 32 -3.99 -8.95 -8.87
N GLU A 33 -4.19 -9.69 -7.80
CA GLU A 33 -3.93 -9.18 -6.46
C GLU A 33 -2.44 -8.97 -6.22
N LEU A 34 -2.08 -8.60 -5.00
CA LEU A 34 -0.68 -8.37 -4.65
C LEU A 34 -0.28 -9.20 -3.44
N SER A 35 0.98 -9.63 -3.41
CA SER A 35 1.49 -10.43 -2.31
C SER A 35 2.55 -9.67 -1.52
N PHE A 36 2.41 -9.66 -0.21
CA PHE A 36 3.37 -8.96 0.66
C PHE A 36 3.53 -9.70 1.99
N GLN A 37 4.63 -9.42 2.68
CA GLN A 37 4.91 -10.06 3.96
C GLN A 37 4.87 -9.03 5.09
N GLU A 38 4.82 -9.53 6.32
CA GLU A 38 4.78 -8.65 7.49
C GLU A 38 5.90 -7.62 7.44
N GLY A 39 5.53 -6.35 7.53
CA GLY A 39 6.51 -5.27 7.49
C GLY A 39 6.73 -4.74 6.09
N ALA A 40 5.66 -4.68 5.31
CA ALA A 40 5.73 -4.19 3.94
C ALA A 40 4.75 -3.06 3.70
N ILE A 41 5.26 -1.87 3.41
CA ILE A 41 4.42 -0.70 3.17
C ILE A 41 3.92 -0.69 1.73
N ILE A 42 2.68 -0.23 1.55
CA ILE A 42 2.08 -0.16 0.23
C ILE A 42 1.36 1.17 0.01
N TYR A 43 1.62 1.80 -1.12
CA TYR A 43 0.99 3.08 -1.44
C TYR A 43 -0.37 2.88 -2.09
N VAL A 44 -1.42 3.04 -1.29
CA VAL A 44 -2.79 2.87 -1.79
C VAL A 44 -3.17 4.01 -2.74
N ILE A 45 -3.33 3.66 -4.01
CA ILE A 45 -3.69 4.64 -5.03
C ILE A 45 -5.18 4.55 -5.38
N LYS A 46 -5.77 3.41 -5.06
CA LYS A 46 -7.19 3.18 -5.34
C LYS A 46 -7.86 2.44 -4.19
N LYS A 47 -9.07 2.87 -3.85
CA LYS A 47 -9.83 2.24 -2.76
C LYS A 47 -11.24 1.91 -3.21
N ASN A 48 -11.53 0.63 -3.36
CA ASN A 48 -12.86 0.18 -3.77
C ASN A 48 -13.81 0.11 -2.58
N ASP A 49 -15.09 0.31 -2.85
CA ASP A 49 -16.11 0.27 -1.81
C ASP A 49 -15.76 -0.79 -0.76
N ASP A 50 -15.67 -2.04 -1.20
CA ASP A 50 -15.34 -3.14 -0.31
C ASP A 50 -13.88 -3.09 0.11
N GLY A 51 -13.47 -4.05 0.95
CA GLY A 51 -12.10 -4.10 1.40
C GLY A 51 -11.13 -4.51 0.31
N TRP A 52 -10.85 -3.59 -0.61
CA TRP A 52 -9.94 -3.86 -1.71
C TRP A 52 -9.35 -2.57 -2.27
N TYR A 53 -8.05 -2.37 -2.04
CA TYR A 53 -7.38 -1.18 -2.52
C TYR A 53 -6.19 -1.54 -3.40
N GLU A 54 -5.89 -0.68 -4.37
CA GLU A 54 -4.78 -0.90 -5.29
C GLU A 54 -3.51 -0.22 -4.78
N GLY A 55 -2.43 -0.99 -4.72
CA GLY A 55 -1.16 -0.44 -4.25
C GLY A 55 0.02 -1.03 -4.99
N VAL A 56 1.10 -0.26 -5.08
CA VAL A 56 2.31 -0.70 -5.77
C VAL A 56 3.33 -1.27 -4.78
N MET A 57 4.03 -2.32 -5.19
CA MET A 57 5.03 -2.96 -4.34
C MET A 57 6.20 -3.47 -5.18
N ASN A 58 7.41 -3.06 -4.80
CA ASN A 58 8.62 -3.48 -5.50
C ASN A 58 8.38 -3.51 -7.01
N GLY A 59 7.75 -2.45 -7.52
CA GLY A 59 7.46 -2.38 -8.95
C GLY A 59 6.18 -3.08 -9.32
N VAL A 60 5.95 -4.24 -8.72
CA VAL A 60 4.74 -5.03 -8.99
C VAL A 60 3.54 -4.42 -8.31
N THR A 61 2.50 -4.12 -9.10
CA THR A 61 1.27 -3.54 -8.57
C THR A 61 0.14 -4.55 -8.57
N GLY A 62 -0.78 -4.41 -7.62
CA GLY A 62 -1.90 -5.31 -7.53
C GLY A 62 -2.83 -4.99 -6.37
N LEU A 63 -4.09 -5.34 -6.50
CA LEU A 63 -5.08 -5.09 -5.46
C LEU A 63 -4.87 -6.01 -4.26
N PHE A 64 -5.26 -5.54 -3.08
CA PHE A 64 -5.11 -6.32 -1.86
C PHE A 64 -6.19 -5.95 -0.84
N PRO A 65 -6.61 -6.94 -0.04
CA PRO A 65 -7.63 -6.74 0.98
C PRO A 65 -7.14 -5.88 2.15
N GLY A 66 -7.95 -4.91 2.54
CA GLY A 66 -7.57 -4.04 3.63
C GLY A 66 -7.74 -4.68 4.99
N ASN A 67 -7.23 -5.91 5.13
CA ASN A 67 -7.34 -6.64 6.38
C ASN A 67 -5.96 -7.00 6.92
N TYR A 68 -5.00 -7.18 6.01
CA TYR A 68 -3.63 -7.53 6.39
C TYR A 68 -2.77 -6.28 6.51
N VAL A 69 -3.38 -5.12 6.33
CA VAL A 69 -2.67 -3.85 6.40
C VAL A 69 -3.12 -3.04 7.62
N GLU A 70 -2.30 -2.08 8.02
CA GLU A 70 -2.61 -1.24 9.17
C GLU A 70 -2.32 0.23 8.87
N SER A 71 -3.33 1.07 9.04
CA SER A 71 -3.18 2.51 8.78
C SER A 71 -2.07 3.09 9.63
N ILE A 72 -0.99 3.53 8.97
CA ILE A 72 0.14 4.11 9.67
C ILE A 72 -0.13 5.58 10.02
N SER A 73 -0.78 6.29 9.10
CA SER A 73 -1.10 7.70 9.32
C SER A 73 -2.22 7.86 10.34
N GLY A 74 -2.16 8.94 11.11
CA GLY A 74 -3.17 9.19 12.12
C GLY A 74 -2.79 8.65 13.47
N PRO A 75 -3.46 9.13 14.53
CA PRO A 75 -3.19 8.71 15.91
C PRO A 75 -3.63 7.28 16.17
N SER A 76 -2.80 6.53 16.88
CA SER A 76 -3.10 5.13 17.20
C SER A 76 -3.48 4.99 18.67
N SER A 77 -2.68 5.60 19.54
CA SER A 77 -2.92 5.53 20.98
C SER A 77 -3.74 6.72 21.45
N GLY A 78 -4.92 6.45 22.00
CA GLY A 78 -5.78 7.52 22.49
C GLY A 78 -5.47 7.90 23.92
#